data_7W0B
#
_entry.id   7W0B
#
_cell.length_a   1.00
_cell.length_b   1.00
_cell.length_c   1.00
_cell.angle_alpha   90.00
_cell.angle_beta   90.00
_cell.angle_gamma   90.00
#
_symmetry.space_group_name_H-M   'P 1'
#
loop_
_entity.id
_entity.type
_entity.pdbx_description
1 polymer 'Dicer-2, isoform A'
2 polymer 'Loquacious, isoform D'
#
loop_
_entity_poly.entity_id
_entity_poly.type
_entity_poly.pdbx_seq_one_letter_code
_entity_poly.pdbx_strand_id
1 'polypeptide(L)'
;MEDVEIKPRGYQLRLVDHLTKSNGIVYLPTGSGKTFVAILVLKRFSQDFDKPIESGGKRALFMCNTVELARQQAMAVRRC
TNFKVGFYVGEQGVDDWTRGMWSDEIKKNQVLVGTAQVFLDMVTQTYVALSSLSVVIIDECHHGTGHHPFREFMRLFTIA
NQTKLPRVVGLTGVLIKGNEITNVATKLKELEITYRGNIITVSDTKEMENVMLYATKPTEVMVSFPHQEQVLTVTRLISA
EIEKFYVSLDLMNIGVQPIRRSKSLQCLRDPSKKSFVKQLFNDFLYQMKEYGIYAASIAIISLIVEFDIKRRQAETLSVK
LMHRTALTLCEKIRHLLVQKLQDMTYDDDDDNVNTEEVIMNFSTPKVQRFLMSLKVSFADKDPKDICCLVFVERRYTCKC
IYGLLLNYIQSTPELRNVLTPQFMVGRNNISPDFESVLERKWQKSAIQQFRDGNANLMICSSVLEEGIDVQACNHVFILD
PVKTFNMYVQSKGRARTTEAKFVLFTADKEREKTIQQIYQYRKAHNDIAEYLKDRVLEKTEPELYEIKGHFQDDIDPFTN
ENGAVLLPNNALAILHRYCQTIPTDAFGFVIPWFHVLQEDERDRIFGVSAKGKHVISINMPVNCMLRDTIYSDPMDNVKT
AKISAAFKACKVLYSLGELNERFVPKTLKERVASIADVHFEHWNKYGDSVTATVNKADKSKDRTYKTECPLEFYDALPRV
GEICYAYEIFLEPQFESCEYTEHMYLNLQTPRNYAILLRNKLPRLAEMPLFSNQGKLHVRVANAPLEVIIQNSEQLELLH
QFHGMVFRDILKIWHPFFVLDRRSKENSYLVVPLILGAGEQKCFDWELMTNFRRLPQSHGSNVQQREQQPAPRPEDFEGK
IVTQWYANYDKPMLVTKVHRELTPLSYMEKNQQDKTYYEFTMSKYGNRIGDVVHKDKFMIEVRDLTEQLTFYVHNRGKFN
AKSKAKMKVILIPELCFNFNFPGDLWLKLIFLPSILNRMYFLLHAEALRKRFNTYLNLHLLPFNGTDYMPRPLEIDYSLK
RNVDPLGNVIPTEDIEEPKSLLEPMPTKSIEASVANLEITEFENPWQKYMEPVDLSRNLLSTYPVELDYYYHFSVGNVCE
MNEMDFEDKEYWAKNQFHMPTGNIYGNRTPAKTNANVPALMPSKPTVRGKVKPLLILQKTVSKEHITPAEQGEFLAAITA
SSAADVFDMERLEILGNSFLKLSATLYLASKYSDWNEGTLTEVKSKLVSNRNLLFCLIDADIPKTLNTIQFTPRYTWLPP
GISLPHNVLALWRENPEFAKIIGPHNLRDLALGDEESLVKGNCSDINYNRFVEGCRANGQSFYAGADFSSEVNFCVGLVT
IPNKVIADTLEALLGVIVKNYGLQHAFKMLEYFKICRADIDKPLTQLLNLELGGKKMRANVNTTEIDGFLINHYYLEKNL
GYTFKDRRYLLQALTHPSYPTNRITGSYQELEFIGNAILDFLISAYIFENNTKMNPGALTDLRSALVNNTTLACICVRHR
LHFFILAENAKLSEIISKFVNFQESQGHRVTNYVRILLEEADVQPTPLDLDDELDMTELPHANKCISQEAEKGVPPKGEF
NMSTNVDVPKALGDVLEALIAAVYLDCRDLQRTWEVIFNLFEPELQEFTRKVPINHIRQLVEHKHAKPVFSSPIVEGETV
MVSCQFTCMEKTIKVYGFGSNKDQAKLSAAKHALQQLSKCDA
;
A
2 'polypeptide(L)'
;MDQENFHGSSLPQQLQNLHIQPQQASPNPVQTGFAPRRHYNNLVGLGNGNAVSGSPVKGAPLGQRHVKLKKEKISAQVAQ
LSQPGQLQLSDVGDPALAGGSGLQGGVGLMGVILPSDEALKFVSETDANGLAMKTPVSILQELLSRRGITPGYELVQIEG
AIHEPTFRFRVSFKDKDTPFTAMGAGRSKKEAKHAAARALIDKLIGAQLPESPSSSAGPSVTGLTVAGSGGDGNANATGG
GDASDKTVGNPIGWLQEMCMQRRWPPPSYETETEVGLPHERLFTIACSILNYREMGKGKSKKIAKRLAAHRMWMRLQETP
IDSGKISDSICGELEGEVSIIQDIDRYEQVSKDFEFIKI
;
B
#
# COMPACT_ATOMS: atom_id res chain seq x y z
N MET A 1 -26.92 -24.96 6.05
CA MET A 1 -26.28 -25.37 4.81
C MET A 1 -26.84 -24.59 3.62
N GLU A 2 -28.00 -23.97 3.81
CA GLU A 2 -28.64 -23.17 2.77
C GLU A 2 -28.39 -21.69 3.05
N ASP A 3 -27.24 -21.22 2.59
CA ASP A 3 -26.93 -19.80 2.68
C ASP A 3 -27.85 -19.01 1.76
N VAL A 4 -28.32 -17.86 2.24
CA VAL A 4 -29.30 -17.07 1.52
C VAL A 4 -28.59 -15.98 0.71
N GLU A 5 -29.05 -15.81 -0.53
CA GLU A 5 -28.58 -14.75 -1.43
C GLU A 5 -29.84 -14.07 -1.96
N ILE A 6 -30.31 -13.05 -1.25
CA ILE A 6 -31.64 -12.47 -1.51
C ILE A 6 -31.45 -11.45 -2.62
N LYS A 7 -31.42 -11.96 -3.86
CA LYS A 7 -31.39 -11.18 -5.09
C LYS A 7 -30.47 -9.95 -4.99
N PRO A 8 -29.17 -10.15 -4.77
CA PRO A 8 -28.28 -9.01 -4.52
C PRO A 8 -28.01 -8.14 -5.73
N ARG A 9 -28.45 -8.54 -6.93
CA ARG A 9 -28.19 -7.73 -8.12
C ARG A 9 -28.86 -6.37 -8.02
N GLY A 10 -28.12 -5.33 -8.38
CA GLY A 10 -28.61 -3.98 -8.18
C GLY A 10 -29.74 -3.62 -9.12
N TYR A 11 -30.61 -2.74 -8.64
CA TYR A 11 -31.71 -2.25 -9.47
C TYR A 11 -31.19 -1.48 -10.67
N GLN A 12 -30.07 -0.78 -10.49
CA GLN A 12 -29.47 -0.07 -11.63
C GLN A 12 -29.01 -1.03 -12.70
N LEU A 13 -28.35 -2.13 -12.29
CA LEU A 13 -27.92 -3.14 -13.26
C LEU A 13 -29.12 -3.78 -13.94
N ARG A 14 -30.18 -4.05 -13.18
CA ARG A 14 -31.38 -4.65 -13.77
C ARG A 14 -32.02 -3.70 -14.78
N LEU A 15 -32.09 -2.42 -14.45
CA LEU A 15 -32.65 -1.44 -15.37
C LEU A 15 -31.82 -1.34 -16.65
N VAL A 16 -30.49 -1.32 -16.51
CA VAL A 16 -29.63 -1.24 -17.69
C VAL A 16 -29.80 -2.49 -18.55
N ASP A 17 -29.87 -3.66 -17.90
CA ASP A 17 -30.07 -4.90 -18.64
C ASP A 17 -31.40 -4.90 -19.38
N HIS A 18 -32.44 -4.33 -18.76
CA HIS A 18 -33.71 -4.19 -19.45
C HIS A 18 -33.60 -3.24 -20.64
N LEU A 19 -32.86 -2.14 -20.48
CA LEU A 19 -32.79 -1.14 -21.53
C LEU A 19 -32.08 -1.67 -22.78
N THR A 20 -31.04 -2.49 -22.59
CA THR A 20 -30.34 -3.04 -23.75
C THR A 20 -31.19 -4.08 -24.47
N LYS A 21 -32.16 -4.68 -23.77
CA LYS A 21 -33.01 -5.67 -24.40
C LYS A 21 -33.97 -5.02 -25.39
N SER A 22 -34.61 -3.92 -24.99
CA SER A 22 -35.59 -3.26 -25.84
C SER A 22 -35.74 -1.82 -25.40
N ASN A 23 -36.43 -1.04 -26.24
CA ASN A 23 -36.67 0.36 -25.96
C ASN A 23 -37.56 0.53 -24.74
N GLY A 24 -37.42 1.68 -24.09
CA GLY A 24 -38.25 1.98 -22.93
C GLY A 24 -37.91 3.33 -22.36
N ILE A 25 -38.69 3.73 -21.37
CA ILE A 25 -38.51 4.98 -20.62
C ILE A 25 -38.39 4.64 -19.15
N VAL A 26 -37.34 5.15 -18.50
CA VAL A 26 -37.06 4.84 -17.10
C VAL A 26 -37.33 6.08 -16.26
N TYR A 27 -38.07 5.89 -15.17
CA TYR A 27 -38.46 6.98 -14.28
C TYR A 27 -38.02 6.64 -12.87
N LEU A 28 -37.19 7.50 -12.29
CA LEU A 28 -36.68 7.31 -10.94
C LEU A 28 -36.73 8.61 -10.16
N PRO A 29 -37.53 8.70 -9.09
CA PRO A 29 -37.57 9.93 -8.30
C PRO A 29 -36.25 10.25 -7.61
N THR A 30 -35.39 9.25 -7.40
CA THR A 30 -34.11 9.47 -6.76
C THR A 30 -33.19 10.27 -7.70
N GLY A 31 -32.58 11.32 -7.15
CA GLY A 31 -31.73 12.18 -7.97
C GLY A 31 -30.49 11.47 -8.48
N SER A 32 -29.90 10.61 -7.67
CA SER A 32 -28.69 9.89 -8.06
C SER A 32 -29.04 8.56 -8.69
N GLY A 33 -28.13 8.07 -9.54
CA GLY A 33 -28.27 6.80 -10.21
C GLY A 33 -28.65 6.92 -11.68
N LYS A 34 -29.34 8.00 -12.06
CA LYS A 34 -29.69 8.17 -13.46
C LYS A 34 -28.44 8.42 -14.30
N THR A 35 -27.46 9.14 -13.75
CA THR A 35 -26.21 9.33 -14.47
C THR A 35 -25.49 8.00 -14.69
N PHE A 36 -25.51 7.11 -13.69
CA PHE A 36 -24.80 5.85 -13.83
C PHE A 36 -25.51 4.93 -14.82
N VAL A 37 -26.85 4.89 -14.77
CA VAL A 37 -27.55 4.06 -15.74
C VAL A 37 -27.39 4.63 -17.15
N ALA A 38 -27.31 5.95 -17.29
CA ALA A 38 -27.02 6.53 -18.59
C ALA A 38 -25.63 6.13 -19.08
N ILE A 39 -24.65 6.15 -18.18
CA ILE A 39 -23.29 5.76 -18.56
C ILE A 39 -23.27 4.30 -19.02
N LEU A 40 -23.94 3.42 -18.27
CA LEU A 40 -23.95 2.02 -18.66
C LEU A 40 -24.69 1.79 -19.96
N VAL A 41 -25.83 2.46 -20.17
CA VAL A 41 -26.56 2.27 -21.41
C VAL A 41 -25.77 2.83 -22.59
N LEU A 42 -24.92 3.83 -22.33
CA LEU A 42 -24.02 4.32 -23.37
C LEU A 42 -22.93 3.30 -23.67
N LYS A 43 -22.37 2.71 -22.63
CA LYS A 43 -21.27 1.75 -22.82
C LYS A 43 -21.74 0.46 -23.47
N ARG A 44 -23.00 0.08 -23.27
CA ARG A 44 -23.50 -1.16 -23.86
C ARG A 44 -23.59 -1.06 -25.38
N PHE A 45 -23.94 0.10 -25.91
CA PHE A 45 -24.04 0.33 -27.35
C PHE A 45 -22.83 1.07 -27.89
N SER A 46 -21.69 0.96 -27.22
CA SER A 46 -20.54 1.79 -27.53
C SER A 46 -19.63 1.21 -28.60
N GLN A 47 -19.75 -0.07 -28.91
CA GLN A 47 -18.89 -0.62 -29.95
C GLN A 47 -19.27 -0.04 -31.31
N ASP A 48 -18.42 -0.29 -32.30
CA ASP A 48 -18.55 0.25 -33.65
C ASP A 48 -18.41 1.77 -33.69
N PHE A 49 -17.79 2.36 -32.67
CA PHE A 49 -17.51 3.79 -32.72
C PHE A 49 -16.31 4.12 -33.59
N ASP A 50 -15.30 3.24 -33.60
CA ASP A 50 -14.09 3.52 -34.38
C ASP A 50 -14.35 3.45 -35.87
N LYS A 51 -15.23 2.55 -36.30
CA LYS A 51 -15.46 2.37 -37.73
C LYS A 51 -16.04 3.63 -38.34
N PRO A 52 -15.61 3.99 -39.55
CA PRO A 52 -16.18 5.17 -40.22
C PRO A 52 -17.63 4.95 -40.62
N ILE A 53 -18.35 6.07 -40.74
CA ILE A 53 -19.76 6.04 -41.13
C ILE A 53 -19.92 5.36 -42.49
N GLU A 54 -19.03 5.66 -43.43
CA GLU A 54 -19.15 5.12 -44.77
C GLU A 54 -19.05 3.60 -44.78
N SER A 55 -18.34 3.02 -43.80
CA SER A 55 -18.20 1.58 -43.70
C SER A 55 -19.13 0.98 -42.63
N GLY A 56 -20.10 1.75 -42.16
CA GLY A 56 -21.03 1.25 -41.16
C GLY A 56 -20.81 1.75 -39.75
N GLY A 57 -20.05 2.83 -39.56
CA GLY A 57 -19.85 3.36 -38.24
C GLY A 57 -21.09 4.02 -37.67
N LYS A 58 -21.17 4.01 -36.35
CA LYS A 58 -22.30 4.58 -35.63
C LYS A 58 -21.79 5.50 -34.53
N ARG A 59 -22.66 6.42 -34.11
CA ARG A 59 -22.33 7.38 -33.06
C ARG A 59 -23.45 7.37 -32.04
N ALA A 60 -23.30 8.20 -31.00
CA ALA A 60 -24.31 8.29 -29.94
C ALA A 60 -24.66 9.74 -29.70
N LEU A 61 -25.91 9.97 -29.30
CA LEU A 61 -26.48 11.30 -29.19
C LEU A 61 -27.04 11.51 -27.79
N PHE A 62 -26.74 12.67 -27.20
CA PHE A 62 -27.30 13.06 -25.91
C PHE A 62 -28.13 14.32 -26.08
N MET A 63 -29.25 14.37 -25.37
CA MET A 63 -30.20 15.47 -25.47
C MET A 63 -30.51 16.00 -24.08
N CYS A 64 -30.34 17.30 -23.89
CA CYS A 64 -30.67 17.96 -22.63
C CYS A 64 -31.32 19.30 -22.92
N ASN A 65 -32.37 19.62 -22.17
CA ASN A 65 -33.12 20.85 -22.43
C ASN A 65 -32.28 22.09 -22.17
N THR A 66 -31.47 22.07 -21.11
CA THR A 66 -30.71 23.24 -20.68
C THR A 66 -29.22 22.97 -20.83
N VAL A 67 -28.47 24.02 -21.19
CA VAL A 67 -27.06 23.84 -21.54
C VAL A 67 -26.25 23.37 -20.34
N GLU A 68 -26.62 23.80 -19.13
CA GLU A 68 -25.90 23.31 -17.95
C GLU A 68 -26.04 21.80 -17.82
N LEU A 69 -27.22 21.26 -18.09
CA LEU A 69 -27.42 19.81 -18.04
C LEU A 69 -26.50 19.11 -19.04
N ALA A 70 -26.39 19.67 -20.25
CA ALA A 70 -25.49 19.10 -21.24
C ALA A 70 -24.04 19.15 -20.77
N ARG A 71 -23.64 20.24 -20.13
CA ARG A 71 -22.26 20.34 -19.65
C ARG A 71 -21.98 19.31 -18.57
N GLN A 72 -22.91 19.14 -17.62
CA GLN A 72 -22.72 18.10 -16.60
C GLN A 72 -22.70 16.71 -17.21
N GLN A 73 -23.55 16.45 -18.19
CA GLN A 73 -23.52 15.16 -18.86
C GLN A 73 -22.19 14.92 -19.55
N ALA A 74 -21.66 15.94 -20.21
CA ALA A 74 -20.36 15.81 -20.86
C ALA A 74 -19.25 15.55 -19.85
N MET A 75 -19.28 16.26 -18.72
CA MET A 75 -18.28 16.03 -17.68
C MET A 75 -18.35 14.60 -17.16
N ALA A 76 -19.57 14.11 -16.92
CA ALA A 76 -19.74 12.75 -16.42
C ALA A 76 -19.24 11.73 -17.43
N VAL A 77 -19.56 11.94 -18.71
CA VAL A 77 -19.12 11.01 -19.75
C VAL A 77 -17.60 11.01 -19.86
N ARG A 78 -16.97 12.18 -19.79
CA ARG A 78 -15.51 12.23 -19.81
C ARG A 78 -14.94 11.45 -18.63
N ARG A 79 -15.45 11.70 -17.43
CA ARG A 79 -14.88 11.09 -16.23
C ARG A 79 -15.12 9.60 -16.16
N CYS A 80 -16.21 9.09 -16.77
CA CYS A 80 -16.61 7.72 -16.57
C CYS A 80 -16.32 6.81 -17.75
N THR A 81 -16.21 7.33 -18.96
CA THR A 81 -16.08 6.51 -20.15
C THR A 81 -14.89 6.94 -20.99
N ASN A 82 -14.33 5.98 -21.72
CA ASN A 82 -13.19 6.20 -22.60
C ASN A 82 -13.62 6.49 -24.03
N PHE A 83 -14.53 7.44 -24.23
CA PHE A 83 -15.01 7.77 -25.57
C PHE A 83 -14.82 9.27 -25.83
N LYS A 84 -14.45 9.59 -27.06
CA LYS A 84 -14.34 10.98 -27.46
C LYS A 84 -15.72 11.63 -27.42
N VAL A 85 -15.79 12.82 -26.83
CA VAL A 85 -17.06 13.46 -26.53
C VAL A 85 -17.12 14.84 -27.20
N GLY A 86 -18.29 15.16 -27.76
CA GLY A 86 -18.55 16.48 -28.28
C GLY A 86 -19.53 17.25 -27.41
N PHE A 87 -19.60 18.56 -27.65
CA PHE A 87 -20.47 19.44 -26.86
C PHE A 87 -20.91 20.58 -27.76
N TYR A 88 -22.13 20.49 -28.29
CA TYR A 88 -22.62 21.43 -29.29
C TYR A 88 -23.97 21.99 -28.84
N VAL A 89 -23.96 23.23 -28.35
CA VAL A 89 -25.13 23.83 -27.72
C VAL A 89 -25.42 25.17 -28.35
N GLY A 90 -26.71 25.43 -28.55
CA GLY A 90 -27.15 26.77 -28.93
C GLY A 90 -26.53 27.26 -30.22
N GLU A 91 -25.94 28.45 -30.16
CA GLU A 91 -25.37 29.12 -31.32
C GLU A 91 -23.85 29.28 -31.18
N GLN A 92 -23.17 28.21 -30.75
CA GLN A 92 -21.72 28.25 -30.65
C GLN A 92 -21.09 28.09 -32.02
N GLY A 93 -21.51 28.90 -32.98
CA GLY A 93 -20.97 28.87 -34.32
C GLY A 93 -21.12 27.54 -35.02
N VAL A 94 -22.28 26.90 -34.86
CA VAL A 94 -22.52 25.56 -35.40
C VAL A 94 -23.38 25.60 -36.66
N ASP A 95 -24.38 26.49 -36.70
CA ASP A 95 -25.28 26.56 -37.84
C ASP A 95 -24.63 27.17 -39.07
N ASP A 96 -23.47 27.81 -38.91
CA ASP A 96 -22.75 28.46 -40.02
C ASP A 96 -21.62 27.58 -40.55
N TRP A 97 -21.84 26.27 -40.57
CA TRP A 97 -20.84 25.30 -40.98
C TRP A 97 -21.21 24.68 -42.32
N THR A 98 -20.43 23.68 -42.75
CA THR A 98 -20.66 22.98 -44.00
C THR A 98 -20.74 21.48 -43.76
N ARG A 99 -21.48 20.80 -44.66
CA ARG A 99 -21.70 19.36 -44.54
C ARG A 99 -20.39 18.60 -44.38
N GLY A 100 -19.37 19.00 -45.15
CA GLY A 100 -18.10 18.30 -45.09
C GLY A 100 -17.50 18.29 -43.70
N MET A 101 -17.59 19.41 -42.99
CA MET A 101 -17.00 19.42 -41.66
C MET A 101 -17.93 18.83 -40.61
N TRP A 102 -19.26 18.80 -40.84
CA TRP A 102 -20.07 17.90 -40.01
C TRP A 102 -19.54 16.49 -40.09
N SER A 103 -19.31 16.00 -41.31
CA SER A 103 -18.79 14.64 -41.46
C SER A 103 -17.42 14.50 -40.81
N ASP A 104 -16.57 15.51 -40.97
CA ASP A 104 -15.25 15.48 -40.36
C ASP A 104 -15.33 15.39 -38.83
N GLU A 105 -16.25 16.15 -38.23
CA GLU A 105 -16.35 16.13 -36.78
C GLU A 105 -17.01 14.84 -36.29
N ILE A 106 -17.91 14.27 -37.07
CA ILE A 106 -18.43 12.94 -36.76
C ILE A 106 -17.31 11.92 -36.81
N LYS A 107 -16.36 12.12 -37.72
CA LYS A 107 -15.14 11.32 -37.70
C LYS A 107 -14.39 11.53 -36.39
N LYS A 108 -14.29 12.79 -35.96
CA LYS A 108 -13.47 13.11 -34.78
C LYS A 108 -14.13 12.61 -33.50
N ASN A 109 -15.41 12.91 -33.29
CA ASN A 109 -16.09 12.61 -32.04
C ASN A 109 -16.98 11.38 -32.17
N GLN A 110 -17.05 10.61 -31.09
CA GLN A 110 -17.89 9.41 -31.04
C GLN A 110 -19.25 9.72 -30.43
N VAL A 111 -19.27 10.19 -29.19
CA VAL A 111 -20.50 10.59 -28.51
C VAL A 111 -20.61 12.10 -28.58
N LEU A 112 -21.75 12.59 -29.04
CA LEU A 112 -21.96 14.02 -29.27
C LEU A 112 -23.09 14.50 -28.39
N VAL A 113 -22.84 15.55 -27.62
CA VAL A 113 -23.80 16.08 -26.67
C VAL A 113 -24.30 17.42 -27.19
N GLY A 114 -25.61 17.63 -27.08
CA GLY A 114 -26.19 18.88 -27.53
C GLY A 114 -27.64 19.01 -27.10
N THR A 115 -28.24 20.11 -27.51
CA THR A 115 -29.62 20.46 -27.20
C THR A 115 -30.51 20.16 -28.40
N ALA A 116 -31.76 20.61 -28.31
CA ALA A 116 -32.75 20.26 -29.32
C ALA A 116 -32.56 21.03 -30.62
N GLN A 117 -32.28 22.33 -30.53
CA GLN A 117 -32.22 23.16 -31.73
C GLN A 117 -31.08 22.72 -32.64
N VAL A 118 -29.91 22.46 -32.06
CA VAL A 118 -28.76 22.06 -32.87
C VAL A 118 -29.02 20.72 -33.54
N PHE A 119 -29.68 19.79 -32.84
CA PHE A 119 -29.93 18.48 -33.42
C PHE A 119 -31.00 18.54 -34.51
N LEU A 120 -32.05 19.32 -34.32
CA LEU A 120 -33.04 19.49 -35.39
C LEU A 120 -32.41 20.15 -36.61
N ASP A 121 -31.54 21.13 -36.38
CA ASP A 121 -30.80 21.73 -37.49
C ASP A 121 -29.91 20.70 -38.17
N MET A 122 -29.25 19.82 -37.40
CA MET A 122 -28.37 18.82 -37.98
C MET A 122 -29.13 17.83 -38.83
N VAL A 123 -30.30 17.40 -38.37
CA VAL A 123 -31.00 16.31 -39.05
C VAL A 123 -31.86 16.83 -40.20
N THR A 124 -32.57 17.94 -40.00
CA THR A 124 -33.56 18.38 -41.00
C THR A 124 -32.90 18.78 -42.31
N GLN A 125 -31.90 19.67 -42.25
CA GLN A 125 -31.35 20.27 -43.45
C GLN A 125 -29.89 19.93 -43.73
N THR A 126 -29.15 19.41 -42.75
CA THR A 126 -27.79 18.95 -42.97
C THR A 126 -27.71 17.48 -42.64
N TYR A 127 -28.67 16.72 -43.18
CA TYR A 127 -29.03 15.39 -42.69
C TYR A 127 -27.83 14.49 -42.47
N VAL A 128 -27.70 14.00 -41.24
CA VAL A 128 -26.85 12.87 -40.90
C VAL A 128 -27.74 11.67 -40.71
N ALA A 129 -27.29 10.52 -41.23
CA ALA A 129 -28.14 9.33 -41.25
C ALA A 129 -28.57 8.93 -39.84
N LEU A 130 -29.87 8.95 -39.60
CA LEU A 130 -30.40 8.42 -38.34
C LEU A 130 -30.07 6.94 -38.20
N SER A 131 -29.95 6.23 -39.33
CA SER A 131 -29.52 4.84 -39.30
C SER A 131 -28.05 4.69 -38.93
N SER A 132 -27.26 5.75 -39.03
CA SER A 132 -25.85 5.74 -38.64
C SER A 132 -25.65 6.11 -37.19
N LEU A 133 -26.66 5.91 -36.34
CA LEU A 133 -26.59 6.28 -34.93
C LEU A 133 -26.77 5.04 -34.07
N SER A 134 -25.95 4.92 -33.02
CA SER A 134 -26.03 3.76 -32.15
C SER A 134 -27.16 3.90 -31.14
N VAL A 135 -27.11 4.94 -30.31
CA VAL A 135 -28.08 5.15 -29.26
C VAL A 135 -28.34 6.64 -29.12
N VAL A 136 -29.59 6.99 -28.83
CA VAL A 136 -30.00 8.37 -28.59
C VAL A 136 -30.74 8.39 -27.25
N ILE A 137 -30.05 8.79 -26.18
CA ILE A 137 -30.68 8.90 -24.88
C ILE A 137 -31.00 10.37 -24.63
N ILE A 138 -32.08 10.63 -23.91
CA ILE A 138 -32.51 11.99 -23.64
C ILE A 138 -32.79 12.10 -22.15
N ASP A 139 -32.69 13.34 -21.65
CA ASP A 139 -32.86 13.61 -20.22
C ASP A 139 -34.07 14.51 -20.02
N GLU A 140 -34.73 14.35 -18.86
CA GLU A 140 -36.00 15.00 -18.55
C GLU A 140 -36.95 14.95 -19.74
N CYS A 141 -37.24 13.72 -20.19
CA CYS A 141 -38.10 13.50 -21.34
C CYS A 141 -39.51 14.03 -21.13
N HIS A 142 -39.94 14.26 -19.89
CA HIS A 142 -41.28 14.76 -19.64
C HIS A 142 -41.49 16.19 -20.11
N HIS A 143 -40.42 16.90 -20.47
CA HIS A 143 -40.55 18.22 -21.08
C HIS A 143 -41.14 18.16 -22.48
N GLY A 144 -41.04 17.02 -23.17
CA GLY A 144 -41.42 16.95 -24.56
C GLY A 144 -42.86 16.53 -24.81
N THR A 145 -43.74 17.50 -25.01
CA THR A 145 -45.13 17.26 -25.38
C THR A 145 -45.57 18.34 -26.36
N GLY A 146 -46.51 17.98 -27.22
CA GLY A 146 -47.05 18.95 -28.17
C GLY A 146 -45.99 19.43 -29.13
N HIS A 147 -45.75 20.74 -29.13
CA HIS A 147 -44.79 21.36 -30.04
C HIS A 147 -43.38 21.39 -29.48
N HIS A 148 -43.14 20.78 -28.32
CA HIS A 148 -41.80 20.76 -27.75
C HIS A 148 -40.85 20.02 -28.71
N PRO A 149 -39.62 20.51 -28.88
CA PRO A 149 -38.75 19.95 -29.92
C PRO A 149 -38.44 18.46 -29.76
N PHE A 150 -38.52 17.93 -28.55
CA PHE A 150 -38.40 16.48 -28.38
C PHE A 150 -39.45 15.75 -29.21
N ARG A 151 -40.67 16.29 -29.25
CA ARG A 151 -41.74 15.67 -30.03
C ARG A 151 -41.39 15.68 -31.52
N GLU A 152 -40.83 16.79 -32.02
CA GLU A 152 -40.43 16.84 -33.42
C GLU A 152 -39.32 15.85 -33.71
N PHE A 153 -38.32 15.75 -32.82
CA PHE A 153 -37.23 14.83 -33.06
C PHE A 153 -37.73 13.38 -33.07
N MET A 154 -38.66 13.06 -32.18
CA MET A 154 -39.25 11.73 -32.20
C MET A 154 -40.11 11.50 -33.43
N ARG A 155 -40.79 12.53 -33.92
CA ARG A 155 -41.62 12.38 -35.11
C ARG A 155 -40.77 12.14 -36.35
N LEU A 156 -39.57 12.74 -36.40
CA LEU A 156 -38.67 12.47 -37.51
C LEU A 156 -38.30 10.99 -37.61
N PHE A 157 -38.46 10.22 -36.54
CA PHE A 157 -38.22 8.79 -36.62
C PHE A 157 -39.21 8.08 -37.54
N THR A 158 -40.37 8.68 -37.81
CA THR A 158 -41.40 8.05 -38.62
C THR A 158 -41.16 8.20 -40.12
N ILE A 159 -40.21 9.04 -40.52
CA ILE A 159 -39.94 9.27 -41.93
C ILE A 159 -38.79 8.41 -42.44
N ALA A 160 -37.73 8.28 -41.64
CA ALA A 160 -36.56 7.52 -42.05
C ALA A 160 -36.87 6.02 -42.04
N ASN A 161 -35.84 5.22 -42.36
CA ASN A 161 -35.99 3.78 -42.43
C ASN A 161 -36.27 3.23 -41.04
N GLN A 162 -37.47 2.66 -40.85
CA GLN A 162 -37.86 2.16 -39.54
C GLN A 162 -37.17 0.86 -39.15
N THR A 163 -36.47 0.22 -40.09
CA THR A 163 -35.76 -1.02 -39.78
C THR A 163 -34.31 -0.79 -39.38
N LYS A 164 -33.83 0.46 -39.40
CA LYS A 164 -32.46 0.78 -39.01
C LYS A 164 -32.41 1.89 -37.97
N LEU A 165 -33.50 2.11 -37.24
CA LEU A 165 -33.56 3.20 -36.28
C LEU A 165 -32.68 2.91 -35.06
N PRO A 166 -32.19 3.93 -34.39
CA PRO A 166 -31.38 3.72 -33.19
C PRO A 166 -32.26 3.55 -31.95
N ARG A 167 -31.62 3.18 -30.84
CA ARG A 167 -32.31 2.97 -29.59
C ARG A 167 -32.51 4.30 -28.87
N VAL A 168 -33.72 4.53 -28.36
CA VAL A 168 -34.08 5.76 -27.67
C VAL A 168 -34.57 5.41 -26.28
N VAL A 169 -34.00 6.06 -25.26
CA VAL A 169 -34.47 5.92 -23.88
C VAL A 169 -34.52 7.31 -23.26
N GLY A 170 -35.57 7.55 -22.46
CA GLY A 170 -35.74 8.85 -21.84
C GLY A 170 -35.65 8.83 -20.34
N LEU A 171 -34.58 9.43 -19.81
CA LEU A 171 -34.44 9.57 -18.37
C LEU A 171 -35.37 10.66 -17.84
N THR A 172 -35.94 10.42 -16.67
CA THR A 172 -36.84 11.38 -16.06
C THR A 172 -36.91 11.13 -14.56
N GLY A 173 -37.05 12.22 -13.80
CA GLY A 173 -37.19 12.12 -12.36
C GLY A 173 -38.62 12.37 -11.91
N VAL A 174 -39.41 13.01 -12.76
CA VAL A 174 -40.82 13.22 -12.53
C VAL A 174 -41.57 12.94 -13.82
N LEU A 175 -42.69 12.21 -13.71
CA LEU A 175 -43.48 11.89 -14.89
C LEU A 175 -44.25 13.09 -15.42
N ILE A 176 -44.71 13.96 -14.54
CA ILE A 176 -45.48 15.14 -14.94
C ILE A 176 -44.73 16.38 -14.47
N LYS A 177 -44.98 17.50 -15.15
CA LYS A 177 -44.29 18.74 -14.83
C LYS A 177 -44.58 19.21 -13.40
N GLY A 178 -45.71 18.81 -12.82
CA GLY A 178 -46.03 19.15 -11.45
C GLY A 178 -46.82 20.42 -11.26
N ASN A 179 -47.07 21.18 -12.33
CA ASN A 179 -47.88 22.39 -12.20
C ASN A 179 -49.35 22.05 -12.00
N GLU A 180 -49.95 21.37 -12.98
CA GLU A 180 -51.32 20.92 -12.88
C GLU A 180 -51.45 19.61 -13.64
N ILE A 181 -52.24 18.68 -13.10
CA ILE A 181 -52.37 17.35 -13.67
C ILE A 181 -53.85 17.03 -13.84
N THR A 182 -54.27 16.83 -15.09
CA THR A 182 -55.61 16.36 -15.41
C THR A 182 -55.49 15.32 -16.52
N ASN A 183 -56.37 14.32 -16.48
CA ASN A 183 -56.41 13.23 -17.45
C ASN A 183 -55.05 12.53 -17.52
N VAL A 184 -54.72 11.88 -16.40
CA VAL A 184 -53.41 11.24 -16.25
C VAL A 184 -53.22 10.16 -17.31
N ALA A 185 -54.27 9.36 -17.55
CA ALA A 185 -54.15 8.25 -18.49
C ALA A 185 -53.84 8.76 -19.89
N THR A 186 -54.52 9.82 -20.33
CA THR A 186 -54.27 10.36 -21.67
C THR A 186 -52.84 10.86 -21.79
N LYS A 187 -52.36 11.59 -20.78
CA LYS A 187 -51.00 12.13 -20.85
C LYS A 187 -49.96 11.02 -20.85
N LEU A 188 -50.16 10.00 -20.02
CA LEU A 188 -49.20 8.91 -19.97
C LEU A 188 -49.23 8.08 -21.25
N LYS A 189 -50.41 7.89 -21.85
CA LYS A 189 -50.46 7.20 -23.14
C LYS A 189 -49.79 8.02 -24.23
N GLU A 190 -49.97 9.34 -24.21
CA GLU A 190 -49.29 10.20 -25.17
C GLU A 190 -47.77 10.11 -25.01
N LEU A 191 -47.30 10.09 -23.75
CA LEU A 191 -45.86 9.95 -23.52
C LEU A 191 -45.36 8.58 -23.95
N GLU A 192 -46.20 7.54 -23.78
CA GLU A 192 -45.86 6.22 -24.28
C GLU A 192 -45.71 6.23 -25.79
N ILE A 193 -46.61 6.89 -26.50
CA ILE A 193 -46.53 6.97 -27.96
C ILE A 193 -45.37 7.82 -28.45
N THR A 194 -45.04 8.91 -27.76
CA THR A 194 -44.01 9.83 -28.23
C THR A 194 -42.66 9.12 -28.36
N TYR A 195 -42.23 8.44 -27.31
CA TYR A 195 -41.00 7.65 -27.34
C TYR A 195 -41.40 6.18 -27.41
N ARG A 196 -40.90 5.47 -28.41
CA ARG A 196 -41.41 4.15 -28.71
C ARG A 196 -40.98 3.15 -27.64
N GLY A 197 -41.50 3.30 -26.44
CA GLY A 197 -41.18 2.41 -25.35
C GLY A 197 -42.09 2.68 -24.17
N ASN A 198 -42.02 1.78 -23.20
CA ASN A 198 -42.86 1.83 -22.00
C ASN A 198 -42.14 2.56 -20.89
N ILE A 199 -42.88 2.87 -19.83
CA ILE A 199 -42.29 3.44 -18.63
C ILE A 199 -41.94 2.32 -17.66
N ILE A 200 -40.68 2.24 -17.28
CA ILE A 200 -40.18 1.22 -16.37
C ILE A 200 -39.67 1.91 -15.11
N THR A 201 -40.11 1.42 -13.95
CA THR A 201 -39.69 2.00 -12.68
C THR A 201 -39.56 0.89 -11.65
N VAL A 202 -38.46 0.92 -10.89
CA VAL A 202 -38.20 -0.11 -9.90
C VAL A 202 -39.22 -0.02 -8.77
N SER A 203 -39.54 -1.18 -8.19
CA SER A 203 -40.46 -1.28 -7.07
C SER A 203 -39.83 -2.04 -5.91
N ASP A 204 -38.55 -1.80 -5.67
CA ASP A 204 -37.85 -2.49 -4.59
C ASP A 204 -38.29 -1.97 -3.23
N THR A 205 -38.51 -2.89 -2.29
CA THR A 205 -38.99 -2.56 -0.96
C THR A 205 -37.88 -2.43 0.07
N LYS A 206 -36.62 -2.47 -0.36
CA LYS A 206 -35.51 -2.47 0.59
C LYS A 206 -34.99 -1.06 0.86
N GLU A 207 -34.52 -0.37 -0.17
CA GLU A 207 -33.86 0.92 0.01
C GLU A 207 -34.41 2.03 -0.88
N MET A 208 -34.91 1.70 -2.07
CA MET A 208 -35.81 2.58 -2.80
C MET A 208 -37.14 2.75 -2.07
N GLU A 209 -37.64 3.99 -2.08
CA GLU A 209 -38.88 4.37 -1.42
C GLU A 209 -40.08 4.30 -2.37
N ASN A 210 -39.96 3.55 -3.47
CA ASN A 210 -41.02 3.55 -4.48
C ASN A 210 -42.29 2.91 -3.96
N VAL A 211 -42.19 1.71 -3.37
CA VAL A 211 -43.38 1.01 -2.91
C VAL A 211 -43.97 1.71 -1.69
N MET A 212 -43.12 2.20 -0.79
CA MET A 212 -43.62 2.91 0.38
C MET A 212 -44.21 4.25 0.01
N LEU A 213 -43.89 4.77 -1.18
CA LEU A 213 -44.48 6.03 -1.63
C LEU A 213 -45.98 5.89 -1.84
N TYR A 214 -46.47 4.67 -2.06
CA TYR A 214 -47.88 4.45 -2.34
C TYR A 214 -48.56 3.48 -1.38
N ALA A 215 -47.79 2.73 -0.60
CA ALA A 215 -48.37 1.77 0.33
C ALA A 215 -48.59 2.33 1.73
N THR A 216 -48.20 3.57 1.98
CA THR A 216 -48.34 4.19 3.29
C THR A 216 -48.87 5.60 3.14
N LYS A 217 -49.53 6.09 4.19
CA LYS A 217 -50.02 7.46 4.21
C LYS A 217 -50.17 7.91 5.66
N PRO A 218 -49.82 9.15 5.98
CA PRO A 218 -50.09 9.68 7.31
C PRO A 218 -51.43 10.40 7.36
N THR A 219 -51.81 10.82 8.57
CA THR A 219 -53.00 11.63 8.72
C THR A 219 -52.79 13.00 8.09
N GLU A 220 -53.84 13.55 7.49
CA GLU A 220 -53.75 14.74 6.68
C GLU A 220 -54.74 15.78 7.18
N VAL A 221 -54.22 16.86 7.77
CA VAL A 221 -55.01 17.99 8.23
C VAL A 221 -54.29 19.28 7.87
N MET A 222 -55.02 20.38 7.90
CA MET A 222 -54.43 21.70 7.75
C MET A 222 -54.60 22.48 9.06
N VAL A 223 -53.66 23.39 9.31
CA VAL A 223 -53.74 24.22 10.50
C VAL A 223 -54.95 25.14 10.43
N SER A 224 -55.37 25.52 9.22
CA SER A 224 -56.53 26.40 9.00
C SER A 224 -56.38 27.70 9.79
N PHE A 225 -55.17 28.27 9.75
CA PHE A 225 -54.92 29.50 10.46
C PHE A 225 -55.60 30.67 9.74
N PRO A 226 -56.31 31.53 10.46
CA PRO A 226 -56.88 32.72 9.83
C PRO A 226 -55.80 33.69 9.39
N HIS A 227 -56.07 34.43 8.32
CA HIS A 227 -55.12 35.40 7.80
C HIS A 227 -55.85 36.38 6.89
N GLN A 228 -55.40 37.62 6.91
CA GLN A 228 -55.95 38.68 6.07
C GLN A 228 -54.83 39.28 5.23
N GLU A 229 -55.16 40.35 4.50
CA GLU A 229 -54.16 41.04 3.70
C GLU A 229 -53.15 41.71 4.61
N GLN A 230 -51.86 41.45 4.37
CA GLN A 230 -50.82 41.95 5.24
C GLN A 230 -50.67 43.46 5.13
N VAL A 231 -50.69 44.13 6.28
CA VAL A 231 -50.53 45.58 6.34
C VAL A 231 -49.62 45.91 7.52
N LEU A 232 -48.69 46.85 7.30
CA LEU A 232 -47.76 47.26 8.34
C LEU A 232 -47.40 48.72 8.12
N THR A 233 -47.45 49.51 9.20
CA THR A 233 -47.09 50.92 9.09
C THR A 233 -45.61 51.10 8.78
N VAL A 234 -44.77 50.16 9.18
CA VAL A 234 -43.35 50.24 8.83
C VAL A 234 -43.16 50.03 7.33
N THR A 235 -43.93 49.10 6.75
CA THR A 235 -43.89 48.93 5.29
C THR A 235 -44.38 50.17 4.57
N ARG A 236 -45.42 50.81 5.11
CA ARG A 236 -45.90 52.06 4.53
C ARG A 236 -44.84 53.16 4.62
N LEU A 237 -44.13 53.23 5.75
CA LEU A 237 -43.04 54.20 5.89
C LEU A 237 -41.92 53.92 4.91
N ILE A 238 -41.59 52.64 4.71
CA ILE A 238 -40.55 52.27 3.75
C ILE A 238 -40.98 52.67 2.34
N SER A 239 -42.25 52.43 1.99
CA SER A 239 -42.76 52.84 0.68
C SER A 239 -42.70 54.34 0.50
N ALA A 240 -43.07 55.10 1.55
CA ALA A 240 -43.03 56.55 1.46
C ALA A 240 -41.59 57.05 1.31
N GLU A 241 -40.65 56.45 2.04
CA GLU A 241 -39.25 56.83 1.91
C GLU A 241 -38.71 56.50 0.52
N ILE A 242 -39.12 55.36 -0.03
CA ILE A 242 -38.70 55.00 -1.38
C ILE A 242 -39.27 55.98 -2.40
N GLU A 243 -40.52 56.40 -2.20
CA GLU A 243 -41.12 57.39 -3.10
C GLU A 243 -40.38 58.73 -3.00
N LYS A 244 -40.02 59.13 -1.78
CA LYS A 244 -39.27 60.37 -1.59
C LYS A 244 -37.88 60.28 -2.24
N PHE A 245 -37.26 59.11 -2.18
CA PHE A 245 -35.98 58.92 -2.88
C PHE A 245 -36.17 58.96 -4.39
N TYR A 246 -37.26 58.37 -4.89
CA TYR A 246 -37.47 58.28 -6.32
C TYR A 246 -37.84 59.62 -6.95
N VAL A 247 -38.61 60.45 -6.25
CA VAL A 247 -38.97 61.75 -6.81
C VAL A 247 -37.76 62.65 -6.96
N SER A 248 -36.70 62.39 -6.21
CA SER A 248 -35.43 63.10 -6.37
C SER A 248 -34.44 62.35 -7.25
N LEU A 249 -34.65 61.06 -7.47
CA LEU A 249 -33.81 60.25 -8.34
C LEU A 249 -34.09 60.46 -9.82
N ASP A 250 -34.80 61.54 -10.17
CA ASP A 250 -35.00 61.91 -11.57
C ASP A 250 -34.19 63.14 -11.96
N LEU A 251 -33.35 63.66 -11.07
CA LEU A 251 -32.57 64.87 -11.30
C LEU A 251 -31.12 64.66 -10.85
N MET A 252 -30.51 63.56 -11.28
CA MET A 252 -29.12 63.29 -10.93
C MET A 252 -28.17 64.35 -11.47
N ASN A 253 -28.57 65.03 -12.55
CA ASN A 253 -27.75 66.00 -13.27
C ASN A 253 -26.30 65.53 -13.42
N ILE A 254 -26.13 64.25 -13.73
CA ILE A 254 -24.81 63.64 -13.84
C ILE A 254 -24.26 63.87 -15.24
N GLY A 255 -22.97 63.60 -15.43
CA GLY A 255 -22.35 63.80 -16.72
C GLY A 255 -22.88 62.84 -17.77
N VAL A 256 -22.49 63.11 -19.03
CA VAL A 256 -22.96 62.33 -20.15
C VAL A 256 -22.44 60.90 -20.05
N GLN A 257 -23.30 59.94 -20.37
CA GLN A 257 -22.97 58.53 -20.34
C GLN A 257 -23.57 57.87 -21.57
N PRO A 258 -23.00 56.74 -22.01
CA PRO A 258 -23.57 56.05 -23.17
C PRO A 258 -25.00 55.60 -22.92
N ILE A 259 -25.82 55.69 -23.96
CA ILE A 259 -27.22 55.33 -23.86
C ILE A 259 -27.38 53.82 -23.92
N ARG A 260 -28.10 53.26 -22.95
CA ARG A 260 -28.36 51.83 -22.87
C ARG A 260 -29.79 51.54 -23.31
N ARG A 261 -29.95 50.51 -24.13
CA ARG A 261 -31.25 50.12 -24.64
C ARG A 261 -31.55 48.67 -24.31
N SER A 262 -32.84 48.35 -24.19
CA SER A 262 -33.25 47.00 -23.85
C SER A 262 -33.06 46.07 -25.05
N LYS A 263 -32.96 44.77 -24.75
CA LYS A 263 -32.80 43.78 -25.80
C LYS A 263 -34.05 43.73 -26.69
N SER A 264 -35.23 43.81 -26.09
CA SER A 264 -36.47 43.77 -26.86
C SER A 264 -36.81 45.10 -27.51
N LEU A 265 -36.08 46.17 -27.18
CA LEU A 265 -36.29 47.50 -27.75
C LEU A 265 -37.70 48.01 -27.50
N GLN A 266 -38.29 47.62 -26.38
CA GLN A 266 -39.65 48.09 -26.04
C GLN A 266 -39.64 49.57 -25.69
N CYS A 267 -38.71 49.98 -24.84
CA CYS A 267 -38.60 51.39 -24.43
C CYS A 267 -37.20 51.64 -23.91
N LEU A 268 -36.85 52.91 -23.82
CA LEU A 268 -35.55 53.30 -23.29
C LEU A 268 -35.48 52.99 -21.79
N ARG A 269 -34.32 52.50 -21.35
CA ARG A 269 -34.13 52.12 -19.97
C ARG A 269 -32.77 52.62 -19.49
N ASP A 270 -32.66 52.80 -18.18
CA ASP A 270 -31.43 53.26 -17.58
C ASP A 270 -30.35 52.17 -17.67
N PRO A 271 -29.07 52.56 -17.66
CA PRO A 271 -28.00 51.56 -17.70
C PRO A 271 -28.01 50.67 -16.46
N SER A 272 -27.31 49.54 -16.57
CA SER A 272 -27.27 48.59 -15.47
C SER A 272 -26.64 49.20 -14.23
N LYS A 273 -25.57 49.99 -14.40
CA LYS A 273 -24.92 50.63 -13.27
C LYS A 273 -25.83 51.63 -12.56
N LYS A 274 -26.89 52.10 -13.23
CA LYS A 274 -27.85 53.01 -12.63
C LYS A 274 -29.13 52.32 -12.17
N SER A 275 -29.50 51.22 -12.81
CA SER A 275 -30.72 50.49 -12.46
C SER A 275 -30.46 49.34 -11.48
N PHE A 276 -29.21 49.09 -11.11
CA PHE A 276 -28.92 48.05 -10.14
C PHE A 276 -29.54 48.38 -8.78
N VAL A 277 -29.45 49.64 -8.37
CA VAL A 277 -30.03 50.05 -7.09
C VAL A 277 -31.56 49.92 -7.14
N LYS A 278 -32.16 50.26 -8.28
CA LYS A 278 -33.61 50.10 -8.42
C LYS A 278 -34.02 48.63 -8.35
N GLN A 279 -33.26 47.76 -9.02
CA GLN A 279 -33.56 46.33 -8.98
C GLN A 279 -33.41 45.79 -7.56
N LEU A 280 -32.38 46.22 -6.85
CA LEU A 280 -32.20 45.75 -5.47
C LEU A 280 -33.30 46.27 -4.55
N PHE A 281 -33.73 47.52 -4.76
CA PHE A 281 -34.85 48.04 -3.97
C PHE A 281 -36.13 47.27 -4.25
N ASN A 282 -36.38 46.93 -5.52
CA ASN A 282 -37.55 46.13 -5.85
C ASN A 282 -37.47 44.74 -5.23
N ASP A 283 -36.28 44.14 -5.25
CA ASP A 283 -36.10 42.83 -4.62
C ASP A 283 -36.36 42.91 -3.12
N PHE A 284 -35.86 43.96 -2.46
CA PHE A 284 -36.10 44.11 -1.03
C PHE A 284 -37.58 44.35 -0.74
N LEU A 285 -38.26 45.12 -1.59
CA LEU A 285 -39.70 45.31 -1.45
C LEU A 285 -40.44 43.98 -1.57
N TYR A 286 -40.04 43.14 -2.52
CA TYR A 286 -40.60 41.81 -2.62
C TYR A 286 -40.30 40.98 -1.37
N GLN A 287 -39.10 41.15 -0.82
CA GLN A 287 -38.66 40.30 0.28
C GLN A 287 -39.37 40.63 1.59
N MET A 288 -39.65 41.91 1.85
CA MET A 288 -40.26 42.27 3.14
C MET A 288 -41.62 41.59 3.31
N LYS A 289 -42.39 41.51 2.23
CA LYS A 289 -43.72 40.91 2.31
C LYS A 289 -43.65 39.41 2.47
N GLU A 290 -42.59 38.78 1.97
CA GLU A 290 -42.43 37.33 2.01
C GLU A 290 -41.58 36.85 3.18
N TYR A 291 -40.45 37.51 3.42
CA TYR A 291 -39.50 37.04 4.43
C TYR A 291 -39.81 37.62 5.81
N GLY A 292 -39.80 38.93 5.93
CA GLY A 292 -39.99 39.59 7.21
C GLY A 292 -39.06 40.80 7.32
N ILE A 293 -38.43 40.93 8.49
CA ILE A 293 -37.52 42.04 8.73
C ILE A 293 -36.12 41.60 9.14
N TYR A 294 -35.93 40.42 9.72
CA TYR A 294 -34.58 39.93 9.97
C TYR A 294 -33.89 39.54 8.66
N ALA A 295 -34.60 38.78 7.82
CA ALA A 295 -34.08 38.51 6.48
C ALA A 295 -33.96 39.79 5.67
N ALA A 296 -34.85 40.75 5.89
CA ALA A 296 -34.71 42.05 5.24
C ALA A 296 -33.43 42.74 5.67
N SER A 297 -33.10 42.66 6.97
CA SER A 297 -31.86 43.28 7.46
C SER A 297 -30.63 42.61 6.87
N ILE A 298 -30.61 41.28 6.82
CA ILE A 298 -29.44 40.60 6.27
C ILE A 298 -29.34 40.86 4.76
N ALA A 299 -30.48 40.94 4.07
CA ALA A 299 -30.47 41.25 2.65
C ALA A 299 -29.97 42.65 2.40
N ILE A 300 -30.37 43.62 3.23
CA ILE A 300 -29.89 44.99 3.04
C ILE A 300 -28.42 45.11 3.42
N ILE A 301 -27.94 44.26 4.33
CA ILE A 301 -26.51 44.21 4.59
C ILE A 301 -25.75 43.72 3.36
N SER A 302 -26.27 42.66 2.71
CA SER A 302 -25.67 42.19 1.47
C SER A 302 -25.74 43.27 0.39
N LEU A 303 -26.84 44.02 0.34
CA LEU A 303 -26.97 45.11 -0.62
C LEU A 303 -25.94 46.20 -0.33
N ILE A 304 -25.69 46.48 0.95
CA ILE A 304 -24.66 47.46 1.32
C ILE A 304 -23.29 47.00 0.86
N VAL A 305 -23.00 45.71 1.03
CA VAL A 305 -21.71 45.18 0.58
C VAL A 305 -21.57 45.29 -0.94
N GLU A 306 -22.63 44.92 -1.66
CA GLU A 306 -22.60 45.03 -3.12
C GLU A 306 -22.45 46.48 -3.56
N PHE A 307 -23.13 47.39 -2.86
CA PHE A 307 -23.00 48.82 -3.15
C PHE A 307 -21.57 49.30 -2.91
N ASP A 308 -20.94 48.83 -1.83
CA ASP A 308 -19.55 49.20 -1.58
C ASP A 308 -18.64 48.70 -2.70
N ILE A 309 -18.88 47.48 -3.17
CA ILE A 309 -18.09 46.93 -4.27
C ILE A 309 -18.27 47.79 -5.53
N LYS A 310 -19.54 48.12 -5.83
CA LYS A 310 -19.81 48.91 -7.03
C LYS A 310 -19.21 50.31 -6.94
N ARG A 311 -19.27 50.93 -5.75
CA ARG A 311 -18.68 52.24 -5.56
C ARG A 311 -17.17 52.19 -5.71
N ARG A 312 -16.54 51.13 -5.20
CA ARG A 312 -15.13 50.90 -5.48
C ARG A 312 -14.88 50.74 -6.98
N GLN A 313 -15.85 50.19 -7.71
CA GLN A 313 -15.75 50.12 -9.16
C GLN A 313 -16.01 51.47 -9.80
N ALA A 314 -16.83 52.31 -9.17
CA ALA A 314 -17.20 53.59 -9.77
C ALA A 314 -16.08 54.62 -9.60
N GLU A 315 -16.14 55.65 -10.45
CA GLU A 315 -15.12 56.70 -10.46
C GLU A 315 -15.69 58.11 -10.39
N THR A 316 -16.84 58.36 -11.00
CA THR A 316 -17.37 59.72 -11.11
C THR A 316 -17.79 60.25 -9.73
N LEU A 317 -17.46 61.53 -9.48
CA LEU A 317 -17.72 62.12 -8.17
C LEU A 317 -19.20 62.32 -7.92
N SER A 318 -19.94 62.80 -8.94
CA SER A 318 -21.38 62.98 -8.76
C SER A 318 -22.09 61.64 -8.55
N VAL A 319 -21.69 60.63 -9.31
CA VAL A 319 -22.23 59.29 -9.09
C VAL A 319 -21.86 58.78 -7.69
N LYS A 320 -20.64 59.12 -7.23
CA LYS A 320 -20.25 58.74 -5.87
C LYS A 320 -21.15 59.41 -4.84
N LEU A 321 -21.49 60.69 -5.04
CA LEU A 321 -22.35 61.38 -4.08
C LEU A 321 -23.76 60.81 -4.08
N MET A 322 -24.31 60.55 -5.27
CA MET A 322 -25.64 59.95 -5.34
C MET A 322 -25.66 58.57 -4.70
N HIS A 323 -24.60 57.78 -4.95
CA HIS A 323 -24.49 56.47 -4.33
C HIS A 323 -24.32 56.58 -2.82
N ARG A 324 -23.64 57.60 -2.34
CA ARG A 324 -23.51 57.82 -0.90
C ARG A 324 -24.88 58.14 -0.29
N THR A 325 -25.69 58.93 -0.98
CA THR A 325 -27.04 59.19 -0.51
C THR A 325 -27.87 57.91 -0.47
N ALA A 326 -27.74 57.07 -1.51
CA ALA A 326 -28.43 55.79 -1.51
C ALA A 326 -27.96 54.90 -0.36
N LEU A 327 -26.65 54.89 -0.10
CA LEU A 327 -26.10 54.14 1.02
C LEU A 327 -26.63 54.66 2.34
N THR A 328 -26.77 55.98 2.48
CA THR A 328 -27.34 56.54 3.69
C THR A 328 -28.78 56.10 3.89
N LEU A 329 -29.56 56.09 2.80
CA LEU A 329 -30.95 55.62 2.90
C LEU A 329 -31.00 54.15 3.30
N CYS A 330 -30.15 53.31 2.69
CA CYS A 330 -30.12 51.90 3.03
C CYS A 330 -29.68 51.67 4.47
N GLU A 331 -28.69 52.46 4.93
CA GLU A 331 -28.25 52.36 6.31
C GLU A 331 -29.34 52.79 7.28
N LYS A 332 -30.12 53.82 6.91
CA LYS A 332 -31.24 54.23 7.75
C LYS A 332 -32.28 53.12 7.83
N ILE A 333 -32.56 52.45 6.70
CA ILE A 333 -33.52 51.35 6.71
C ILE A 333 -33.01 50.22 7.60
N ARG A 334 -31.72 49.88 7.48
CA ARG A 334 -31.14 48.84 8.32
C ARG A 334 -31.17 49.22 9.79
N HIS A 335 -30.91 50.49 10.09
CA HIS A 335 -30.98 50.96 11.47
C HIS A 335 -32.40 50.84 12.02
N LEU A 336 -33.40 51.18 11.21
CA LEU A 336 -34.78 51.02 11.64
C LEU A 336 -35.11 49.56 11.92
N LEU A 337 -34.69 48.66 11.03
CA LEU A 337 -34.98 47.24 11.21
C LEU A 337 -34.31 46.71 12.48
N VAL A 338 -33.04 47.05 12.68
CA VAL A 338 -32.33 46.54 13.86
C VAL A 338 -32.88 47.17 15.13
N GLN A 339 -33.33 48.44 15.07
CA GLN A 339 -33.95 49.06 16.22
C GLN A 339 -35.23 48.35 16.60
N LYS A 340 -36.06 48.02 15.61
CA LYS A 340 -37.29 47.27 15.90
C LYS A 340 -36.95 45.91 16.51
N LEU A 341 -35.96 45.22 15.92
CA LEU A 341 -35.60 43.88 16.41
C LEU A 341 -35.09 43.94 17.85
N GLN A 342 -34.26 44.92 18.18
CA GLN A 342 -33.69 45.02 19.52
C GLN A 342 -34.64 45.66 20.53
N ASP A 343 -35.71 46.31 20.07
CA ASP A 343 -36.61 46.99 20.98
C ASP A 343 -37.87 46.21 21.31
N MET A 344 -38.47 45.52 20.33
CA MET A 344 -39.75 44.87 20.62
C MET A 344 -39.56 43.59 21.43
N THR A 345 -38.44 42.89 21.25
CA THR A 345 -38.27 41.56 21.84
C THR A 345 -38.14 41.59 23.36
N TYR A 346 -37.75 42.72 23.95
CA TYR A 346 -37.58 42.81 25.40
C TYR A 346 -38.23 44.08 25.92
N ASP A 347 -39.47 44.32 25.51
CA ASP A 347 -40.24 45.47 25.95
C ASP A 347 -41.09 45.18 27.18
N ASP A 348 -40.76 44.15 27.94
CA ASP A 348 -41.46 43.83 29.19
C ASP A 348 -40.42 43.47 30.25
N ASP A 349 -40.89 43.28 31.48
CA ASP A 349 -40.01 43.01 32.61
C ASP A 349 -39.68 41.54 32.78
N ASP A 350 -40.70 40.67 32.72
CA ASP A 350 -40.48 39.24 32.90
C ASP A 350 -39.80 38.66 31.66
N ASP A 351 -38.46 38.61 31.70
CA ASP A 351 -37.69 38.22 30.52
C ASP A 351 -37.97 36.77 30.14
N ASN A 352 -38.06 35.87 31.13
CA ASN A 352 -38.19 34.44 30.85
C ASN A 352 -39.45 34.13 30.05
N VAL A 353 -40.51 34.91 30.23
CA VAL A 353 -41.76 34.71 29.52
C VAL A 353 -41.88 35.65 28.33
N ASN A 354 -41.41 36.89 28.47
CA ASN A 354 -41.51 37.86 27.38
C ASN A 354 -40.65 37.46 26.20
N THR A 355 -39.51 36.82 26.43
CA THR A 355 -38.65 36.40 25.32
C THR A 355 -39.39 35.47 24.37
N GLU A 356 -40.26 34.61 24.92
CA GLU A 356 -41.11 33.75 24.10
C GLU A 356 -42.36 34.46 23.60
N GLU A 357 -42.94 35.34 24.42
CA GLU A 357 -44.16 36.03 24.01
C GLU A 357 -43.92 36.92 22.79
N VAL A 358 -42.79 37.62 22.76
CA VAL A 358 -42.50 38.51 21.63
C VAL A 358 -42.32 37.70 20.34
N ILE A 359 -41.70 36.51 20.45
CA ILE A 359 -41.55 35.67 19.27
C ILE A 359 -42.90 35.14 18.82
N MET A 360 -43.78 34.82 19.78
CA MET A 360 -45.16 34.50 19.43
C MET A 360 -45.89 35.71 18.86
N ASN A 361 -45.33 36.91 19.04
CA ASN A 361 -45.89 38.11 18.43
C ASN A 361 -45.08 38.57 17.22
N PHE A 362 -43.76 38.31 17.22
CA PHE A 362 -42.94 38.62 16.05
C PHE A 362 -43.41 37.83 14.83
N SER A 363 -43.73 36.55 15.03
CA SER A 363 -44.05 35.66 13.92
C SER A 363 -45.40 36.01 13.30
N THR A 364 -45.51 35.72 12.00
CA THR A 364 -46.79 35.84 11.32
C THR A 364 -47.76 34.80 11.87
N PRO A 365 -49.08 35.02 11.72
CA PRO A 365 -50.04 34.10 12.34
C PRO A 365 -49.81 32.64 11.96
N LYS A 366 -49.42 32.37 10.72
CA LYS A 366 -49.03 31.02 10.34
C LYS A 366 -47.89 30.52 11.21
N VAL A 367 -46.83 31.32 11.32
CA VAL A 367 -45.68 30.93 12.13
C VAL A 367 -46.06 30.93 13.61
N GLN A 368 -47.03 31.77 14.01
CA GLN A 368 -47.50 31.74 15.39
C GLN A 368 -48.13 30.39 15.72
N ARG A 369 -49.03 29.91 14.85
CA ARG A 369 -49.62 28.59 15.06
C ARG A 369 -48.55 27.51 15.00
N PHE A 370 -47.59 27.66 14.09
CA PHE A 370 -46.45 26.76 14.01
C PHE A 370 -45.75 26.63 15.35
N LEU A 371 -45.38 27.78 15.94
CA LEU A 371 -44.60 27.78 17.16
C LEU A 371 -45.40 27.22 18.33
N MET A 372 -46.67 27.62 18.44
CA MET A 372 -47.44 27.13 19.59
C MET A 372 -47.78 25.65 19.45
N SER A 373 -48.01 25.17 18.22
CA SER A 373 -48.25 23.75 18.01
C SER A 373 -47.00 22.94 18.32
N LEU A 374 -45.83 23.43 17.92
CA LEU A 374 -44.60 22.74 18.29
C LEU A 374 -44.40 22.75 19.81
N LYS A 375 -44.74 23.86 20.46
CA LYS A 375 -44.65 23.95 21.91
C LYS A 375 -45.52 22.89 22.58
N VAL A 376 -46.78 22.79 22.17
CA VAL A 376 -47.68 21.82 22.78
C VAL A 376 -47.31 20.40 22.38
N SER A 377 -46.61 20.22 21.26
CA SER A 377 -46.19 18.89 20.84
C SER A 377 -44.99 18.41 21.65
N PHE A 378 -44.08 19.31 22.00
CA PHE A 378 -42.89 18.96 22.77
C PHE A 378 -42.97 19.51 24.19
N ALA A 379 -44.19 19.58 24.74
CA ALA A 379 -44.36 20.06 26.11
C ALA A 379 -43.67 19.13 27.10
N ASP A 380 -43.81 17.82 26.90
CA ASP A 380 -43.20 16.84 27.78
C ASP A 380 -42.62 15.64 27.04
N LYS A 381 -42.67 15.63 25.71
CA LYS A 381 -42.25 14.45 24.96
C LYS A 381 -40.74 14.24 25.05
N ASP A 382 -40.34 12.99 25.19
CA ASP A 382 -38.94 12.65 25.32
C ASP A 382 -38.18 12.91 24.02
N PRO A 383 -36.93 13.37 24.10
CA PRO A 383 -36.14 13.60 22.88
C PRO A 383 -35.62 12.33 22.22
N LYS A 384 -35.95 11.15 22.76
CA LYS A 384 -35.43 9.91 22.18
C LYS A 384 -35.99 9.65 20.80
N ASP A 385 -37.30 9.80 20.62
CA ASP A 385 -37.99 9.39 19.40
C ASP A 385 -38.77 10.54 18.80
N ILE A 386 -38.15 11.72 18.72
CA ILE A 386 -38.78 12.88 18.11
C ILE A 386 -37.84 13.46 17.05
N CYS A 387 -38.41 13.78 15.90
CA CYS A 387 -37.66 14.39 14.79
C CYS A 387 -38.65 14.94 13.79
N CYS A 388 -38.34 16.13 13.29
CA CYS A 388 -39.16 16.76 12.26
C CYS A 388 -38.27 17.71 11.47
N LEU A 389 -38.86 18.31 10.43
CA LEU A 389 -38.04 19.06 9.48
C LEU A 389 -38.93 20.09 8.81
N VAL A 390 -38.35 21.23 8.44
CA VAL A 390 -39.11 22.37 7.92
C VAL A 390 -38.84 22.54 6.43
N PHE A 391 -39.91 22.56 5.64
CA PHE A 391 -39.87 22.87 4.22
C PHE A 391 -40.22 24.33 3.99
N VAL A 392 -39.37 25.02 3.23
CA VAL A 392 -39.65 26.38 2.77
C VAL A 392 -39.41 26.44 1.26
N GLU A 393 -39.56 27.62 0.68
CA GLU A 393 -39.43 27.78 -0.77
C GLU A 393 -38.23 28.61 -1.20
N ARG A 394 -37.67 29.44 -0.32
CA ARG A 394 -36.58 30.33 -0.68
C ARG A 394 -35.34 30.00 0.14
N ARG A 395 -34.17 30.20 -0.48
CA ARG A 395 -32.91 29.89 0.17
C ARG A 395 -32.69 30.77 1.40
N TYR A 396 -32.95 32.08 1.27
CA TYR A 396 -32.73 32.99 2.40
C TYR A 396 -33.72 32.75 3.52
N THR A 397 -34.91 32.22 3.17
CA THR A 397 -35.90 31.90 4.18
C THR A 397 -35.39 30.82 5.13
N CYS A 398 -34.51 29.93 4.66
CA CYS A 398 -33.91 28.95 5.56
C CYS A 398 -33.15 29.64 6.69
N LYS A 399 -32.29 30.59 6.35
CA LYS A 399 -31.52 31.32 7.37
C LYS A 399 -32.44 32.15 8.25
N CYS A 400 -33.46 32.78 7.66
CA CYS A 400 -34.38 33.59 8.46
C CYS A 400 -35.11 32.75 9.50
N ILE A 401 -35.70 31.63 9.05
CA ILE A 401 -36.38 30.74 9.96
C ILE A 401 -35.41 30.15 10.97
N TYR A 402 -34.15 29.98 10.58
CA TYR A 402 -33.15 29.46 11.52
C TYR A 402 -32.90 30.45 12.65
N GLY A 403 -32.73 31.72 12.30
CA GLY A 403 -32.57 32.73 13.34
C GLY A 403 -33.80 32.82 14.24
N LEU A 404 -34.98 32.75 13.63
CA LEU A 404 -36.21 32.78 14.43
C LEU A 404 -36.28 31.58 15.37
N LEU A 405 -35.95 30.39 14.89
CA LEU A 405 -36.02 29.21 15.72
C LEU A 405 -34.92 29.19 16.77
N LEU A 406 -33.77 29.80 16.49
CA LEU A 406 -32.75 29.96 17.52
C LEU A 406 -33.28 30.84 18.64
N ASN A 407 -33.82 32.02 18.29
CA ASN A 407 -34.39 32.91 19.29
C ASN A 407 -35.48 32.20 20.09
N TYR A 408 -36.26 31.34 19.42
CA TYR A 408 -37.34 30.62 20.08
C TYR A 408 -36.80 29.57 21.04
N ILE A 409 -35.83 28.77 20.58
CA ILE A 409 -35.35 27.64 21.36
C ILE A 409 -34.55 28.11 22.56
N GLN A 410 -33.67 29.11 22.36
CA GLN A 410 -32.98 29.70 23.50
C GLN A 410 -33.94 30.40 24.45
N SER A 411 -35.13 30.78 23.98
CA SER A 411 -36.11 31.39 24.88
C SER A 411 -36.75 30.36 25.79
N THR A 412 -36.99 29.14 25.29
CA THR A 412 -37.63 28.10 26.08
C THR A 412 -36.62 27.01 26.41
N PRO A 413 -36.06 27.00 27.62
CA PRO A 413 -35.09 25.95 27.98
C PRO A 413 -35.68 24.55 27.98
N GLU A 414 -37.01 24.41 28.13
CA GLU A 414 -37.61 23.09 28.14
C GLU A 414 -37.46 22.40 26.79
N LEU A 415 -37.66 23.13 25.69
CA LEU A 415 -37.50 22.54 24.37
C LEU A 415 -36.03 22.35 24.01
N ARG A 416 -35.13 23.12 24.65
CA ARG A 416 -33.70 22.92 24.40
C ARG A 416 -33.27 21.51 24.75
N ASN A 417 -33.95 20.88 25.72
CA ASN A 417 -33.63 19.50 26.06
C ASN A 417 -34.15 18.52 25.02
N VAL A 418 -35.03 18.97 24.13
CA VAL A 418 -35.64 18.07 23.15
C VAL A 418 -35.48 18.57 21.70
N LEU A 419 -35.20 19.85 21.47
CA LEU A 419 -35.21 20.41 20.13
C LEU A 419 -33.87 21.05 19.80
N THR A 420 -33.41 20.84 18.55
CA THR A 420 -32.13 21.36 18.06
C THR A 420 -32.29 21.91 16.64
N PRO A 421 -31.93 23.16 16.39
CA PRO A 421 -32.17 23.79 15.09
C PRO A 421 -30.95 23.75 14.17
N GLN A 422 -31.25 23.81 12.86
CA GLN A 422 -30.25 23.93 11.79
C GLN A 422 -30.93 24.63 10.61
N PHE A 423 -30.15 24.88 9.55
CA PHE A 423 -30.65 25.59 8.37
C PHE A 423 -29.69 25.29 7.23
N MET A 424 -30.25 25.14 6.02
CA MET A 424 -29.45 24.62 4.93
C MET A 424 -29.88 25.31 3.64
N VAL A 425 -28.90 25.61 2.79
CA VAL A 425 -29.12 26.37 1.57
C VAL A 425 -28.40 25.67 0.44
N GLY A 426 -28.77 26.05 -0.79
CA GLY A 426 -28.15 25.49 -1.97
C GLY A 426 -27.33 26.52 -2.75
N ARG A 427 -27.86 26.95 -3.89
CA ARG A 427 -27.19 27.95 -4.70
C ARG A 427 -27.27 29.32 -4.04
N ASN A 428 -26.46 30.26 -4.56
CA ASN A 428 -26.35 31.61 -4.02
C ASN A 428 -25.99 31.57 -2.53
N ASN A 429 -24.81 31.00 -2.26
CA ASN A 429 -24.39 30.75 -0.89
C ASN A 429 -24.12 32.05 -0.15
N ILE A 430 -24.58 32.11 1.10
CA ILE A 430 -24.26 33.17 2.04
C ILE A 430 -23.68 32.51 3.28
N SER A 431 -22.95 33.29 4.07
CA SER A 431 -22.20 32.78 5.22
C SER A 431 -23.11 32.02 6.18
N PRO A 432 -23.02 30.69 6.23
CA PRO A 432 -23.94 29.92 7.08
C PRO A 432 -23.44 29.74 8.51
N ASP A 433 -22.14 29.70 8.69
CA ASP A 433 -21.53 29.40 9.99
C ASP A 433 -20.05 29.75 9.89
N PHE A 434 -19.29 29.39 10.93
CA PHE A 434 -17.86 29.65 10.96
C PHE A 434 -17.05 28.52 10.34
N GLU A 435 -17.69 27.45 9.90
CA GLU A 435 -16.98 26.29 9.35
C GLU A 435 -17.71 25.79 8.12
N SER A 436 -16.94 25.23 7.17
CA SER A 436 -17.47 24.62 5.95
C SER A 436 -18.33 25.60 5.16
N VAL A 437 -17.65 26.65 4.66
CA VAL A 437 -18.33 27.68 3.88
C VAL A 437 -18.94 27.08 2.62
N LEU A 438 -18.24 26.14 2.00
CA LEU A 438 -18.72 25.53 0.77
C LEU A 438 -20.03 24.78 1.02
N GLU A 439 -20.92 24.82 0.03
CA GLU A 439 -22.23 24.20 0.19
C GLU A 439 -22.12 22.68 0.34
N ARG A 440 -21.19 22.06 -0.40
CA ARG A 440 -21.10 20.60 -0.40
C ARG A 440 -20.68 20.07 0.97
N LYS A 441 -19.62 20.63 1.54
CA LYS A 441 -19.17 20.18 2.87
C LYS A 441 -20.19 20.51 3.93
N TRP A 442 -20.83 21.68 3.83
CA TRP A 442 -21.88 22.04 4.77
C TRP A 442 -22.99 21.01 4.76
N GLN A 443 -23.41 20.60 3.56
CA GLN A 443 -24.49 19.62 3.43
C GLN A 443 -24.04 18.23 3.84
N LYS A 444 -22.77 17.90 3.60
CA LYS A 444 -22.25 16.60 4.04
C LYS A 444 -22.27 16.48 5.55
N SER A 445 -21.75 17.50 6.24
CA SER A 445 -21.81 17.53 7.71
C SER A 445 -23.26 17.52 8.15
N ALA A 446 -24.11 18.27 7.45
CA ALA A 446 -25.54 18.24 7.68
C ALA A 446 -26.10 16.83 7.73
N ILE A 447 -25.91 16.07 6.65
CA ILE A 447 -26.54 14.76 6.55
C ILE A 447 -25.94 13.78 7.55
N GLN A 448 -24.62 13.84 7.74
CA GLN A 448 -24.00 12.91 8.68
C GLN A 448 -24.46 13.19 10.12
N GLN A 449 -24.57 14.48 10.49
CA GLN A 449 -24.96 14.81 11.85
C GLN A 449 -26.45 14.56 12.08
N PHE A 450 -27.27 14.72 11.03
CA PHE A 450 -28.69 14.42 11.19
C PHE A 450 -28.93 12.92 11.28
N ARG A 451 -28.28 12.14 10.40
CA ARG A 451 -28.46 10.69 10.42
C ARG A 451 -27.80 10.04 11.63
N ASP A 452 -26.82 10.70 12.24
CA ASP A 452 -26.22 10.18 13.47
C ASP A 452 -27.10 10.42 14.70
N GLY A 453 -28.22 11.13 14.54
CA GLY A 453 -29.13 11.37 15.65
C GLY A 453 -28.78 12.54 16.53
N ASN A 454 -27.77 13.33 16.17
CA ASN A 454 -27.40 14.48 16.99
C ASN A 454 -28.46 15.55 16.97
N ALA A 455 -29.07 15.80 15.81
CA ALA A 455 -30.06 16.86 15.65
C ALA A 455 -31.41 16.26 15.28
N ASN A 456 -32.46 17.09 15.46
CA ASN A 456 -33.81 16.65 15.13
C ASN A 456 -34.64 17.73 14.45
N LEU A 457 -34.01 18.75 13.86
CA LEU A 457 -34.75 19.78 13.16
C LEU A 457 -33.80 20.60 12.30
N MET A 458 -34.23 20.92 11.07
CA MET A 458 -33.51 21.78 10.15
C MET A 458 -34.53 22.41 9.20
N ILE A 459 -34.09 23.45 8.49
CA ILE A 459 -34.90 24.09 7.45
C ILE A 459 -34.16 23.97 6.13
N CYS A 460 -34.85 23.49 5.10
CA CYS A 460 -34.32 23.45 3.74
C CYS A 460 -35.36 24.00 2.77
N SER A 461 -34.87 24.69 1.74
CA SER A 461 -35.72 25.20 0.67
C SER A 461 -35.89 24.15 -0.41
N SER A 462 -36.59 23.07 -0.05
CA SER A 462 -36.80 21.92 -0.92
C SER A 462 -35.47 21.28 -1.34
N VAL A 463 -34.42 21.51 -0.56
CA VAL A 463 -33.12 20.93 -0.87
C VAL A 463 -33.14 19.42 -0.62
N LEU A 464 -33.71 19.01 0.50
CA LEU A 464 -33.81 17.60 0.84
C LEU A 464 -35.06 16.94 0.26
N GLU A 465 -35.93 17.71 -0.39
CA GLU A 465 -37.14 17.14 -0.98
C GLU A 465 -36.86 16.42 -2.30
N GLU A 466 -35.63 16.47 -2.80
CA GLU A 466 -35.31 15.82 -4.07
C GLU A 466 -35.38 14.30 -3.98
N GLY A 467 -35.46 13.73 -2.78
CA GLY A 467 -35.51 12.29 -2.63
C GLY A 467 -34.37 11.75 -1.79
N ILE A 468 -33.86 12.58 -0.87
CA ILE A 468 -32.76 12.15 -0.02
C ILE A 468 -33.24 11.05 0.91
N ASP A 469 -32.31 10.17 1.31
CA ASP A 469 -32.61 9.00 2.13
C ASP A 469 -32.45 9.29 3.62
N VAL A 470 -32.69 10.53 4.05
CA VAL A 470 -32.59 10.91 5.46
C VAL A 470 -33.63 10.16 6.28
N GLN A 471 -33.46 10.17 7.60
CA GLN A 471 -34.39 9.48 8.48
C GLN A 471 -35.81 9.97 8.27
N ALA A 472 -36.76 9.02 8.26
CA ALA A 472 -38.16 9.34 8.04
C ALA A 472 -38.69 10.14 9.23
N CYS A 473 -38.93 11.43 9.02
CA CYS A 473 -39.48 12.27 10.06
C CYS A 473 -40.91 11.86 10.38
N ASN A 474 -41.24 11.83 11.67
CA ASN A 474 -42.61 11.51 12.08
C ASN A 474 -43.59 12.63 11.80
N HIS A 475 -43.10 13.82 11.43
CA HIS A 475 -43.97 14.94 11.10
C HIS A 475 -43.22 15.87 10.16
N VAL A 476 -43.96 16.60 9.33
CA VAL A 476 -43.38 17.42 8.29
C VAL A 476 -43.91 18.85 8.41
N PHE A 477 -43.01 19.83 8.31
CA PHE A 477 -43.35 21.24 8.39
C PHE A 477 -43.21 21.86 7.00
N ILE A 478 -44.30 22.41 6.49
CA ILE A 478 -44.31 23.08 5.18
C ILE A 478 -44.90 24.47 5.39
N LEU A 479 -44.02 25.46 5.60
CA LEU A 479 -44.49 26.82 5.85
C LEU A 479 -44.94 27.50 4.57
N ASP A 480 -44.13 27.40 3.51
CA ASP A 480 -44.39 28.09 2.27
C ASP A 480 -45.56 27.45 1.52
N PRO A 481 -46.17 28.17 0.58
CA PRO A 481 -47.25 27.58 -0.21
C PRO A 481 -46.79 26.35 -0.97
N VAL A 482 -47.70 25.39 -1.09
CA VAL A 482 -47.38 24.04 -1.58
C VAL A 482 -47.99 23.80 -2.97
N LYS A 483 -48.24 24.86 -3.74
CA LYS A 483 -48.89 24.72 -5.03
C LYS A 483 -47.94 24.15 -6.07
N THR A 484 -47.59 22.87 -5.92
CA THR A 484 -46.76 22.15 -6.89
C THR A 484 -46.86 20.66 -6.59
N PHE A 485 -47.14 19.87 -7.63
CA PHE A 485 -47.45 18.46 -7.41
C PHE A 485 -46.21 17.66 -7.01
N ASN A 486 -45.09 17.86 -7.70
CA ASN A 486 -43.92 17.01 -7.48
C ASN A 486 -43.36 17.19 -6.08
N MET A 487 -43.15 18.44 -5.66
CA MET A 487 -42.62 18.67 -4.33
C MET A 487 -43.61 18.28 -3.25
N TYR A 488 -44.92 18.43 -3.51
CA TYR A 488 -45.93 17.92 -2.58
C TYR A 488 -45.80 16.41 -2.41
N VAL A 489 -45.69 15.67 -3.51
CA VAL A 489 -45.61 14.22 -3.42
C VAL A 489 -44.35 13.80 -2.69
N GLN A 490 -43.22 14.45 -3.00
CA GLN A 490 -41.97 14.10 -2.31
C GLN A 490 -42.01 14.48 -0.84
N SER A 491 -42.68 15.59 -0.50
CA SER A 491 -42.85 15.97 0.90
C SER A 491 -43.70 14.94 1.64
N LYS A 492 -44.76 14.45 1.01
CA LYS A 492 -45.55 13.38 1.61
C LYS A 492 -44.71 12.12 1.77
N GLY A 493 -43.85 11.83 0.79
CA GLY A 493 -42.93 10.72 0.93
C GLY A 493 -41.96 10.89 2.08
N ARG A 494 -41.62 12.14 2.41
CA ARG A 494 -40.81 12.40 3.59
C ARG A 494 -41.54 12.00 4.87
N ALA A 495 -42.86 11.82 4.82
CA ALA A 495 -43.66 11.41 5.96
C ALA A 495 -44.06 9.93 5.88
N ARG A 496 -43.15 9.07 5.41
CA ARG A 496 -43.48 7.66 5.24
C ARG A 496 -43.63 6.91 6.55
N THR A 497 -43.30 7.53 7.68
CA THR A 497 -43.43 6.87 8.97
C THR A 497 -44.88 6.42 9.20
N THR A 498 -45.04 5.18 9.67
CA THR A 498 -46.36 4.64 9.91
C THR A 498 -47.08 5.42 11.00
N GLU A 499 -48.36 5.71 10.77
CA GLU A 499 -49.21 6.42 11.73
C GLU A 499 -48.63 7.79 12.09
N ALA A 500 -47.93 8.42 11.15
CA ALA A 500 -47.33 9.72 11.39
C ALA A 500 -48.35 10.84 11.20
N LYS A 501 -47.91 12.07 11.43
CA LYS A 501 -48.77 13.24 11.34
C LYS A 501 -48.20 14.22 10.32
N PHE A 502 -49.08 14.88 9.59
CA PHE A 502 -48.71 15.90 8.61
C PHE A 502 -49.72 17.04 8.68
N VAL A 503 -49.22 18.27 8.63
CA VAL A 503 -50.06 19.45 8.68
C VAL A 503 -49.91 20.23 7.38
N LEU A 504 -50.93 21.01 7.06
CA LEU A 504 -50.94 21.91 5.92
C LEU A 504 -51.12 23.33 6.40
N PHE A 505 -50.30 24.25 5.89
CA PHE A 505 -50.30 25.63 6.34
C PHE A 505 -51.02 26.48 5.28
N THR A 506 -52.35 26.55 5.39
CA THR A 506 -53.18 27.31 4.47
C THR A 506 -54.07 28.26 5.26
N ALA A 507 -54.21 29.48 4.74
CA ALA A 507 -55.05 30.47 5.39
C ALA A 507 -56.53 30.16 5.18
N ASP A 508 -57.38 30.76 6.01
CA ASP A 508 -58.81 30.59 5.85
C ASP A 508 -59.30 31.14 4.53
N LYS A 509 -58.82 32.33 4.16
CA LYS A 509 -59.16 32.89 2.85
C LYS A 509 -58.53 32.07 1.73
N GLU A 510 -57.39 31.44 2.00
CA GLU A 510 -56.73 30.59 1.02
C GLU A 510 -57.28 29.16 1.01
N ARG A 511 -58.11 28.80 2.01
CA ARG A 511 -58.54 27.41 2.14
C ARG A 511 -59.50 27.02 1.01
N GLU A 512 -60.45 27.89 0.68
CA GLU A 512 -61.45 27.53 -0.32
C GLU A 512 -60.85 27.43 -1.71
N LYS A 513 -59.70 28.06 -1.94
CA LYS A 513 -59.01 27.99 -3.22
C LYS A 513 -57.92 26.92 -3.25
N THR A 514 -57.73 26.17 -2.17
CA THR A 514 -56.74 25.13 -2.12
C THR A 514 -57.29 23.76 -1.73
N ILE A 515 -58.51 23.70 -1.20
CA ILE A 515 -59.10 22.39 -0.89
C ILE A 515 -59.32 21.59 -2.16
N GLN A 516 -59.90 22.21 -3.19
CA GLN A 516 -60.07 21.51 -4.46
C GLN A 516 -58.72 21.14 -5.05
N GLN A 517 -57.72 22.02 -4.90
CA GLN A 517 -56.37 21.74 -5.37
C GLN A 517 -55.81 20.48 -4.74
N ILE A 518 -55.87 20.39 -3.41
CA ILE A 518 -55.40 19.18 -2.74
C ILE A 518 -56.21 17.98 -3.20
N TYR A 519 -57.48 18.19 -3.58
CA TYR A 519 -58.28 17.10 -4.11
C TYR A 519 -57.69 16.55 -5.41
N GLN A 520 -57.42 17.41 -6.41
CA GLN A 520 -56.92 16.81 -7.65
C GLN A 520 -55.50 16.30 -7.45
N TYR A 521 -54.72 16.94 -6.57
CA TYR A 521 -53.38 16.44 -6.29
C TYR A 521 -53.43 15.02 -5.73
N ARG A 522 -54.30 14.78 -4.74
CA ARG A 522 -54.38 13.45 -4.15
C ARG A 522 -54.93 12.43 -5.15
N LYS A 523 -55.95 12.80 -5.94
CA LYS A 523 -56.50 11.84 -6.88
C LYS A 523 -55.52 11.54 -8.00
N ALA A 524 -54.74 12.54 -8.41
CA ALA A 524 -53.71 12.31 -9.43
C ALA A 524 -52.60 11.42 -8.88
N HIS A 525 -52.22 11.60 -7.62
CA HIS A 525 -51.26 10.70 -7.01
C HIS A 525 -51.77 9.26 -7.03
N ASN A 526 -53.03 9.06 -6.63
CA ASN A 526 -53.61 7.73 -6.65
C ASN A 526 -53.66 7.15 -8.06
N ASP A 527 -54.02 7.99 -9.04
CA ASP A 527 -54.14 7.52 -10.42
C ASP A 527 -52.77 7.15 -10.98
N ILE A 528 -51.73 7.93 -10.66
CA ILE A 528 -50.39 7.58 -11.09
C ILE A 528 -49.96 6.26 -10.46
N ALA A 529 -50.28 6.07 -9.19
CA ALA A 529 -49.95 4.80 -8.53
C ALA A 529 -50.61 3.63 -9.25
N GLU A 530 -51.91 3.75 -9.54
CA GLU A 530 -52.60 2.63 -10.16
C GLU A 530 -52.25 2.48 -11.64
N TYR A 531 -51.70 3.52 -12.26
CA TYR A 531 -51.22 3.41 -13.62
C TYR A 531 -49.87 2.68 -13.66
N LEU A 532 -49.02 2.96 -12.69
CA LEU A 532 -47.73 2.27 -12.66
C LEU A 532 -47.83 0.87 -12.07
N LYS A 533 -48.91 0.55 -11.35
CA LYS A 533 -49.00 -0.75 -10.71
C LYS A 533 -49.02 -1.89 -11.74
N ASP A 534 -49.65 -1.67 -12.89
CA ASP A 534 -49.78 -2.74 -13.87
C ASP A 534 -48.64 -2.80 -14.88
N ARG A 535 -47.71 -1.85 -14.83
CA ARG A 535 -46.56 -1.89 -15.73
C ARG A 535 -45.67 -3.08 -15.40
N VAL A 536 -44.93 -3.53 -16.41
CA VAL A 536 -44.01 -4.65 -16.23
C VAL A 536 -42.72 -4.13 -15.60
N LEU A 537 -42.69 -4.10 -14.28
CA LEU A 537 -41.55 -3.56 -13.55
C LEU A 537 -40.55 -4.67 -13.25
N GLU A 538 -39.57 -4.38 -12.39
CA GLU A 538 -38.54 -5.35 -12.07
C GLU A 538 -39.12 -6.56 -11.33
N LYS A 539 -40.10 -6.33 -10.46
CA LYS A 539 -40.67 -7.43 -9.69
C LYS A 539 -41.36 -8.43 -10.61
N THR A 540 -42.13 -7.93 -11.58
CA THR A 540 -42.81 -8.81 -12.53
C THR A 540 -41.84 -9.49 -13.49
N GLU A 541 -40.60 -9.03 -13.56
CA GLU A 541 -39.61 -9.67 -14.41
C GLU A 541 -39.24 -11.04 -13.85
N PRO A 542 -38.70 -11.94 -14.69
CA PRO A 542 -38.39 -13.29 -14.22
C PRO A 542 -37.30 -13.35 -13.15
N GLU A 543 -36.80 -12.19 -12.71
CA GLU A 543 -35.76 -12.14 -11.70
C GLU A 543 -36.25 -12.54 -10.31
N LEU A 544 -37.56 -12.71 -10.12
CA LEU A 544 -38.13 -13.07 -8.83
C LEU A 544 -38.49 -14.56 -8.75
N TYR A 545 -37.72 -15.42 -9.41
CA TYR A 545 -37.95 -16.86 -9.37
C TYR A 545 -37.19 -17.54 -8.24
N GLU A 546 -36.82 -16.80 -7.19
CA GLU A 546 -36.16 -17.39 -6.04
C GLU A 546 -37.11 -18.23 -5.20
N ILE A 547 -38.41 -18.17 -5.49
CA ILE A 547 -39.42 -18.91 -4.73
C ILE A 547 -39.31 -20.41 -4.93
N LYS A 548 -38.50 -20.87 -5.88
CA LYS A 548 -38.22 -22.29 -6.15
C LYS A 548 -39.48 -23.16 -6.10
N GLY A 549 -40.37 -22.98 -7.07
CA GLY A 549 -41.61 -23.73 -7.08
C GLY A 549 -41.38 -25.22 -7.19
N HIS A 550 -42.35 -25.98 -6.71
CA HIS A 550 -42.27 -27.45 -6.65
C HIS A 550 -42.51 -28.03 -8.04
N PHE A 551 -41.43 -28.30 -8.77
CA PHE A 551 -41.51 -28.98 -10.06
C PHE A 551 -40.39 -30.01 -10.18
N GLN A 552 -40.21 -30.82 -9.14
CA GLN A 552 -39.15 -31.82 -9.14
C GLN A 552 -39.52 -33.09 -9.90
N ASP A 553 -40.76 -33.19 -10.37
CA ASP A 553 -41.19 -34.42 -11.05
C ASP A 553 -40.45 -34.63 -12.36
N ASP A 554 -40.26 -33.57 -13.14
CA ASP A 554 -39.71 -33.67 -14.49
C ASP A 554 -38.22 -33.36 -14.55
N ILE A 555 -37.57 -33.19 -13.40
CA ILE A 555 -36.13 -32.95 -13.34
C ILE A 555 -35.52 -33.91 -12.34
N ASP A 556 -34.36 -34.45 -12.67
CA ASP A 556 -33.79 -35.53 -11.89
C ASP A 556 -32.55 -35.07 -11.11
N PRO A 557 -32.28 -35.66 -9.96
CA PRO A 557 -31.04 -35.38 -9.24
C PRO A 557 -29.89 -36.19 -9.83
N PHE A 558 -28.70 -35.98 -9.27
CA PHE A 558 -27.49 -36.62 -9.76
C PHE A 558 -26.75 -37.27 -8.60
N THR A 559 -26.20 -38.46 -8.86
CA THR A 559 -25.39 -39.17 -7.89
C THR A 559 -24.13 -39.68 -8.56
N ASN A 560 -23.01 -39.60 -7.86
CA ASN A 560 -21.72 -40.00 -8.39
C ASN A 560 -21.32 -41.36 -7.81
N GLU A 561 -20.08 -41.77 -8.08
CA GLU A 561 -19.58 -43.02 -7.51
C GLU A 561 -19.55 -42.98 -5.99
N ASN A 562 -19.38 -41.80 -5.40
CA ASN A 562 -19.47 -41.65 -3.95
C ASN A 562 -20.88 -41.91 -3.44
N GLY A 563 -21.90 -41.72 -4.29
CA GLY A 563 -23.27 -41.92 -3.89
C GLY A 563 -23.97 -40.70 -3.34
N ALA A 564 -23.28 -39.57 -3.20
CA ALA A 564 -23.90 -38.36 -2.69
C ALA A 564 -24.96 -37.86 -3.68
N VAL A 565 -26.10 -37.44 -3.16
CA VAL A 565 -27.22 -37.01 -3.99
C VAL A 565 -27.11 -35.51 -4.24
N LEU A 566 -27.24 -35.12 -5.51
CA LEU A 566 -27.21 -33.72 -5.93
C LEU A 566 -28.65 -33.31 -6.25
N LEU A 567 -29.32 -32.73 -5.27
CA LEU A 567 -30.69 -32.29 -5.48
C LEU A 567 -30.70 -31.04 -6.34
N PRO A 568 -31.44 -31.03 -7.47
CA PRO A 568 -31.42 -29.85 -8.34
C PRO A 568 -31.96 -28.60 -7.68
N ASN A 569 -32.74 -28.72 -6.61
CA ASN A 569 -33.26 -27.55 -5.92
C ASN A 569 -32.14 -26.71 -5.32
N ASN A 570 -31.12 -27.36 -4.76
CA ASN A 570 -30.02 -26.66 -4.11
C ASN A 570 -28.98 -26.16 -5.11
N ALA A 571 -29.25 -26.27 -6.42
CA ALA A 571 -28.25 -25.92 -7.42
C ALA A 571 -27.89 -24.44 -7.35
N LEU A 572 -28.91 -23.57 -7.23
CA LEU A 572 -28.64 -22.14 -7.14
C LEU A 572 -27.84 -21.81 -5.89
N ALA A 573 -28.20 -22.42 -4.76
CA ALA A 573 -27.50 -22.15 -3.51
C ALA A 573 -26.04 -22.58 -3.60
N ILE A 574 -25.79 -23.77 -4.13
CA ILE A 574 -24.41 -24.27 -4.17
C ILE A 574 -23.60 -23.50 -5.20
N LEU A 575 -24.23 -23.07 -6.30
CA LEU A 575 -23.53 -22.22 -7.26
C LEU A 575 -23.16 -20.88 -6.63
N HIS A 576 -24.07 -20.29 -5.86
CA HIS A 576 -23.76 -19.04 -5.18
C HIS A 576 -22.63 -19.23 -4.17
N ARG A 577 -22.65 -20.35 -3.45
CA ARG A 577 -21.59 -20.63 -2.48
C ARG A 577 -20.24 -20.80 -3.18
N TYR A 578 -20.23 -21.48 -4.33
CA TYR A 578 -19.00 -21.61 -5.09
C TYR A 578 -18.52 -20.24 -5.59
N CYS A 579 -19.46 -19.40 -6.05
CA CYS A 579 -19.10 -18.04 -6.44
C CYS A 579 -18.58 -17.24 -5.27
N GLN A 580 -18.93 -17.63 -4.04
CA GLN A 580 -18.36 -16.98 -2.87
C GLN A 580 -16.92 -17.42 -2.64
N THR A 581 -16.56 -18.63 -3.06
CA THR A 581 -15.22 -19.15 -2.79
C THR A 581 -14.16 -18.49 -3.65
N ILE A 582 -14.47 -18.15 -4.89
CA ILE A 582 -13.50 -17.58 -5.80
C ILE A 582 -13.05 -16.21 -5.28
N PRO A 583 -11.82 -15.79 -5.54
CA PRO A 583 -11.35 -14.51 -4.99
C PRO A 583 -12.14 -13.34 -5.55
N THR A 584 -12.25 -12.29 -4.74
CA THR A 584 -12.98 -11.09 -5.11
C THR A 584 -12.33 -9.89 -4.46
N ASP A 585 -12.66 -8.71 -4.98
CA ASP A 585 -12.11 -7.46 -4.47
C ASP A 585 -12.87 -6.94 -3.26
N ALA A 586 -13.62 -7.80 -2.57
CA ALA A 586 -14.47 -7.46 -1.44
C ALA A 586 -15.60 -6.51 -1.83
N PHE A 587 -15.80 -6.28 -3.12
CA PHE A 587 -16.90 -5.45 -3.61
C PHE A 587 -18.14 -6.29 -3.91
N GLY A 588 -18.52 -7.13 -2.96
CA GLY A 588 -19.62 -8.06 -3.17
C GLY A 588 -19.24 -9.21 -4.08
N PHE A 589 -19.83 -10.37 -3.85
CA PHE A 589 -19.58 -11.51 -4.72
C PHE A 589 -20.29 -11.31 -6.06
N VAL A 590 -19.87 -12.08 -7.05
CA VAL A 590 -20.41 -12.00 -8.40
C VAL A 590 -21.37 -13.15 -8.61
N ILE A 591 -22.60 -12.83 -8.99
CA ILE A 591 -23.65 -13.83 -9.19
C ILE A 591 -23.74 -14.14 -10.67
N PRO A 592 -23.83 -15.42 -11.05
CA PRO A 592 -23.93 -15.76 -12.47
C PRO A 592 -25.17 -15.18 -13.13
N TRP A 593 -25.01 -14.74 -14.37
CA TRP A 593 -26.12 -14.20 -15.14
C TRP A 593 -27.03 -15.32 -15.63
N PHE A 594 -28.29 -14.97 -15.88
CA PHE A 594 -29.31 -15.92 -16.31
C PHE A 594 -30.12 -15.36 -17.47
N HIS A 595 -29.43 -14.85 -18.48
CA HIS A 595 -30.10 -14.25 -19.62
C HIS A 595 -30.96 -15.27 -20.35
N VAL A 596 -32.18 -14.86 -20.69
CA VAL A 596 -33.16 -15.70 -21.36
C VAL A 596 -32.94 -15.62 -22.86
N LEU A 597 -33.10 -16.75 -23.54
CA LEU A 597 -32.94 -16.82 -24.99
C LEU A 597 -34.24 -16.43 -25.69
N GLN A 598 -34.08 -15.73 -26.82
CA GLN A 598 -35.21 -15.43 -27.69
C GLN A 598 -35.62 -16.67 -28.48
N GLU A 599 -36.87 -16.68 -28.94
CA GLU A 599 -37.38 -17.85 -29.64
C GLU A 599 -36.64 -18.08 -30.95
N ASP A 600 -36.27 -17.00 -31.65
CA ASP A 600 -35.56 -17.16 -32.91
C ASP A 600 -34.19 -17.78 -32.69
N GLU A 601 -33.46 -17.31 -31.67
CA GLU A 601 -32.17 -17.90 -31.36
C GLU A 601 -32.34 -19.33 -30.84
N ARG A 602 -33.42 -19.58 -30.09
CA ARG A 602 -33.69 -20.93 -29.61
C ARG A 602 -33.87 -21.90 -30.77
N ASP A 603 -34.62 -21.50 -31.79
CA ASP A 603 -34.76 -22.33 -32.97
C ASP A 603 -33.45 -22.40 -33.77
N ARG A 604 -32.66 -21.33 -33.75
CA ARG A 604 -31.38 -21.34 -34.45
C ARG A 604 -30.44 -22.39 -33.86
N ILE A 605 -30.41 -22.50 -32.54
CA ILE A 605 -29.50 -23.45 -31.90
C ILE A 605 -30.10 -24.84 -31.76
N PHE A 606 -31.41 -24.94 -31.56
CA PHE A 606 -32.06 -26.23 -31.33
C PHE A 606 -33.00 -26.62 -32.44
N GLY A 607 -33.97 -25.78 -32.77
CA GLY A 607 -34.90 -26.09 -33.84
C GLY A 607 -36.27 -26.52 -33.37
N VAL A 608 -36.86 -27.49 -34.06
CA VAL A 608 -38.23 -27.92 -33.76
C VAL A 608 -38.31 -28.59 -32.40
N SER A 609 -37.22 -29.20 -31.94
CA SER A 609 -37.25 -29.92 -30.67
C SER A 609 -37.50 -29.01 -29.48
N ALA A 610 -37.14 -27.73 -29.59
CA ALA A 610 -37.34 -26.76 -28.52
C ALA A 610 -38.56 -25.88 -28.73
N LYS A 611 -39.38 -26.17 -29.74
CA LYS A 611 -40.55 -25.35 -30.02
C LYS A 611 -41.54 -25.41 -28.87
N GLY A 612 -42.06 -24.24 -28.49
CA GLY A 612 -42.97 -24.16 -27.36
C GLY A 612 -42.32 -24.26 -26.01
N LYS A 613 -40.99 -24.19 -25.94
CA LYS A 613 -40.25 -24.36 -24.70
C LYS A 613 -39.35 -23.16 -24.48
N HIS A 614 -38.94 -22.98 -23.23
CA HIS A 614 -38.03 -21.90 -22.85
C HIS A 614 -36.67 -22.48 -22.47
N VAL A 615 -35.62 -21.76 -22.82
CA VAL A 615 -34.25 -22.16 -22.50
C VAL A 615 -33.50 -20.92 -22.00
N ILE A 616 -32.64 -21.12 -21.00
CA ILE A 616 -31.88 -20.05 -20.38
C ILE A 616 -30.40 -20.40 -20.48
N SER A 617 -29.56 -19.36 -20.53
CA SER A 617 -28.12 -19.51 -20.58
C SER A 617 -27.50 -18.84 -19.34
N ILE A 618 -26.53 -19.52 -18.74
CA ILE A 618 -25.81 -19.01 -17.57
C ILE A 618 -24.46 -18.49 -18.03
N ASN A 619 -24.15 -17.25 -17.64
CA ASN A 619 -22.86 -16.64 -17.92
C ASN A 619 -22.02 -16.71 -16.63
N MET A 620 -21.30 -17.81 -16.48
CA MET A 620 -20.40 -17.95 -15.36
C MET A 620 -19.34 -16.86 -15.43
N PRO A 621 -19.12 -16.10 -14.35
CA PRO A 621 -18.15 -15.01 -14.42
C PRO A 621 -16.76 -15.50 -14.77
N VAL A 622 -16.02 -14.66 -15.49
CA VAL A 622 -14.72 -15.05 -16.02
C VAL A 622 -13.72 -15.44 -14.95
N ASN A 623 -13.99 -15.11 -13.68
CA ASN A 623 -13.09 -15.51 -12.60
C ASN A 623 -13.01 -17.02 -12.46
N CYS A 624 -14.16 -17.70 -12.45
CA CYS A 624 -14.17 -19.14 -12.30
C CYS A 624 -13.59 -19.79 -13.56
N MET A 625 -13.14 -21.04 -13.42
CA MET A 625 -12.44 -21.68 -14.53
C MET A 625 -13.38 -21.96 -15.69
N LEU A 626 -14.69 -22.04 -15.41
CA LEU A 626 -15.67 -22.06 -16.49
C LEU A 626 -15.69 -20.72 -17.21
N ARG A 627 -15.64 -20.78 -18.52
CA ARG A 627 -15.68 -19.56 -19.32
C ARG A 627 -16.79 -19.60 -20.36
N ASP A 628 -17.04 -20.75 -20.97
CA ASP A 628 -18.10 -20.88 -21.94
C ASP A 628 -19.47 -20.86 -21.25
N THR A 629 -20.50 -20.54 -22.04
CA THR A 629 -21.86 -20.48 -21.55
C THR A 629 -22.49 -21.87 -21.54
N ILE A 630 -23.51 -22.05 -20.71
CA ILE A 630 -24.23 -23.30 -20.59
C ILE A 630 -25.69 -23.05 -20.95
N TYR A 631 -26.22 -23.86 -21.85
CA TYR A 631 -27.60 -23.72 -22.30
C TYR A 631 -28.45 -24.82 -21.69
N SER A 632 -29.55 -24.43 -21.04
CA SER A 632 -30.44 -25.39 -20.43
C SER A 632 -31.22 -26.17 -21.48
N ASP A 633 -31.50 -27.43 -21.17
CA ASP A 633 -32.35 -28.23 -22.03
C ASP A 633 -33.77 -27.64 -22.02
N PRO A 634 -34.55 -27.85 -23.07
CA PRO A 634 -35.87 -27.19 -23.14
C PRO A 634 -36.91 -27.89 -22.28
N MET A 635 -37.79 -27.09 -21.69
CA MET A 635 -39.03 -27.55 -21.07
C MET A 635 -39.98 -26.36 -21.00
N ASP A 636 -41.13 -26.56 -20.33
CA ASP A 636 -42.25 -25.64 -20.40
C ASP A 636 -41.95 -24.25 -19.84
N ASN A 637 -41.66 -24.15 -18.55
CA ASN A 637 -41.65 -22.88 -17.85
C ASN A 637 -40.23 -22.36 -17.65
N VAL A 638 -40.13 -21.05 -17.40
CA VAL A 638 -38.84 -20.40 -17.24
C VAL A 638 -38.16 -20.85 -15.95
N LYS A 639 -38.93 -21.04 -14.89
CA LYS A 639 -38.35 -21.44 -13.61
C LYS A 639 -37.66 -22.80 -13.71
N THR A 640 -38.32 -23.77 -14.34
CA THR A 640 -37.69 -25.06 -14.55
C THR A 640 -36.49 -24.95 -15.47
N ALA A 641 -36.53 -24.04 -16.44
CA ALA A 641 -35.35 -23.82 -17.29
C ALA A 641 -34.18 -23.32 -16.47
N LYS A 642 -34.42 -22.38 -15.56
CA LYS A 642 -33.34 -21.90 -14.70
C LYS A 642 -32.82 -23.01 -13.79
N ILE A 643 -33.72 -23.83 -13.24
CA ILE A 643 -33.30 -24.92 -12.38
C ILE A 643 -32.44 -25.91 -13.14
N SER A 644 -32.87 -26.28 -14.36
CA SER A 644 -32.11 -27.21 -15.17
C SER A 644 -30.75 -26.63 -15.56
N ALA A 645 -30.71 -25.34 -15.90
CA ALA A 645 -29.44 -24.71 -16.25
C ALA A 645 -28.48 -24.75 -15.06
N ALA A 646 -28.97 -24.40 -13.88
CA ALA A 646 -28.10 -24.42 -12.70
C ALA A 646 -27.64 -25.84 -12.39
N PHE A 647 -28.53 -26.82 -12.54
CA PHE A 647 -28.16 -28.21 -12.26
C PHE A 647 -27.09 -28.69 -13.24
N LYS A 648 -27.23 -28.37 -14.52
CA LYS A 648 -26.23 -28.76 -15.51
C LYS A 648 -24.90 -28.05 -15.25
N ALA A 649 -24.94 -26.77 -14.86
CA ALA A 649 -23.71 -26.06 -14.55
C ALA A 649 -23.01 -26.69 -13.35
N CYS A 650 -23.77 -27.07 -12.32
CA CYS A 650 -23.17 -27.74 -11.17
C CYS A 650 -22.57 -29.08 -11.56
N LYS A 651 -23.27 -29.84 -12.42
CA LYS A 651 -22.72 -31.11 -12.87
C LYS A 651 -21.41 -30.90 -13.61
N VAL A 652 -21.34 -29.86 -14.46
CA VAL A 652 -20.11 -29.56 -15.17
C VAL A 652 -19.01 -29.18 -14.20
N LEU A 653 -19.33 -28.35 -13.20
CA LEU A 653 -18.34 -27.93 -12.22
C LEU A 653 -17.77 -29.12 -11.45
N TYR A 654 -18.65 -30.04 -11.03
CA TYR A 654 -18.17 -31.24 -10.35
C TYR A 654 -17.32 -32.10 -11.28
N SER A 655 -17.70 -32.19 -12.55
CA SER A 655 -16.96 -33.02 -13.49
C SER A 655 -15.52 -32.56 -13.65
N LEU A 656 -15.27 -31.26 -13.45
CA LEU A 656 -13.94 -30.70 -13.62
C LEU A 656 -13.19 -30.48 -12.32
N GLY A 657 -13.75 -30.89 -11.18
CA GLY A 657 -12.99 -30.92 -9.94
C GLY A 657 -12.97 -29.64 -9.12
N GLU A 658 -13.91 -28.72 -9.32
CA GLU A 658 -14.03 -27.60 -8.40
C GLU A 658 -14.83 -27.94 -7.16
N LEU A 659 -15.54 -29.07 -7.15
CA LEU A 659 -16.29 -29.51 -5.99
C LEU A 659 -15.80 -30.89 -5.58
N ASN A 660 -15.81 -31.14 -4.28
CA ASN A 660 -15.38 -32.44 -3.75
C ASN A 660 -16.50 -33.45 -3.95
N GLU A 661 -16.33 -34.65 -3.39
CA GLU A 661 -17.34 -35.68 -3.47
C GLU A 661 -18.61 -35.31 -2.71
N ARG A 662 -18.56 -34.33 -1.82
CA ARG A 662 -19.72 -33.90 -1.05
C ARG A 662 -20.50 -32.80 -1.75
N PHE A 663 -20.12 -32.47 -2.98
CA PHE A 663 -20.81 -31.44 -3.77
C PHE A 663 -20.84 -30.09 -3.04
N VAL A 664 -19.72 -29.76 -2.40
CA VAL A 664 -19.56 -28.46 -1.76
C VAL A 664 -18.26 -27.85 -2.29
N PRO A 665 -18.22 -26.55 -2.57
CA PRO A 665 -17.00 -25.96 -3.13
C PRO A 665 -15.80 -26.14 -2.21
N LYS A 666 -14.65 -26.41 -2.81
CA LYS A 666 -13.43 -26.67 -2.07
C LYS A 666 -12.88 -25.39 -1.47
N THR A 667 -12.05 -25.55 -0.43
CA THR A 667 -11.35 -24.46 0.21
C THR A 667 -9.85 -24.59 -0.03
N LEU A 668 -9.11 -23.58 0.42
CA LEU A 668 -7.67 -23.57 0.20
C LEU A 668 -6.99 -24.74 0.90
N LYS A 669 -7.43 -25.06 2.12
CA LYS A 669 -6.86 -26.21 2.83
C LYS A 669 -7.11 -27.50 2.08
N GLU A 670 -8.30 -27.65 1.48
CA GLU A 670 -8.58 -28.84 0.68
C GLU A 670 -7.73 -28.87 -0.57
N ARG A 671 -7.44 -27.71 -1.16
CA ARG A 671 -6.70 -27.68 -2.42
C ARG A 671 -5.22 -27.98 -2.20
N VAL A 672 -4.62 -27.41 -1.14
CA VAL A 672 -3.21 -27.67 -0.87
C VAL A 672 -2.95 -29.11 -0.46
N ALA A 673 -3.98 -29.84 -0.02
CA ALA A 673 -3.81 -31.24 0.29
C ALA A 673 -3.48 -32.05 -0.95
N SER A 674 -3.80 -31.54 -2.14
CA SER A 674 -3.47 -32.21 -3.39
C SER A 674 -2.09 -31.81 -3.90
N ILE A 675 -1.39 -30.92 -3.21
CA ILE A 675 -0.08 -30.47 -3.63
C ILE A 675 1.02 -30.87 -2.64
N ALA A 676 0.65 -31.36 -1.45
CA ALA A 676 1.65 -31.68 -0.44
C ALA A 676 2.62 -32.74 -0.92
N ASP A 677 2.13 -33.79 -1.57
CA ASP A 677 2.98 -34.90 -1.98
C ASP A 677 3.73 -34.61 -3.27
N VAL A 678 3.53 -33.45 -3.89
CA VAL A 678 4.18 -33.10 -5.15
C VAL A 678 5.28 -32.07 -4.96
N HIS A 679 5.03 -31.05 -4.14
CA HIS A 679 5.96 -29.94 -3.97
C HIS A 679 6.61 -29.91 -2.60
N PHE A 680 5.84 -30.11 -1.54
CA PHE A 680 6.34 -30.02 -0.16
C PHE A 680 6.64 -31.37 0.42
N GLU A 681 7.15 -32.29 -0.40
CA GLU A 681 7.43 -33.64 0.06
C GLU A 681 8.50 -33.67 1.14
N HIS A 682 9.53 -32.83 1.02
CA HIS A 682 10.68 -32.92 1.91
C HIS A 682 10.35 -32.56 3.35
N TRP A 683 9.19 -31.95 3.62
CA TRP A 683 8.82 -31.63 4.99
C TRP A 683 8.54 -32.87 5.84
N ASN A 684 8.29 -34.02 5.21
CA ASN A 684 7.80 -35.18 5.95
C ASN A 684 8.84 -35.70 6.93
N LYS A 685 10.11 -35.78 6.51
CA LYS A 685 11.14 -36.40 7.34
C LYS A 685 11.50 -35.57 8.56
N TYR A 686 11.05 -34.32 8.65
CA TYR A 686 11.36 -33.45 9.77
C TYR A 686 10.24 -33.40 10.80
N GLY A 687 9.21 -34.23 10.64
CA GLY A 687 8.10 -34.24 11.56
C GLY A 687 7.06 -33.17 11.33
N ASP A 688 7.19 -32.37 10.28
CA ASP A 688 6.27 -31.30 9.97
C ASP A 688 5.47 -31.62 8.72
N SER A 689 4.40 -30.85 8.50
CA SER A 689 3.56 -30.98 7.33
C SER A 689 3.14 -29.60 6.85
N VAL A 690 2.78 -29.52 5.57
CA VAL A 690 2.34 -28.26 4.99
C VAL A 690 0.95 -27.85 5.46
N THR A 691 0.25 -28.76 6.15
CA THR A 691 -1.09 -28.43 6.64
C THR A 691 -1.04 -27.27 7.62
N ALA A 692 -0.04 -27.25 8.51
CA ALA A 692 0.19 -26.16 9.46
C ALA A 692 -1.05 -25.94 10.34
N THR A 693 -1.34 -26.97 11.14
CA THR A 693 -2.49 -26.89 12.05
C THR A 693 -2.31 -25.77 13.08
N VAL A 694 -1.11 -25.62 13.62
CA VAL A 694 -0.81 -24.59 14.61
C VAL A 694 0.42 -23.83 14.15
N ASN A 695 0.49 -22.56 14.54
CA ASN A 695 1.58 -21.68 14.12
C ASN A 695 1.95 -20.78 15.30
N LYS A 696 2.78 -19.78 15.02
CA LYS A 696 3.17 -18.75 15.98
C LYS A 696 3.89 -19.33 17.20
N ALA A 697 3.18 -19.40 18.34
CA ALA A 697 3.82 -19.71 19.61
C ALA A 697 4.46 -21.09 19.61
N ASP A 698 3.77 -22.09 19.04
CA ASP A 698 4.31 -23.44 19.04
C ASP A 698 5.57 -23.59 18.22
N LYS A 699 5.86 -22.63 17.34
CA LYS A 699 7.06 -22.68 16.53
C LYS A 699 8.30 -22.45 17.39
N SER A 700 9.33 -23.27 17.17
CA SER A 700 10.63 -23.10 17.80
C SER A 700 11.58 -22.51 16.76
N LYS A 701 12.12 -21.34 17.06
CA LYS A 701 12.87 -20.55 16.09
C LYS A 701 14.38 -20.70 16.22
N ASP A 702 14.85 -21.68 16.98
CA ASP A 702 16.28 -21.93 17.12
C ASP A 702 16.57 -23.42 16.95
N ARG A 703 17.66 -23.71 16.27
CA ARG A 703 18.10 -25.09 16.05
C ARG A 703 19.61 -25.17 16.20
N THR A 704 20.09 -26.37 16.51
CA THR A 704 21.51 -26.62 16.73
C THR A 704 22.06 -27.50 15.62
N TYR A 705 23.14 -27.06 15.00
CA TYR A 705 23.81 -27.79 13.94
C TYR A 705 25.26 -28.04 14.32
N LYS A 706 25.82 -29.13 13.79
CA LYS A 706 27.21 -29.51 14.04
C LYS A 706 28.09 -28.83 13.00
N THR A 707 28.87 -27.84 13.43
CA THR A 707 29.78 -27.16 12.52
C THR A 707 30.88 -28.11 12.05
N GLU A 708 31.30 -27.94 10.80
CA GLU A 708 32.33 -28.77 10.21
C GLU A 708 33.39 -27.90 9.55
N CYS A 709 34.65 -28.30 9.69
CA CYS A 709 35.75 -27.59 9.08
C CYS A 709 35.83 -27.92 7.59
N PRO A 710 36.44 -27.04 6.80
CA PRO A 710 36.64 -27.34 5.37
C PRO A 710 37.52 -28.57 5.19
N LEU A 711 37.29 -29.27 4.08
CA LEU A 711 37.98 -30.53 3.84
C LEU A 711 39.49 -30.37 3.81
N GLU A 712 39.98 -29.18 3.46
CA GLU A 712 41.42 -28.95 3.50
C GLU A 712 41.94 -29.02 4.93
N PHE A 713 41.22 -28.45 5.88
CA PHE A 713 41.67 -28.43 7.26
C PHE A 713 41.54 -29.80 7.93
N TYR A 714 40.57 -30.60 7.52
CA TYR A 714 40.38 -31.90 8.15
C TYR A 714 41.53 -32.83 7.81
N ASP A 715 42.06 -33.50 8.84
CA ASP A 715 43.16 -34.45 8.68
C ASP A 715 44.37 -33.80 8.02
N ALA A 716 44.66 -32.56 8.43
CA ALA A 716 45.74 -31.78 7.84
C ALA A 716 46.99 -31.73 8.70
N LEU A 717 47.11 -32.61 9.69
CA LEU A 717 48.30 -32.64 10.52
C LEU A 717 49.48 -33.16 9.70
N PRO A 718 50.60 -32.43 9.65
CA PRO A 718 51.77 -32.94 8.95
C PRO A 718 52.28 -34.22 9.60
N ARG A 719 52.75 -35.15 8.77
CA ARG A 719 53.27 -36.42 9.23
C ARG A 719 54.80 -36.34 9.31
N VAL A 720 55.43 -37.47 9.65
CA VAL A 720 56.87 -37.58 9.71
C VAL A 720 57.34 -38.38 8.50
N GLY A 721 58.37 -37.85 7.82
CA GLY A 721 58.87 -38.52 6.64
C GLY A 721 58.02 -38.37 5.41
N GLU A 722 57.06 -37.46 5.43
CA GLU A 722 56.17 -37.23 4.30
C GLU A 722 56.22 -35.76 3.90
N ILE A 723 55.82 -35.48 2.66
CA ILE A 723 55.85 -34.12 2.16
C ILE A 723 54.81 -33.27 2.89
N CYS A 724 55.15 -32.01 3.10
CA CYS A 724 54.27 -31.06 3.77
C CYS A 724 54.35 -29.71 3.08
N TYR A 725 53.23 -29.02 3.01
CA TYR A 725 53.13 -27.75 2.32
C TYR A 725 53.04 -26.62 3.33
N ALA A 726 53.88 -25.62 3.17
CA ALA A 726 53.87 -24.42 4.00
C ALA A 726 53.47 -23.23 3.15
N TYR A 727 52.40 -22.55 3.54
CA TYR A 727 51.89 -21.39 2.83
C TYR A 727 52.26 -20.14 3.64
N GLU A 728 53.23 -19.38 3.15
CA GLU A 728 53.64 -18.16 3.83
C GLU A 728 52.51 -17.14 3.81
N ILE A 729 52.40 -16.37 4.88
CA ILE A 729 51.37 -15.34 5.02
C ILE A 729 52.06 -13.98 4.94
N PHE A 730 51.59 -13.14 4.04
CA PHE A 730 52.15 -11.81 3.85
C PHE A 730 51.16 -10.76 4.37
N LEU A 731 51.68 -9.77 5.08
CA LEU A 731 50.87 -8.68 5.62
C LEU A 731 51.32 -7.39 4.97
N GLU A 732 50.39 -6.71 4.29
CA GLU A 732 50.71 -5.49 3.57
C GLU A 732 50.10 -4.30 4.29
N PRO A 733 50.90 -3.44 4.90
CA PRO A 733 50.32 -2.23 5.52
C PRO A 733 49.93 -1.19 4.48
N GLN A 734 48.65 -0.86 4.42
CA GLN A 734 48.17 0.14 3.48
C GLN A 734 48.26 1.57 4.02
N PHE A 735 48.55 1.74 5.30
CA PHE A 735 48.65 3.08 5.87
C PHE A 735 50.03 3.68 5.55
N GLU A 736 50.08 5.01 5.58
CA GLU A 736 51.34 5.70 5.37
C GLU A 736 52.28 5.49 6.55
N SER A 737 53.58 5.50 6.27
CA SER A 737 54.60 5.20 7.26
C SER A 737 54.90 6.42 8.13
N CYS A 738 53.93 6.78 8.97
CA CYS A 738 54.12 7.85 9.94
C CYS A 738 55.01 7.37 11.08
N GLU A 739 55.53 8.34 11.84
CA GLU A 739 56.37 8.00 12.98
C GLU A 739 55.56 7.28 14.06
N TYR A 740 54.28 7.62 14.20
CA TYR A 740 53.42 6.92 15.14
C TYR A 740 53.22 5.46 14.74
N THR A 741 53.10 5.20 13.43
CA THR A 741 52.94 3.85 12.91
C THR A 741 54.26 3.23 12.48
N GLU A 742 55.39 3.90 12.76
CA GLU A 742 56.67 3.43 12.25
C GLU A 742 56.99 2.02 12.75
N HIS A 743 56.80 1.78 14.05
CA HIS A 743 57.00 0.44 14.59
C HIS A 743 56.03 -0.55 13.99
N MET A 744 54.78 -0.15 13.81
CA MET A 744 53.79 -1.02 13.19
C MET A 744 54.13 -1.27 11.73
N TYR A 745 54.52 -0.21 11.02
CA TYR A 745 54.73 -0.31 9.58
C TYR A 745 55.98 -1.13 9.25
N LEU A 746 57.10 -0.84 9.91
CA LEU A 746 58.36 -1.45 9.51
C LEU A 746 58.40 -2.93 9.85
N ASN A 747 57.88 -3.31 11.02
CA ASN A 747 57.98 -4.71 11.45
C ASN A 747 57.12 -5.64 10.61
N LEU A 748 56.17 -5.11 9.84
CA LEU A 748 55.31 -5.97 9.02
C LEU A 748 55.92 -6.31 7.67
N GLN A 749 57.01 -5.66 7.29
CA GLN A 749 57.63 -5.90 5.99
C GLN A 749 58.90 -6.73 6.10
N THR A 750 59.21 -7.24 7.29
CA THR A 750 60.42 -8.04 7.46
C THR A 750 60.28 -9.37 6.71
N PRO A 751 61.39 -9.92 6.23
CA PRO A 751 61.32 -11.23 5.57
C PRO A 751 60.83 -12.34 6.48
N ARG A 752 61.08 -12.25 7.78
CA ARG A 752 60.64 -13.28 8.71
C ARG A 752 59.12 -13.33 8.76
N ASN A 753 58.59 -14.54 8.70
CA ASN A 753 57.14 -14.74 8.62
C ASN A 753 56.81 -16.09 9.22
N TYR A 754 55.52 -16.36 9.37
CA TYR A 754 55.02 -17.67 9.77
C TYR A 754 54.19 -18.25 8.64
N ALA A 755 54.15 -19.58 8.57
CA ALA A 755 53.44 -20.27 7.51
C ALA A 755 52.52 -21.34 8.09
N ILE A 756 51.42 -21.61 7.40
CA ILE A 756 50.47 -22.63 7.81
C ILE A 756 50.96 -23.94 7.20
N LEU A 757 51.37 -24.87 8.06
CA LEU A 757 51.82 -26.17 7.59
C LEU A 757 50.64 -27.11 7.46
N LEU A 758 50.48 -27.68 6.26
CA LEU A 758 49.34 -28.54 5.98
C LEU A 758 49.82 -29.82 5.29
N ARG A 759 49.08 -30.89 5.52
CA ARG A 759 49.25 -32.13 4.78
C ARG A 759 48.46 -32.12 3.47
N ASN A 760 47.58 -31.15 3.29
CA ASN A 760 46.77 -31.04 2.08
C ASN A 760 47.06 -29.71 1.39
N LYS A 761 47.06 -29.73 0.07
CA LYS A 761 47.32 -28.52 -0.70
C LYS A 761 46.17 -27.54 -0.55
N LEU A 762 46.49 -26.25 -0.58
CA LEU A 762 45.47 -25.24 -0.45
C LEU A 762 45.18 -24.57 -1.79
N PRO A 763 43.92 -24.22 -2.05
CA PRO A 763 43.61 -23.47 -3.27
C PRO A 763 43.99 -22.01 -3.14
N ARG A 764 43.82 -21.24 -4.21
CA ARG A 764 44.10 -19.82 -4.16
C ARG A 764 43.05 -19.10 -3.32
N LEU A 765 43.51 -18.13 -2.54
CA LEU A 765 42.64 -17.40 -1.64
C LEU A 765 42.71 -15.90 -1.93
N ALA A 766 41.61 -15.21 -1.66
CA ALA A 766 41.51 -13.80 -1.95
C ALA A 766 42.37 -12.99 -0.98
N GLU A 767 42.57 -11.72 -1.31
CA GLU A 767 43.34 -10.84 -0.45
C GLU A 767 42.52 -10.45 0.77
N MET A 768 43.15 -10.47 1.93
CA MET A 768 42.45 -10.40 3.20
C MET A 768 42.49 -8.97 3.71
N PRO A 769 41.35 -8.30 3.86
CA PRO A 769 41.37 -6.96 4.47
C PRO A 769 41.29 -7.03 5.99
N LEU A 770 42.29 -6.47 6.68
CA LEU A 770 42.32 -6.43 8.13
C LEU A 770 42.47 -4.99 8.60
N PHE A 771 42.04 -4.73 9.83
CA PHE A 771 42.04 -3.39 10.40
C PHE A 771 42.73 -3.42 11.75
N SER A 772 43.99 -2.99 11.80
CA SER A 772 44.69 -2.84 13.06
C SER A 772 44.30 -1.49 13.69
N ASN A 773 44.91 -1.20 14.84
CA ASN A 773 44.68 0.10 15.47
C ASN A 773 45.26 1.24 14.63
N GLN A 774 46.43 1.03 14.03
CA GLN A 774 47.06 2.08 13.24
C GLN A 774 46.32 2.32 11.93
N GLY A 775 45.93 1.26 11.24
CA GLY A 775 45.25 1.43 9.97
C GLY A 775 44.90 0.09 9.36
N LYS A 776 44.45 0.16 8.11
CA LYS A 776 44.04 -1.04 7.39
C LYS A 776 45.25 -1.90 7.03
N LEU A 777 45.04 -3.21 7.02
CA LEU A 777 46.07 -4.17 6.63
C LEU A 777 45.55 -5.03 5.49
N HIS A 778 46.43 -5.33 4.54
CA HIS A 778 46.13 -6.24 3.44
C HIS A 778 46.94 -7.51 3.66
N VAL A 779 46.27 -8.66 3.62
CA VAL A 779 46.90 -9.95 3.88
C VAL A 779 46.61 -10.88 2.71
N ARG A 780 47.64 -11.58 2.25
CA ARG A 780 47.48 -12.56 1.20
C ARG A 780 48.31 -13.79 1.51
N VAL A 781 47.80 -14.95 1.11
CA VAL A 781 48.48 -16.22 1.33
C VAL A 781 49.25 -16.58 0.06
N ALA A 782 50.47 -17.08 0.23
CA ALA A 782 51.30 -17.42 -0.92
C ALA A 782 50.62 -18.45 -1.79
N ASN A 783 50.63 -18.21 -3.10
CA ASN A 783 49.99 -19.13 -4.03
C ASN A 783 50.77 -20.44 -4.14
N ALA A 784 52.10 -20.35 -4.16
CA ALA A 784 52.94 -21.53 -4.34
C ALA A 784 53.26 -22.15 -2.98
N PRO A 785 52.88 -23.40 -2.75
CA PRO A 785 53.18 -24.03 -1.46
C PRO A 785 54.66 -24.39 -1.37
N LEU A 786 55.31 -23.90 -0.31
CA LEU A 786 56.72 -24.18 -0.07
C LEU A 786 56.83 -25.59 0.49
N GLU A 787 57.07 -26.57 -0.39
CA GLU A 787 57.08 -27.96 0.01
C GLU A 787 58.30 -28.27 0.88
N VAL A 788 58.07 -28.99 1.98
CA VAL A 788 59.14 -29.41 2.87
C VAL A 788 58.84 -30.83 3.34
N ILE A 789 59.83 -31.44 4.00
CA ILE A 789 59.72 -32.80 4.52
C ILE A 789 60.14 -32.78 5.98
N ILE A 790 59.37 -33.49 6.81
CA ILE A 790 59.71 -33.60 8.24
C ILE A 790 60.72 -34.71 8.43
N GLN A 791 61.88 -34.36 9.00
CA GLN A 791 62.97 -35.32 9.13
C GLN A 791 62.68 -36.36 10.20
N ASN A 792 62.22 -35.94 11.37
CA ASN A 792 62.10 -36.81 12.52
C ASN A 792 60.89 -36.44 13.36
N SER A 793 60.50 -37.36 14.23
CA SER A 793 59.35 -37.13 15.11
C SER A 793 59.61 -35.99 16.08
N GLU A 794 60.85 -35.86 16.57
CA GLU A 794 61.18 -34.79 17.50
C GLU A 794 60.96 -33.42 16.87
N GLN A 795 61.25 -33.28 15.58
CA GLN A 795 60.97 -32.03 14.89
C GLN A 795 59.48 -31.72 14.91
N LEU A 796 58.65 -32.73 14.66
CA LEU A 796 57.21 -32.54 14.70
C LEU A 796 56.74 -32.15 16.10
N GLU A 797 57.31 -32.79 17.13
CA GLU A 797 56.95 -32.46 18.51
C GLU A 797 57.33 -31.02 18.83
N LEU A 798 58.51 -30.59 18.38
CA LEU A 798 58.91 -29.20 18.58
C LEU A 798 57.96 -28.25 17.88
N LEU A 799 57.56 -28.58 16.65
CA LEU A 799 56.61 -27.75 15.93
C LEU A 799 55.30 -27.62 16.69
N HIS A 800 54.77 -28.75 17.17
CA HIS A 800 53.48 -28.73 17.85
C HIS A 800 53.57 -27.99 19.18
N GLN A 801 54.69 -28.16 19.89
CA GLN A 801 54.85 -27.45 21.16
C GLN A 801 55.02 -25.96 20.95
N PHE A 802 55.71 -25.54 19.89
CA PHE A 802 55.77 -24.11 19.58
C PHE A 802 54.39 -23.58 19.23
N HIS A 803 53.61 -24.36 18.47
CA HIS A 803 52.25 -23.95 18.16
C HIS A 803 51.41 -23.77 19.41
N GLY A 804 51.54 -24.70 20.35
CA GLY A 804 50.82 -24.56 21.62
C GLY A 804 51.31 -23.38 22.43
N MET A 805 52.63 -23.16 22.44
CA MET A 805 53.22 -22.08 23.22
C MET A 805 52.72 -20.72 22.74
N VAL A 806 52.62 -20.55 21.42
CA VAL A 806 52.18 -19.27 20.89
C VAL A 806 50.81 -18.90 21.47
N PHE A 807 49.86 -19.82 21.38
CA PHE A 807 48.52 -19.57 21.88
C PHE A 807 48.50 -19.42 23.40
N ARG A 808 49.27 -20.25 24.09
CA ARG A 808 49.21 -20.25 25.55
C ARG A 808 49.77 -18.96 26.13
N ASP A 809 50.91 -18.50 25.61
CA ASP A 809 51.62 -17.39 26.22
C ASP A 809 51.52 -16.09 25.43
N ILE A 810 51.81 -16.11 24.13
CA ILE A 810 51.83 -14.87 23.37
C ILE A 810 50.42 -14.32 23.19
N LEU A 811 49.46 -15.20 22.90
CA LEU A 811 48.08 -14.78 22.72
C LEU A 811 47.20 -15.04 23.94
N LYS A 812 47.59 -15.98 24.79
CA LYS A 812 46.87 -16.28 26.03
C LYS A 812 45.44 -16.71 25.78
N ILE A 813 45.21 -17.42 24.67
CA ILE A 813 43.91 -18.07 24.44
C ILE A 813 44.01 -19.44 25.09
N TRP A 814 43.78 -19.47 26.40
CA TRP A 814 43.94 -20.71 27.16
C TRP A 814 42.85 -20.81 28.21
N HIS A 815 42.51 -22.05 28.52
CA HIS A 815 41.60 -22.45 29.58
C HIS A 815 42.16 -23.69 30.26
N PRO A 816 41.80 -23.94 31.52
CA PRO A 816 42.38 -25.09 32.22
C PRO A 816 42.11 -26.42 31.53
N PHE A 817 41.05 -26.54 30.75
CA PHE A 817 40.70 -27.80 30.11
C PHE A 817 41.31 -28.00 28.74
N PHE A 818 41.97 -26.99 28.16
CA PHE A 818 42.63 -27.18 26.88
C PHE A 818 43.78 -28.16 26.97
N VAL A 819 43.90 -29.00 25.94
CA VAL A 819 45.01 -29.94 25.78
C VAL A 819 45.40 -29.92 24.30
N LEU A 820 46.67 -30.23 24.04
CA LEU A 820 47.16 -30.28 22.66
C LEU A 820 46.39 -31.34 21.88
N ASP A 821 45.91 -30.95 20.70
CA ASP A 821 45.16 -31.88 19.83
C ASP A 821 46.16 -32.66 18.99
N ARG A 822 46.79 -33.65 19.65
CA ARG A 822 47.80 -34.45 18.98
C ARG A 822 47.20 -35.27 17.84
N ARG A 823 46.01 -35.83 18.06
CA ARG A 823 45.39 -36.70 17.06
C ARG A 823 45.00 -35.90 15.82
N SER A 824 44.92 -36.59 14.69
CA SER A 824 44.60 -35.97 13.41
C SER A 824 43.08 -35.94 13.24
N LYS A 825 42.50 -34.77 13.37
CA LYS A 825 41.05 -34.58 13.28
C LYS A 825 40.81 -33.20 12.69
N GLU A 826 39.59 -32.69 12.86
CA GLU A 826 39.24 -31.38 12.33
C GLU A 826 40.15 -30.30 12.89
N ASN A 827 40.48 -29.32 12.05
CA ASN A 827 41.35 -28.20 12.43
C ASN A 827 42.69 -28.70 12.98
N SER A 828 43.37 -29.52 12.19
CA SER A 828 44.64 -30.10 12.61
C SER A 828 45.83 -29.41 11.96
N TYR A 829 45.64 -28.22 11.40
CA TYR A 829 46.75 -27.50 10.79
C TYR A 829 47.58 -26.80 11.87
N LEU A 830 48.78 -26.40 11.49
CA LEU A 830 49.71 -25.76 12.41
C LEU A 830 50.27 -24.49 11.79
N VAL A 831 50.82 -23.64 12.65
CA VAL A 831 51.47 -22.39 12.24
C VAL A 831 52.96 -22.55 12.53
N VAL A 832 53.79 -22.31 11.52
CA VAL A 832 55.23 -22.52 11.66
C VAL A 832 55.97 -21.27 11.20
N PRO A 833 56.90 -20.74 11.99
CA PRO A 833 57.68 -19.58 11.56
C PRO A 833 58.65 -19.92 10.44
N LEU A 834 58.96 -18.92 9.63
CA LEU A 834 59.84 -19.08 8.48
C LEU A 834 61.00 -18.10 8.56
N ILE A 835 62.17 -18.55 8.12
CA ILE A 835 63.37 -17.73 8.06
C ILE A 835 64.04 -17.94 6.72
N LEU A 836 64.85 -16.96 6.32
CA LEU A 836 65.59 -17.02 5.06
C LEU A 836 66.66 -18.10 5.15
N GLY A 837 66.49 -19.16 4.38
CA GLY A 837 67.46 -20.25 4.33
C GLY A 837 68.49 -20.03 3.23
N ALA A 838 69.05 -21.14 2.76
CA ALA A 838 70.00 -21.08 1.67
C ALA A 838 69.35 -20.54 0.40
N GLY A 839 70.02 -19.59 -0.25
CA GLY A 839 69.44 -18.97 -1.42
C GLY A 839 68.21 -18.14 -1.06
N GLU A 840 67.28 -18.06 -2.01
CA GLU A 840 66.04 -17.34 -1.82
C GLU A 840 64.90 -18.24 -1.33
N GLN A 841 65.15 -19.53 -1.14
CA GLN A 841 64.14 -20.45 -0.66
C GLN A 841 64.18 -20.47 0.87
N LYS A 842 63.09 -20.02 1.49
CA LYS A 842 63.04 -19.96 2.95
C LYS A 842 62.96 -21.37 3.53
N CYS A 843 63.48 -21.51 4.74
CA CYS A 843 63.52 -22.79 5.44
C CYS A 843 62.99 -22.60 6.87
N PHE A 844 62.69 -23.72 7.52
CA PHE A 844 62.16 -23.67 8.86
C PHE A 844 63.17 -23.09 9.83
N ASP A 845 62.70 -22.23 10.74
CA ASP A 845 63.56 -21.53 11.69
C ASP A 845 63.65 -22.36 12.96
N TRP A 846 64.46 -23.41 12.90
CA TRP A 846 64.59 -24.34 14.01
C TRP A 846 65.24 -23.71 15.23
N GLU A 847 66.09 -22.69 15.06
CA GLU A 847 66.79 -22.10 16.18
C GLU A 847 65.82 -21.48 17.18
N LEU A 848 64.83 -20.73 16.69
CA LEU A 848 63.89 -20.07 17.59
C LEU A 848 63.02 -21.10 18.29
N MET A 849 62.43 -22.02 17.54
CA MET A 849 61.51 -23.02 18.08
C MET A 849 62.22 -24.04 18.96
N THR A 850 63.54 -24.15 18.89
CA THR A 850 64.24 -25.03 19.82
C THR A 850 64.39 -24.39 21.19
N ASN A 851 64.55 -23.06 21.24
CA ASN A 851 64.78 -22.35 22.48
C ASN A 851 63.54 -21.72 23.09
N PHE A 852 62.38 -21.86 22.45
CA PHE A 852 61.16 -21.21 22.90
C PHE A 852 60.02 -22.21 23.00
N ARG A 853 60.29 -23.35 23.63
CA ARG A 853 59.23 -24.31 23.90
C ARG A 853 58.17 -23.72 24.82
N ARG A 854 58.58 -22.83 25.73
CA ARG A 854 57.66 -22.11 26.59
C ARG A 854 58.33 -20.83 27.04
N LEU A 855 57.55 -19.75 27.12
CA LEU A 855 58.11 -18.47 27.55
C LEU A 855 58.61 -18.57 28.98
N PRO A 856 59.80 -18.05 29.28
CA PRO A 856 60.27 -18.05 30.67
C PRO A 856 59.36 -17.19 31.55
N GLN A 857 59.29 -17.57 32.82
CA GLN A 857 58.45 -16.84 33.76
C GLN A 857 58.95 -15.41 33.93
N SER A 858 58.02 -14.49 34.16
CA SER A 858 58.37 -13.08 34.27
C SER A 858 59.11 -12.82 35.57
N HIS A 859 60.36 -13.27 35.64
CA HIS A 859 61.16 -13.16 36.85
C HIS A 859 61.48 -11.70 37.15
N GLY A 860 61.38 -11.34 38.42
CA GLY A 860 61.85 -10.06 38.91
C GLY A 860 63.34 -10.11 39.19
N SER A 861 63.81 -9.13 39.95
CA SER A 861 65.23 -9.07 40.32
C SER A 861 65.39 -8.16 41.53
N ASN A 862 65.93 -8.70 42.61
CA ASN A 862 66.33 -7.87 43.74
C ASN A 862 67.60 -7.10 43.39
N VAL A 863 67.85 -6.04 44.15
CA VAL A 863 69.00 -5.18 43.89
C VAL A 863 70.31 -5.93 44.02
N GLN A 864 70.32 -7.05 44.75
CA GLN A 864 71.54 -7.85 44.87
C GLN A 864 71.93 -8.47 43.54
N GLN A 865 70.95 -8.89 42.73
CA GLN A 865 71.25 -9.60 41.50
C GLN A 865 72.00 -8.71 40.51
N ARG A 866 71.56 -7.46 40.34
CA ARG A 866 72.21 -6.59 39.36
C ARG A 866 73.65 -6.32 39.72
N GLU A 867 73.95 -6.06 41.00
CA GLU A 867 75.33 -5.76 41.38
C GLU A 867 76.23 -6.98 41.28
N GLN A 868 75.65 -8.18 41.16
CA GLN A 868 76.43 -9.40 41.00
C GLN A 868 76.29 -10.03 39.62
N GLN A 869 75.23 -9.74 38.87
CA GLN A 869 75.13 -10.33 37.55
C GLN A 869 75.62 -9.35 36.49
N PRO A 870 76.40 -9.82 35.52
CA PRO A 870 76.93 -8.93 34.49
C PRO A 870 75.82 -8.25 33.69
N ALA A 871 76.04 -7.00 33.33
CA ALA A 871 75.04 -6.23 32.60
C ALA A 871 74.88 -6.77 31.19
N PRO A 872 73.66 -6.92 30.69
CA PRO A 872 73.47 -7.42 29.33
C PRO A 872 73.98 -6.44 28.29
N ARG A 873 74.41 -6.99 27.15
CA ARG A 873 74.92 -6.16 26.07
C ARG A 873 73.79 -5.38 25.40
N PRO A 874 74.08 -4.16 24.92
CA PRO A 874 73.02 -3.35 24.31
C PRO A 874 72.37 -3.98 23.09
N GLU A 875 73.14 -4.72 22.29
CA GLU A 875 72.60 -5.33 21.08
C GLU A 875 71.61 -6.45 21.39
N ASP A 876 71.63 -6.99 22.60
CA ASP A 876 70.71 -8.09 22.93
C ASP A 876 69.26 -7.62 22.96
N PHE A 877 69.04 -6.32 23.15
CA PHE A 877 67.68 -5.80 23.30
C PHE A 877 67.09 -5.26 22.01
N GLU A 878 67.85 -5.19 20.92
CA GLU A 878 67.34 -4.60 19.69
C GLU A 878 66.25 -5.45 19.06
N GLY A 879 65.06 -4.89 18.92
CA GLY A 879 63.95 -5.61 18.30
C GLY A 879 63.52 -6.84 19.06
N LYS A 880 63.44 -6.74 20.38
CA LYS A 880 63.07 -7.86 21.23
C LYS A 880 61.84 -7.50 22.06
N ILE A 881 61.44 -8.42 22.93
CA ILE A 881 60.27 -8.25 23.79
C ILE A 881 60.75 -8.24 25.24
N VAL A 882 60.40 -7.18 25.97
CA VAL A 882 60.79 -7.04 27.37
C VAL A 882 59.54 -7.01 28.25
N THR A 883 59.73 -6.93 29.56
CA THR A 883 58.61 -6.87 30.49
C THR A 883 59.01 -6.02 31.69
N GLN A 884 58.22 -4.97 31.95
CA GLN A 884 58.39 -4.13 33.13
C GLN A 884 57.85 -4.88 34.33
N TRP A 885 58.67 -5.76 34.89
CA TRP A 885 58.20 -6.66 35.94
C TRP A 885 57.81 -5.92 37.21
N TYR A 886 58.52 -4.84 37.55
CA TYR A 886 58.26 -4.15 38.80
C TYR A 886 56.94 -3.38 38.81
N ALA A 887 56.30 -3.22 37.65
CA ALA A 887 55.04 -2.49 37.59
C ALA A 887 53.89 -3.32 37.03
N ASN A 888 54.15 -4.15 36.01
CA ASN A 888 53.10 -4.95 35.37
C ASN A 888 53.73 -6.28 34.99
N TYR A 889 53.45 -7.32 35.77
CA TYR A 889 54.14 -8.59 35.62
C TYR A 889 53.81 -9.27 34.29
N ASP A 890 52.54 -9.28 33.91
CA ASP A 890 52.09 -10.07 32.78
C ASP A 890 52.07 -9.29 31.47
N LYS A 891 52.41 -8.01 31.48
CA LYS A 891 52.37 -7.21 30.26
C LYS A 891 53.64 -7.45 29.43
N PRO A 892 53.53 -7.94 28.19
CA PRO A 892 54.69 -7.99 27.31
C PRO A 892 54.91 -6.66 26.62
N MET A 893 56.18 -6.25 26.53
CA MET A 893 56.51 -4.90 26.13
C MET A 893 57.51 -4.98 24.98
N LEU A 894 57.26 -4.22 23.92
CA LEU A 894 58.01 -4.37 22.66
C LEU A 894 59.06 -3.27 22.53
N VAL A 895 60.29 -3.69 22.26
CA VAL A 895 61.39 -2.75 22.02
C VAL A 895 61.38 -2.31 20.57
N THR A 896 61.34 -0.99 20.35
CA THR A 896 61.39 -0.43 19.02
C THR A 896 62.67 0.34 18.73
N LYS A 897 63.51 0.58 19.73
CA LYS A 897 64.72 1.37 19.55
C LYS A 897 65.64 1.13 20.73
N VAL A 898 66.92 1.44 20.54
CA VAL A 898 67.92 1.42 21.60
C VAL A 898 68.58 2.79 21.64
N HIS A 899 68.81 3.29 22.85
CA HIS A 899 69.38 4.63 23.06
C HIS A 899 70.69 4.49 23.81
N ARG A 900 71.78 4.31 23.06
CA ARG A 900 73.10 4.23 23.68
C ARG A 900 73.60 5.59 24.16
N GLU A 901 73.01 6.68 23.67
CA GLU A 901 73.43 8.02 24.02
C GLU A 901 72.77 8.55 25.28
N LEU A 902 71.87 7.79 25.90
CA LEU A 902 71.18 8.22 27.10
C LEU A 902 71.61 7.38 28.28
N THR A 903 71.68 8.02 29.44
CA THR A 903 72.08 7.40 30.70
C THR A 903 70.98 7.64 31.73
N PRO A 904 70.91 6.79 32.76
CA PRO A 904 69.90 7.01 33.81
C PRO A 904 70.05 8.36 34.52
N LEU A 905 71.21 8.98 34.44
CA LEU A 905 71.39 10.30 35.03
C LEU A 905 70.86 11.42 34.13
N SER A 906 70.48 11.12 32.90
CA SER A 906 69.96 12.15 32.00
C SER A 906 68.57 12.60 32.44
N TYR A 907 68.25 13.84 32.11
CA TYR A 907 67.00 14.45 32.52
C TYR A 907 65.84 13.93 31.68
N MET A 908 64.63 14.39 31.99
CA MET A 908 63.46 14.09 31.16
C MET A 908 63.64 14.62 29.75
N GLU A 909 62.94 14.00 28.82
CA GLU A 909 62.98 14.46 27.42
C GLU A 909 62.11 15.70 27.23
N LYS A 910 60.99 15.80 27.94
CA LYS A 910 60.08 16.91 27.71
C LYS A 910 59.08 16.99 28.85
N ASN A 911 58.67 18.22 29.16
CA ASN A 911 57.55 18.56 30.04
C ASN A 911 57.88 18.33 31.52
N GLN A 912 59.01 17.66 31.80
CA GLN A 912 59.50 17.53 33.16
C GLN A 912 61.02 17.61 33.21
N GLN A 913 61.61 18.39 32.31
CA GLN A 913 63.06 18.41 32.10
C GLN A 913 63.87 18.62 33.37
N ASP A 914 63.23 19.02 34.47
CA ASP A 914 63.91 19.14 35.75
C ASP A 914 64.17 17.80 36.42
N LYS A 915 63.59 16.72 35.91
CA LYS A 915 63.68 15.40 36.52
C LYS A 915 64.62 14.52 35.70
N THR A 916 65.51 13.79 36.37
CA THR A 916 66.29 12.78 35.68
C THR A 916 65.64 11.41 35.82
N TYR A 917 66.09 10.47 35.00
CA TYR A 917 65.56 9.11 35.04
C TYR A 917 65.74 8.49 36.41
N TYR A 918 66.91 8.66 37.01
CA TYR A 918 67.20 8.03 38.29
C TYR A 918 66.26 8.53 39.39
N GLU A 919 66.13 9.84 39.52
CA GLU A 919 65.30 10.40 40.58
C GLU A 919 63.81 10.19 40.30
N PHE A 920 63.41 10.22 39.02
CA PHE A 920 62.03 9.91 38.68
C PHE A 920 61.67 8.48 39.09
N THR A 921 62.55 7.54 38.75
CA THR A 921 62.31 6.14 39.11
C THR A 921 62.32 5.96 40.62
N MET A 922 63.24 6.62 41.32
CA MET A 922 63.33 6.46 42.76
C MET A 922 62.26 7.25 43.51
N SER A 923 61.54 8.15 42.84
CA SER A 923 60.43 8.83 43.49
C SER A 923 59.12 8.08 43.28
N LYS A 924 58.88 7.59 42.06
CA LYS A 924 57.69 6.79 41.84
C LYS A 924 57.84 5.34 42.26
N TYR A 925 59.05 4.92 42.63
CA TYR A 925 59.32 3.55 43.06
C TYR A 925 60.47 3.60 44.06
N GLY A 926 61.10 2.46 44.28
CA GLY A 926 62.20 2.37 45.22
C GLY A 926 62.03 1.18 46.16
N ASN A 927 60.79 0.94 46.58
CA ASN A 927 60.47 -0.30 47.26
C ASN A 927 60.48 -1.44 46.26
N ARG A 928 60.75 -2.65 46.77
CA ARG A 928 60.77 -3.94 46.06
C ARG A 928 61.76 -3.96 44.90
N ILE A 929 62.53 -2.88 44.69
CA ILE A 929 63.52 -2.85 43.60
C ILE A 929 64.87 -2.35 44.05
N GLY A 930 65.00 -1.73 45.23
CA GLY A 930 66.26 -1.12 45.60
C GLY A 930 66.57 0.06 44.70
N ASP A 931 67.84 0.41 44.64
CA ASP A 931 68.32 1.45 43.72
C ASP A 931 68.87 0.79 42.46
N VAL A 932 69.28 1.61 41.52
CA VAL A 932 69.84 1.12 40.26
C VAL A 932 71.35 1.00 40.40
N VAL A 933 71.92 -0.03 39.79
CA VAL A 933 73.35 -0.30 39.87
C VAL A 933 74.07 0.48 38.79
N HIS A 934 73.75 0.21 37.53
CA HIS A 934 74.39 0.85 36.39
C HIS A 934 73.66 2.15 36.09
N LYS A 935 74.22 3.25 36.56
CA LYS A 935 73.67 4.59 36.34
C LYS A 935 74.22 5.25 35.08
N ASP A 936 74.99 4.52 34.28
CA ASP A 936 75.64 5.07 33.11
C ASP A 936 75.32 4.33 31.82
N LYS A 937 74.59 3.22 31.89
CA LYS A 937 74.36 2.41 30.71
C LYS A 937 73.28 3.02 29.81
N PHE A 938 72.95 2.29 28.76
CA PHE A 938 72.02 2.76 27.74
C PHE A 938 70.59 2.70 28.24
N MET A 939 69.67 3.13 27.38
CA MET A 939 68.24 3.10 27.66
C MET A 939 67.49 2.57 26.44
N ILE A 940 66.20 2.27 26.63
CA ILE A 940 65.37 1.67 25.62
C ILE A 940 64.11 2.50 25.41
N GLU A 941 63.71 2.67 24.15
CA GLU A 941 62.41 3.21 23.80
C GLU A 941 61.50 2.07 23.37
N VAL A 942 60.35 1.97 24.02
CA VAL A 942 59.45 0.84 23.83
C VAL A 942 58.02 1.34 23.62
N ARG A 943 57.24 0.52 22.92
CA ARG A 943 55.89 0.89 22.53
C ARG A 943 54.91 -0.22 22.90
N ASP A 944 53.73 0.19 23.35
CA ASP A 944 52.74 -0.74 23.87
C ASP A 944 52.16 -1.62 22.76
N LEU A 945 51.54 -2.72 23.18
CA LEU A 945 50.90 -3.67 22.28
C LEU A 945 49.42 -3.75 22.61
N THR A 946 48.57 -3.70 21.59
CA THR A 946 47.15 -3.81 21.84
C THR A 946 46.78 -5.23 22.26
N GLU A 947 45.71 -5.34 23.04
CA GLU A 947 45.21 -6.62 23.50
C GLU A 947 44.04 -7.13 22.65
N GLN A 948 43.66 -6.39 21.61
CA GLN A 948 42.60 -6.84 20.72
C GLN A 948 43.03 -8.08 19.96
N LEU A 949 42.07 -8.93 19.61
CA LEU A 949 42.33 -10.09 18.79
C LEU A 949 41.38 -10.15 17.60
N THR A 950 40.31 -9.36 17.66
CA THR A 950 39.38 -9.22 16.55
C THR A 950 39.65 -7.90 15.84
N PHE A 951 39.95 -7.97 14.55
CA PHE A 951 40.36 -6.81 13.77
C PHE A 951 39.46 -6.60 12.56
N TYR A 952 38.15 -6.68 12.76
CA TYR A 952 37.18 -6.48 11.70
C TYR A 952 36.36 -5.21 11.89
N VAL A 953 36.98 -4.16 12.44
CA VAL A 953 36.30 -2.90 12.70
C VAL A 953 37.06 -1.77 12.03
N HIS A 954 36.34 -0.96 11.25
CA HIS A 954 36.97 0.16 10.56
C HIS A 954 37.35 1.29 11.51
N ASN A 955 36.50 1.55 12.51
CA ASN A 955 36.72 2.69 13.38
C ASN A 955 37.93 2.47 14.28
N ARG A 956 38.49 3.59 14.73
CA ARG A 956 39.73 3.61 15.50
C ARG A 956 39.53 4.44 16.77
N GLY A 957 40.53 4.39 17.64
CA GLY A 957 40.49 5.14 18.89
C GLY A 957 41.77 5.88 19.20
N LYS A 958 42.55 6.21 18.16
CA LYS A 958 43.79 6.93 18.35
C LYS A 958 43.50 8.39 18.74
N PHE A 959 44.30 8.90 19.68
CA PHE A 959 44.19 10.28 20.11
C PHE A 959 45.54 10.96 20.03
N ASN A 960 45.51 12.28 19.79
CA ASN A 960 46.73 13.05 19.55
C ASN A 960 47.53 13.24 20.84
N ALA A 961 46.85 13.63 21.93
CA ALA A 961 47.52 13.68 23.22
C ALA A 961 48.06 12.31 23.59
N LYS A 962 47.29 11.27 23.29
CA LYS A 962 47.78 9.90 23.43
C LYS A 962 49.00 9.68 22.53
N SER A 963 49.00 10.29 21.34
CA SER A 963 50.12 10.08 20.42
C SER A 963 51.43 10.60 21.02
N LYS A 964 51.42 11.80 21.60
CA LYS A 964 52.63 12.20 22.34
C LYS A 964 52.83 11.39 23.60
N ALA A 965 51.76 10.98 24.29
CA ALA A 965 51.92 10.23 25.52
C ALA A 965 52.56 8.86 25.30
N LYS A 966 52.50 8.34 24.08
CA LYS A 966 52.91 6.95 23.84
C LYS A 966 54.40 6.83 23.57
N MET A 967 54.98 7.74 22.78
CA MET A 967 56.39 7.56 22.38
C MET A 967 57.34 7.96 23.51
N LYS A 968 56.84 8.58 24.56
CA LYS A 968 57.63 8.94 25.72
C LYS A 968 57.90 7.77 26.66
N VAL A 969 57.60 6.55 26.25
CA VAL A 969 57.81 5.40 27.12
C VAL A 969 59.26 4.96 27.05
N ILE A 970 60.02 5.26 28.09
CA ILE A 970 61.45 4.97 28.16
C ILE A 970 61.72 4.20 29.44
N LEU A 971 62.42 3.07 29.33
CA LEU A 971 62.66 2.20 30.47
C LEU A 971 64.14 1.85 30.59
N ILE A 972 64.53 1.54 31.82
CA ILE A 972 65.90 1.11 32.14
C ILE A 972 66.06 -0.35 31.74
N PRO A 973 67.07 -0.69 30.92
CA PRO A 973 67.16 -2.06 30.41
C PRO A 973 67.33 -3.12 31.49
N GLU A 974 68.06 -2.82 32.56
CA GLU A 974 68.30 -3.83 33.58
C GLU A 974 67.15 -3.97 34.57
N LEU A 975 66.17 -3.07 34.54
CA LEU A 975 65.01 -3.19 35.40
C LEU A 975 63.83 -3.87 34.72
N CYS A 976 64.02 -4.37 33.50
CA CYS A 976 62.99 -5.09 32.78
C CYS A 976 63.52 -6.43 32.31
N PHE A 977 62.63 -7.41 32.24
CA PHE A 977 62.98 -8.78 31.88
C PHE A 977 62.58 -9.04 30.42
N ASN A 978 63.54 -9.48 29.63
CA ASN A 978 63.35 -9.72 28.20
C ASN A 978 63.25 -11.20 27.92
N PHE A 979 62.33 -11.58 27.04
CA PHE A 979 62.19 -12.96 26.63
C PHE A 979 63.15 -13.34 25.51
N ASN A 980 63.87 -12.38 24.94
CA ASN A 980 64.74 -12.60 23.79
C ASN A 980 63.96 -13.15 22.60
N PHE A 981 62.72 -12.67 22.44
CA PHE A 981 61.84 -13.03 21.34
C PHE A 981 61.85 -11.94 20.28
N PRO A 982 61.91 -12.28 19.00
CA PRO A 982 61.91 -11.24 17.95
C PRO A 982 60.59 -10.48 17.93
N GLY A 983 60.69 -9.15 18.01
CA GLY A 983 59.49 -8.33 18.09
C GLY A 983 58.64 -8.40 16.84
N ASP A 984 59.29 -8.48 15.67
CA ASP A 984 58.53 -8.51 14.42
C ASP A 984 57.67 -9.76 14.33
N LEU A 985 58.22 -10.91 14.72
CA LEU A 985 57.44 -12.15 14.68
C LEU A 985 56.27 -12.08 15.67
N TRP A 986 56.51 -11.52 16.85
CA TRP A 986 55.44 -11.35 17.83
C TRP A 986 54.31 -10.47 17.27
N LEU A 987 54.69 -9.35 16.67
CA LEU A 987 53.70 -8.41 16.15
C LEU A 987 52.98 -8.98 14.93
N LYS A 988 53.61 -9.90 14.21
CA LYS A 988 52.92 -10.62 13.15
C LYS A 988 51.99 -11.69 13.69
N LEU A 989 52.41 -12.39 14.75
CA LEU A 989 51.57 -13.43 15.34
C LEU A 989 50.34 -12.86 16.00
N ILE A 990 50.40 -11.63 16.50
CA ILE A 990 49.24 -11.06 17.16
C ILE A 990 48.04 -10.94 16.24
N PHE A 991 48.23 -11.02 14.92
CA PHE A 991 47.15 -10.98 13.95
C PHE A 991 46.69 -12.37 13.52
N LEU A 992 47.28 -13.43 14.07
CA LEU A 992 46.98 -14.78 13.62
C LEU A 992 45.52 -15.19 13.81
N PRO A 993 44.86 -14.94 14.95
CA PRO A 993 43.49 -15.46 15.11
C PRO A 993 42.49 -14.93 14.09
N SER A 994 42.52 -13.64 13.80
CA SER A 994 41.58 -13.08 12.83
C SER A 994 41.82 -13.66 11.44
N ILE A 995 43.09 -13.80 11.05
CA ILE A 995 43.43 -14.37 9.75
C ILE A 995 42.92 -15.80 9.66
N LEU A 996 43.16 -16.60 10.70
CA LEU A 996 42.70 -17.98 10.69
C LEU A 996 41.19 -18.06 10.64
N ASN A 997 40.50 -17.21 11.40
CA ASN A 997 39.04 -17.25 11.42
C ASN A 997 38.47 -16.90 10.04
N ARG A 998 39.01 -15.87 9.40
CA ARG A 998 38.50 -15.49 8.08
C ARG A 998 38.82 -16.54 7.03
N MET A 999 40.02 -17.13 7.08
CA MET A 999 40.36 -18.16 6.11
C MET A 999 39.53 -19.42 6.30
N TYR A 1000 39.16 -19.71 7.55
CA TYR A 1000 38.32 -20.88 7.83
C TYR A 1000 37.02 -20.85 7.04
N PHE A 1001 36.49 -19.66 6.77
CA PHE A 1001 35.28 -19.53 5.98
C PHE A 1001 35.55 -19.21 4.51
N LEU A 1002 36.72 -18.64 4.22
CA LEU A 1002 37.10 -18.48 2.81
C LEU A 1002 37.24 -19.83 2.13
N LEU A 1003 37.77 -20.83 2.84
CA LEU A 1003 37.85 -22.17 2.27
C LEU A 1003 36.45 -22.72 1.98
N HIS A 1004 35.51 -22.52 2.90
CA HIS A 1004 34.13 -22.97 2.67
C HIS A 1004 33.53 -22.28 1.47
N ALA A 1005 33.74 -20.97 1.34
CA ALA A 1005 33.22 -20.24 0.20
C ALA A 1005 33.81 -20.76 -1.10
N GLU A 1006 35.11 -21.05 -1.10
CA GLU A 1006 35.74 -21.57 -2.31
C GLU A 1006 35.17 -22.93 -2.69
N ALA A 1007 35.01 -23.83 -1.72
CA ALA A 1007 34.46 -25.14 -2.02
C ALA A 1007 33.03 -25.04 -2.54
N LEU A 1008 32.23 -24.17 -1.92
CA LEU A 1008 30.86 -23.99 -2.36
C LEU A 1008 30.79 -23.40 -3.77
N ARG A 1009 31.70 -22.46 -4.08
CA ARG A 1009 31.77 -21.91 -5.43
C ARG A 1009 32.13 -22.99 -6.45
N LYS A 1010 33.11 -23.84 -6.10
CA LYS A 1010 33.47 -24.95 -6.98
C LYS A 1010 32.27 -25.84 -7.25
N ARG A 1011 31.52 -26.19 -6.20
CA ARG A 1011 30.36 -27.05 -6.38
C ARG A 1011 29.30 -26.39 -7.26
N PHE A 1012 29.01 -25.11 -7.01
CA PHE A 1012 27.98 -24.43 -7.78
C PHE A 1012 28.37 -24.33 -9.25
N ASN A 1013 29.64 -24.01 -9.51
CA ASN A 1013 30.09 -23.92 -10.90
C ASN A 1013 30.10 -25.28 -11.57
N THR A 1014 30.45 -26.34 -10.85
CA THR A 1014 30.39 -27.68 -11.42
C THR A 1014 28.96 -28.06 -11.80
N TYR A 1015 28.00 -27.75 -10.93
CA TYR A 1015 26.62 -28.09 -11.23
C TYR A 1015 26.10 -27.32 -12.44
N LEU A 1016 26.45 -26.04 -12.55
CA LEU A 1016 25.94 -25.20 -13.62
C LEU A 1016 26.65 -25.41 -14.95
N ASN A 1017 27.60 -26.36 -15.00
CA ASN A 1017 28.33 -26.68 -16.23
C ASN A 1017 29.04 -25.46 -16.80
N LEU A 1018 29.63 -24.66 -15.92
CA LEU A 1018 30.45 -23.53 -16.32
C LEU A 1018 31.88 -23.63 -15.79
N HIS A 1019 32.28 -24.80 -15.29
CA HIS A 1019 33.61 -24.95 -14.71
C HIS A 1019 34.70 -25.01 -15.78
N LEU A 1020 34.37 -25.52 -16.97
CA LEU A 1020 35.35 -25.57 -18.05
C LEU A 1020 35.63 -24.20 -18.66
N LEU A 1021 34.87 -23.17 -18.29
CA LEU A 1021 35.08 -21.85 -18.85
C LEU A 1021 36.47 -21.34 -18.51
N PRO A 1022 37.10 -20.56 -19.39
CA PRO A 1022 38.41 -19.98 -19.03
C PRO A 1022 38.36 -19.09 -17.79
N PHE A 1023 37.24 -18.39 -17.56
CA PHE A 1023 37.11 -17.59 -16.36
C PHE A 1023 37.19 -18.46 -15.11
N ASN A 1024 36.48 -19.59 -15.12
CA ASN A 1024 36.46 -20.50 -13.99
C ASN A 1024 37.58 -21.53 -14.17
N GLY A 1025 37.53 -22.60 -13.40
CA GLY A 1025 38.53 -23.64 -13.52
C GLY A 1025 39.85 -23.27 -12.88
N THR A 1026 40.90 -23.98 -13.29
CA THR A 1026 42.22 -23.83 -12.69
C THR A 1026 42.84 -22.47 -12.96
N ASP A 1027 42.31 -21.69 -13.90
CA ASP A 1027 42.88 -20.39 -14.24
C ASP A 1027 42.25 -19.25 -13.47
N TYR A 1028 41.39 -19.54 -12.50
CA TYR A 1028 40.65 -18.50 -11.81
C TYR A 1028 41.54 -17.71 -10.86
N MET A 1029 41.59 -16.40 -11.05
CA MET A 1029 42.29 -15.48 -10.15
C MET A 1029 41.29 -14.83 -9.23
N PRO A 1030 41.25 -15.19 -7.95
CA PRO A 1030 40.28 -14.57 -7.04
C PRO A 1030 40.57 -13.09 -6.84
N ARG A 1031 39.51 -12.29 -6.83
CA ARG A 1031 39.66 -10.88 -6.57
C ARG A 1031 39.68 -10.61 -5.07
N PRO A 1032 40.31 -9.52 -4.64
CA PRO A 1032 40.33 -9.18 -3.21
C PRO A 1032 38.94 -8.93 -2.68
N LEU A 1033 38.75 -9.23 -1.39
CA LEU A 1033 37.46 -9.02 -0.75
C LEU A 1033 37.11 -7.53 -0.74
N GLU A 1034 35.83 -7.25 -0.82
CA GLU A 1034 35.32 -5.89 -0.91
C GLU A 1034 34.67 -5.49 0.42
N ILE A 1035 34.99 -4.30 0.89
CA ILE A 1035 34.39 -3.77 2.11
C ILE A 1035 33.03 -3.18 1.78
N ASP A 1036 32.00 -3.61 2.51
CA ASP A 1036 30.65 -3.09 2.33
C ASP A 1036 30.53 -1.81 3.13
N TYR A 1037 30.98 -0.71 2.55
CA TYR A 1037 30.97 0.58 3.24
C TYR A 1037 29.56 1.07 3.54
N SER A 1038 28.55 0.53 2.85
CA SER A 1038 27.18 0.96 3.08
C SER A 1038 26.68 0.58 4.46
N LEU A 1039 27.26 -0.43 5.08
CA LEU A 1039 26.84 -0.87 6.40
C LEU A 1039 27.07 0.23 7.44
N LYS A 1040 26.18 0.29 8.43
CA LYS A 1040 26.27 1.34 9.43
C LYS A 1040 27.53 1.20 10.27
N ARG A 1041 27.94 -0.02 10.59
CA ARG A 1041 29.09 -0.25 11.45
C ARG A 1041 30.42 -0.13 10.71
N ASN A 1042 30.42 0.44 9.51
CA ASN A 1042 31.64 0.63 8.75
C ASN A 1042 31.82 2.09 8.34
N GLU A 1120 -20.96 32.87 -17.50
CA GLU A 1120 -20.78 31.51 -16.97
C GLU A 1120 -19.30 31.19 -16.78
N MET A 1121 -18.91 29.98 -17.19
CA MET A 1121 -17.54 29.51 -17.08
C MET A 1121 -17.12 28.84 -18.39
N ASN A 1122 -17.69 29.33 -19.49
CA ASN A 1122 -17.49 28.71 -20.80
C ASN A 1122 -16.05 28.84 -21.30
N GLU A 1123 -15.27 29.76 -20.74
CA GLU A 1123 -13.87 29.89 -21.15
C GLU A 1123 -13.07 28.64 -20.80
N MET A 1124 -13.31 28.07 -19.61
CA MET A 1124 -12.59 26.86 -19.21
C MET A 1124 -12.97 25.69 -20.11
N ASP A 1125 -14.26 25.56 -20.43
CA ASP A 1125 -14.69 24.47 -21.30
C ASP A 1125 -14.16 24.66 -22.72
N PHE A 1126 -14.07 25.91 -23.18
CA PHE A 1126 -13.52 26.16 -24.51
C PHE A 1126 -12.04 25.81 -24.57
N GLU A 1127 -11.27 26.23 -23.56
CA GLU A 1127 -9.85 25.85 -23.53
C GLU A 1127 -9.65 24.38 -23.22
N ASP A 1128 -10.69 23.70 -22.71
CA ASP A 1128 -10.66 22.26 -22.55
C ASP A 1128 -11.14 21.52 -23.80
N LYS A 1129 -11.74 22.23 -24.75
CA LYS A 1129 -12.19 21.57 -25.99
C LYS A 1129 -11.04 20.91 -26.74
N GLU A 1130 -9.91 21.61 -26.84
CA GLU A 1130 -8.75 21.03 -27.52
C GLU A 1130 -8.25 19.80 -26.78
N TYR A 1131 -8.26 19.83 -25.45
CA TYR A 1131 -7.90 18.63 -24.69
C TYR A 1131 -8.92 17.52 -24.89
N TRP A 1132 -10.18 17.88 -25.13
CA TRP A 1132 -11.19 16.88 -25.49
C TRP A 1132 -10.85 16.24 -26.83
N ALA A 1133 -10.35 17.04 -27.77
CA ALA A 1133 -9.80 16.48 -28.99
C ALA A 1133 -8.63 15.57 -28.67
N LYS A 1134 -7.78 15.97 -27.72
CA LYS A 1134 -6.77 15.09 -27.16
C LYS A 1134 -7.36 14.11 -26.15
N ASN A 1135 -8.65 14.27 -25.82
CA ASN A 1135 -9.40 13.34 -24.98
C ASN A 1135 -8.92 13.36 -23.53
N GLN A 1136 -9.58 12.57 -22.69
CA GLN A 1136 -9.11 12.40 -21.32
C GLN A 1136 -7.73 11.80 -21.27
N PHE A 1137 -7.38 11.00 -22.28
CA PHE A 1137 -6.13 10.25 -22.33
C PHE A 1137 -4.91 11.15 -22.44
N HIS A 1138 -5.10 12.44 -22.69
CA HIS A 1138 -3.98 13.36 -22.90
C HIS A 1138 -3.17 13.52 -21.62
N MET A 1139 -2.00 12.89 -21.58
CA MET A 1139 -1.10 13.08 -20.46
C MET A 1139 -0.54 14.51 -20.48
N PRO A 1140 -0.67 15.25 -19.37
CA PRO A 1140 -0.30 16.68 -19.40
C PRO A 1140 1.14 16.94 -19.80
N THR A 1141 2.08 16.38 -19.04
CA THR A 1141 3.52 16.56 -19.24
C THR A 1141 3.94 18.02 -19.34
N GLY A 1142 3.09 18.94 -18.87
CA GLY A 1142 3.46 20.35 -18.92
C GLY A 1142 4.63 20.67 -17.99
N ASN A 1143 4.64 20.06 -16.81
CA ASN A 1143 5.72 20.23 -15.86
C ASN A 1143 6.21 18.87 -15.39
N ILE A 1144 7.52 18.74 -15.22
CA ILE A 1144 8.10 17.49 -14.76
C ILE A 1144 7.90 17.35 -13.26
N TYR A 1145 7.80 16.11 -12.79
CA TYR A 1145 7.66 15.84 -11.37
C TYR A 1145 8.95 16.18 -10.62
N GLY A 1146 10.00 16.61 -11.33
CA GLY A 1146 11.17 17.14 -10.66
C GLY A 1146 10.96 18.51 -10.06
N ASN A 1147 9.86 19.18 -10.41
CA ASN A 1147 9.60 20.55 -9.99
C ASN A 1147 8.79 20.66 -8.69
N ARG A 1148 8.52 19.59 -7.95
CA ARG A 1148 7.83 19.75 -6.67
C ARG A 1148 8.63 20.60 -5.68
N THR A 1149 9.96 20.64 -5.82
CA THR A 1149 10.78 21.51 -4.99
C THR A 1149 12.10 21.83 -5.70
N GLY A 1169 15.34 9.80 -22.28
CA GLY A 1169 15.14 9.14 -23.55
C GLY A 1169 15.54 7.68 -23.54
N LYS A 1170 16.76 7.39 -23.99
CA LYS A 1170 17.25 6.02 -24.03
C LYS A 1170 17.42 5.48 -22.62
N VAL A 1171 17.04 4.21 -22.43
CA VAL A 1171 17.10 3.57 -21.13
C VAL A 1171 18.32 2.66 -21.07
N LYS A 1172 18.99 2.66 -19.92
CA LYS A 1172 20.14 1.79 -19.73
C LYS A 1172 19.67 0.36 -19.46
N PRO A 1173 20.16 -0.62 -20.21
CA PRO A 1173 19.74 -2.01 -19.96
C PRO A 1173 20.33 -2.54 -18.66
N LEU A 1174 19.58 -3.46 -18.04
CA LEU A 1174 20.07 -4.16 -16.86
C LEU A 1174 21.21 -5.08 -17.23
N LEU A 1175 22.24 -5.12 -16.39
CA LEU A 1175 23.37 -6.00 -16.64
C LEU A 1175 22.95 -7.46 -16.57
N ILE A 1176 22.09 -7.80 -15.61
CA ILE A 1176 21.60 -9.17 -15.49
C ILE A 1176 20.82 -9.56 -16.74
N LEU A 1177 19.95 -8.67 -17.21
CA LEU A 1177 19.21 -8.94 -18.43
C LEU A 1177 20.16 -9.01 -19.63
N GLN A 1178 21.17 -8.16 -19.66
CA GLN A 1178 22.11 -8.14 -20.77
C GLN A 1178 22.86 -9.48 -20.86
N LYS A 1179 23.30 -10.01 -19.73
CA LYS A 1179 24.01 -11.28 -19.72
C LYS A 1179 23.07 -12.48 -19.68
N THR A 1180 21.75 -12.25 -19.58
CA THR A 1180 20.81 -13.36 -19.64
C THR A 1180 20.72 -13.93 -21.06
N VAL A 1181 20.76 -13.06 -22.06
CA VAL A 1181 20.57 -13.49 -23.45
C VAL A 1181 21.90 -13.80 -24.13
N SER A 1182 22.93 -12.99 -23.88
CA SER A 1182 24.23 -13.16 -24.52
C SER A 1182 25.24 -13.66 -23.50
N LYS A 1183 25.99 -14.70 -23.87
CA LYS A 1183 26.98 -15.29 -22.98
C LYS A 1183 28.28 -14.50 -22.95
N GLU A 1184 28.38 -13.41 -23.71
CA GLU A 1184 29.62 -12.62 -23.72
C GLU A 1184 29.86 -11.94 -22.38
N HIS A 1185 28.81 -11.70 -21.61
CA HIS A 1185 28.92 -10.95 -20.36
C HIS A 1185 28.79 -11.83 -19.12
N ILE A 1186 29.27 -13.08 -19.21
CA ILE A 1186 29.18 -14.01 -18.08
C ILE A 1186 30.38 -13.75 -17.19
N THR A 1187 30.16 -13.03 -16.09
CA THR A 1187 31.22 -12.70 -15.14
C THR A 1187 31.55 -13.92 -14.29
N PRO A 1188 32.82 -14.22 -14.03
CA PRO A 1188 33.14 -15.35 -13.15
C PRO A 1188 32.62 -15.12 -11.74
N ALA A 1189 32.30 -16.21 -11.06
CA ALA A 1189 31.72 -16.15 -9.72
C ALA A 1189 32.84 -15.98 -8.70
N GLU A 1190 32.92 -14.78 -8.12
CA GLU A 1190 33.97 -14.50 -7.14
C GLU A 1190 33.65 -15.17 -5.81
N GLN A 1191 34.69 -15.70 -5.16
CA GLN A 1191 34.49 -16.32 -3.87
C GLN A 1191 34.26 -15.31 -2.76
N GLY A 1192 34.66 -14.05 -2.96
CA GLY A 1192 34.30 -13.02 -2.00
C GLY A 1192 32.80 -12.83 -1.90
N GLU A 1193 32.10 -12.92 -3.03
CA GLU A 1193 30.64 -12.83 -3.02
C GLU A 1193 30.02 -13.98 -2.22
N PHE A 1194 30.53 -15.20 -2.41
CA PHE A 1194 30.00 -16.33 -1.66
C PHE A 1194 30.29 -16.19 -0.17
N LEU A 1195 31.49 -15.73 0.18
CA LEU A 1195 31.81 -15.50 1.59
C LEU A 1195 30.89 -14.46 2.19
N ALA A 1196 30.58 -13.40 1.44
CA ALA A 1196 29.60 -12.43 1.90
C ALA A 1196 28.24 -13.06 2.08
N ALA A 1197 27.87 -13.98 1.19
CA ALA A 1197 26.59 -14.68 1.29
C ALA A 1197 26.55 -15.67 2.44
N ILE A 1198 27.69 -16.08 2.97
CA ILE A 1198 27.72 -17.03 4.08
C ILE A 1198 27.64 -16.32 5.43
N THR A 1199 28.44 -15.27 5.63
CA THR A 1199 28.52 -14.63 6.94
C THR A 1199 27.24 -13.86 7.23
N ALA A 1200 26.55 -14.26 8.31
CA ALA A 1200 25.34 -13.57 8.71
C ALA A 1200 25.68 -12.24 9.40
N SER A 1201 24.65 -11.43 9.58
CA SER A 1201 24.84 -10.12 10.21
C SER A 1201 25.09 -10.21 11.71
N SER A 1202 24.92 -11.38 12.32
CA SER A 1202 25.22 -11.53 13.74
C SER A 1202 26.70 -11.29 14.02
N ALA A 1203 27.57 -11.80 13.16
CA ALA A 1203 28.99 -11.54 13.29
C ALA A 1203 29.28 -10.07 13.00
N ALA A 1204 30.39 -9.59 13.56
CA ALA A 1204 30.80 -8.20 13.40
C ALA A 1204 31.65 -7.98 12.16
N ASP A 1205 31.50 -8.83 11.15
CA ASP A 1205 32.34 -8.75 9.96
C ASP A 1205 32.02 -7.49 9.17
N VAL A 1206 32.98 -7.09 8.32
CA VAL A 1206 32.85 -5.85 7.56
C VAL A 1206 31.81 -5.92 6.46
N PHE A 1207 31.43 -7.12 6.02
CA PHE A 1207 30.42 -7.29 4.99
C PHE A 1207 29.24 -8.08 5.54
N ASP A 1208 28.06 -7.76 5.05
CA ASP A 1208 26.84 -8.43 5.47
C ASP A 1208 26.23 -9.21 4.32
N MET A 1209 25.45 -10.22 4.69
CA MET A 1209 24.75 -11.11 3.78
C MET A 1209 23.35 -10.62 3.42
N GLU A 1210 22.90 -9.52 4.03
CA GLU A 1210 21.52 -9.07 3.82
C GLU A 1210 21.32 -8.49 2.43
N ARG A 1211 22.38 -7.92 1.85
CA ARG A 1211 22.23 -7.23 0.57
C ARG A 1211 21.88 -8.20 -0.56
N LEU A 1212 22.53 -9.35 -0.60
CA LEU A 1212 22.17 -10.37 -1.60
C LEU A 1212 20.80 -10.96 -1.32
N GLU A 1213 20.34 -10.89 -0.07
CA GLU A 1213 19.08 -11.51 0.29
C GLU A 1213 17.90 -10.88 -0.45
N ILE A 1214 17.97 -9.57 -0.71
CA ILE A 1214 16.88 -8.89 -1.41
C ILE A 1214 16.76 -9.41 -2.84
N LEU A 1215 17.88 -9.46 -3.56
CA LEU A 1215 17.87 -9.96 -4.93
C LEU A 1215 17.43 -11.42 -4.97
N GLY A 1216 17.95 -12.23 -4.04
CA GLY A 1216 17.55 -13.63 -4.02
C GLY A 1216 16.08 -13.82 -3.73
N ASN A 1217 15.54 -13.04 -2.78
CA ASN A 1217 14.12 -13.12 -2.46
C ASN A 1217 13.27 -12.76 -3.67
N SER A 1218 13.60 -11.66 -4.34
CA SER A 1218 12.80 -11.24 -5.49
C SER A 1218 12.89 -12.25 -6.62
N PHE A 1219 14.10 -12.79 -6.88
CA PHE A 1219 14.24 -13.77 -7.94
C PHE A 1219 13.47 -15.04 -7.62
N LEU A 1220 13.54 -15.49 -6.37
CA LEU A 1220 12.80 -16.69 -5.97
C LEU A 1220 11.30 -16.46 -6.12
N LYS A 1221 10.82 -15.27 -5.74
CA LYS A 1221 9.40 -14.98 -5.88
C LYS A 1221 8.98 -15.02 -7.35
N LEU A 1222 9.77 -14.39 -8.22
CA LEU A 1222 9.43 -14.40 -9.64
C LEU A 1222 9.46 -15.81 -10.20
N SER A 1223 10.47 -16.59 -9.84
CA SER A 1223 10.56 -17.95 -10.37
C SER A 1223 9.39 -18.80 -9.88
N ALA A 1224 9.02 -18.68 -8.61
CA ALA A 1224 7.87 -19.43 -8.10
C ALA A 1224 6.59 -19.01 -8.82
N THR A 1225 6.40 -17.71 -9.02
CA THR A 1225 5.19 -17.24 -9.69
C THR A 1225 5.10 -17.78 -11.11
N LEU A 1226 6.19 -17.65 -11.88
CA LEU A 1226 6.17 -18.12 -13.26
C LEU A 1226 6.01 -19.63 -13.32
N TYR A 1227 6.68 -20.36 -12.43
CA TYR A 1227 6.59 -21.81 -12.42
C TYR A 1227 5.16 -22.28 -12.11
N LEU A 1228 4.53 -21.66 -11.12
CA LEU A 1228 3.16 -22.05 -10.78
C LEU A 1228 2.18 -21.65 -11.87
N ALA A 1229 2.37 -20.47 -12.48
CA ALA A 1229 1.49 -20.05 -13.55
C ALA A 1229 1.58 -20.99 -14.74
N SER A 1230 2.80 -21.43 -15.08
CA SER A 1230 2.96 -22.35 -16.19
C SER A 1230 2.41 -23.72 -15.87
N LYS A 1231 2.71 -24.25 -14.68
CA LYS A 1231 2.26 -25.60 -14.35
C LYS A 1231 0.75 -25.66 -14.16
N TYR A 1232 0.19 -24.75 -13.37
CA TYR A 1232 -1.24 -24.70 -13.10
C TYR A 1232 -1.78 -23.37 -13.61
N SER A 1233 -2.54 -23.43 -14.71
CA SER A 1233 -3.11 -22.23 -15.31
C SER A 1233 -4.61 -22.12 -15.15
N ASP A 1234 -5.31 -23.24 -14.93
CA ASP A 1234 -6.75 -23.19 -14.73
C ASP A 1234 -7.15 -22.72 -13.33
N TRP A 1235 -6.20 -22.69 -12.40
CA TRP A 1235 -6.49 -22.26 -11.05
C TRP A 1235 -6.83 -20.78 -11.00
N ASN A 1236 -7.70 -20.42 -10.07
CA ASN A 1236 -7.97 -19.02 -9.82
C ASN A 1236 -6.82 -18.38 -9.05
N GLU A 1237 -6.84 -17.06 -8.96
CA GLU A 1237 -5.68 -16.33 -8.46
C GLU A 1237 -5.44 -16.61 -6.98
N GLY A 1238 -6.49 -16.85 -6.21
CA GLY A 1238 -6.33 -16.99 -4.76
C GLY A 1238 -5.47 -18.18 -4.38
N THR A 1239 -5.77 -19.35 -4.95
CA THR A 1239 -5.01 -20.54 -4.59
C THR A 1239 -3.59 -20.47 -5.12
N LEU A 1240 -3.40 -19.86 -6.30
CA LEU A 1240 -2.06 -19.66 -6.82
C LEU A 1240 -1.24 -18.78 -5.90
N THR A 1241 -1.83 -17.67 -5.43
CA THR A 1241 -1.11 -16.78 -4.52
C THR A 1241 -0.79 -17.48 -3.21
N GLU A 1242 -1.74 -18.26 -2.69
CA GLU A 1242 -1.49 -18.97 -1.44
C GLU A 1242 -0.36 -19.99 -1.59
N VAL A 1243 -0.36 -20.75 -2.69
CA VAL A 1243 0.68 -21.75 -2.89
C VAL A 1243 2.03 -21.08 -3.11
N LYS A 1244 2.04 -19.95 -3.82
CA LYS A 1244 3.29 -19.22 -4.01
C LYS A 1244 3.82 -18.72 -2.68
N SER A 1245 2.95 -18.21 -1.82
CA SER A 1245 3.38 -17.79 -0.48
C SER A 1245 3.90 -18.99 0.32
N LYS A 1246 3.32 -20.16 0.10
CA LYS A 1246 3.74 -21.34 0.85
C LYS A 1246 5.10 -21.85 0.38
N LEU A 1247 5.38 -21.75 -0.92
CA LEU A 1247 6.69 -22.15 -1.44
C LEU A 1247 7.80 -21.25 -0.92
N VAL A 1248 7.57 -19.95 -0.84
CA VAL A 1248 8.59 -19.00 -0.42
C VAL A 1248 8.56 -18.78 1.09
N SER A 1249 7.85 -19.63 1.83
CA SER A 1249 7.80 -19.50 3.28
C SER A 1249 9.16 -19.82 3.89
N ASN A 1250 9.42 -19.23 5.06
CA ASN A 1250 10.69 -19.46 5.73
C ASN A 1250 10.86 -20.92 6.10
N ARG A 1251 9.77 -21.59 6.49
CA ARG A 1251 9.85 -23.00 6.85
C ARG A 1251 10.26 -23.85 5.66
N ASN A 1252 9.69 -23.58 4.49
CA ASN A 1252 10.04 -24.35 3.30
C ASN A 1252 11.50 -24.14 2.91
N LEU A 1253 11.96 -22.89 2.96
CA LEU A 1253 13.36 -22.61 2.63
C LEU A 1253 14.29 -23.30 3.62
N LEU A 1254 13.96 -23.24 4.92
CA LEU A 1254 14.79 -23.89 5.92
C LEU A 1254 14.86 -25.39 5.69
N PHE A 1255 13.71 -26.02 5.41
CA PHE A 1255 13.70 -27.46 5.25
C PHE A 1255 14.40 -27.89 3.97
N CYS A 1256 14.31 -27.09 2.91
CA CYS A 1256 14.99 -27.43 1.67
C CYS A 1256 16.46 -27.02 1.67
N LEU A 1257 16.90 -26.25 2.67
CA LEU A 1257 18.32 -26.01 2.84
C LEU A 1257 18.97 -26.96 3.84
N ILE A 1258 18.22 -27.50 4.78
CA ILE A 1258 18.80 -28.44 5.75
C ILE A 1258 19.32 -29.67 5.05
N ASP A 1259 18.51 -30.24 4.14
CA ASP A 1259 18.95 -31.42 3.40
C ASP A 1259 20.04 -31.09 2.38
N ALA A 1260 20.29 -29.80 2.12
CA ALA A 1260 21.40 -29.41 1.26
C ALA A 1260 22.74 -29.46 1.97
N ASP A 1261 22.75 -29.66 3.29
CA ASP A 1261 23.97 -29.79 4.09
C ASP A 1261 24.80 -28.52 4.09
N ILE A 1262 24.20 -27.39 3.69
CA ILE A 1262 24.89 -26.11 3.61
C ILE A 1262 24.98 -25.42 4.97
N PRO A 1263 23.90 -25.32 5.77
CA PRO A 1263 23.94 -24.42 6.94
C PRO A 1263 24.99 -24.80 7.99
N LYS A 1264 25.55 -26.01 7.92
CA LYS A 1264 26.58 -26.40 8.88
C LYS A 1264 27.88 -25.62 8.70
N THR A 1265 28.02 -24.85 7.61
CA THR A 1265 29.23 -24.08 7.34
C THR A 1265 28.96 -22.58 7.30
N LEU A 1266 28.09 -22.08 8.17
CA LEU A 1266 27.75 -20.67 8.18
C LEU A 1266 28.55 -19.92 9.23
N ASN A 1267 28.78 -18.63 8.96
CA ASN A 1267 29.48 -17.72 9.87
C ASN A 1267 28.41 -16.84 10.51
N THR A 1268 27.98 -17.18 11.72
CA THR A 1268 26.86 -16.48 12.34
C THR A 1268 27.08 -16.21 13.82
N ILE A 1269 28.32 -16.28 14.29
CA ILE A 1269 28.65 -15.99 15.68
C ILE A 1269 29.80 -15.00 15.73
N GLN A 1270 29.67 -14.00 16.60
CA GLN A 1270 30.72 -13.01 16.76
C GLN A 1270 32.01 -13.68 17.22
N PHE A 1271 33.11 -13.29 16.60
CA PHE A 1271 34.41 -13.96 16.84
C PHE A 1271 35.08 -13.32 18.06
N THR A 1272 34.69 -13.82 19.23
CA THR A 1272 35.41 -13.49 20.45
C THR A 1272 36.33 -14.66 20.76
N PRO A 1273 37.64 -14.50 20.59
CA PRO A 1273 38.53 -15.68 20.62
C PRO A 1273 38.91 -16.11 22.03
N ARG A 1274 38.97 -15.18 22.97
CA ARG A 1274 39.43 -15.51 24.32
C ARG A 1274 38.45 -16.36 25.09
N TYR A 1275 37.20 -16.46 24.65
CA TYR A 1275 36.21 -17.18 25.43
C TYR A 1275 35.48 -18.25 24.63
N THR A 1276 35.21 -18.01 23.36
CA THR A 1276 34.35 -18.89 22.57
C THR A 1276 35.03 -19.41 21.31
N TRP A 1277 36.35 -19.59 21.35
CA TRP A 1277 37.09 -20.08 20.19
C TRP A 1277 37.96 -21.26 20.57
N LEU A 1278 38.07 -22.22 19.67
CA LEU A 1278 38.91 -23.39 19.86
C LEU A 1278 40.08 -23.35 18.88
N PRO A 1279 41.30 -23.14 19.36
CA PRO A 1279 42.43 -23.07 18.44
C PRO A 1279 42.66 -24.40 17.76
N PRO A 1280 43.31 -24.41 16.59
CA PRO A 1280 43.44 -25.64 15.81
C PRO A 1280 44.10 -26.79 16.55
N GLY A 1281 45.33 -26.60 17.01
CA GLY A 1281 46.02 -27.66 17.71
C GLY A 1281 45.57 -27.89 19.14
N ILE A 1282 44.53 -27.17 19.57
CA ILE A 1282 44.08 -27.14 20.95
C ILE A 1282 42.68 -27.73 21.02
N SER A 1283 42.45 -28.62 22.00
CA SER A 1283 41.17 -29.28 22.11
C SER A 1283 40.93 -29.69 23.56
N LEU A 1284 39.74 -30.23 23.80
CA LEU A 1284 39.35 -30.77 25.09
C LEU A 1284 39.96 -32.16 25.28
N PRO A 1285 40.06 -32.64 26.52
CA PRO A 1285 40.57 -33.99 26.76
C PRO A 1285 39.73 -35.03 26.03
N HIS A 1286 40.40 -36.06 25.52
CA HIS A 1286 39.73 -37.05 24.69
C HIS A 1286 38.71 -37.85 25.48
N ASN A 1287 39.04 -38.24 26.72
CA ASN A 1287 38.08 -38.97 27.54
C ASN A 1287 36.85 -38.11 27.84
N VAL A 1288 37.06 -36.82 28.12
CA VAL A 1288 35.95 -35.93 28.42
C VAL A 1288 35.03 -35.82 27.21
N LEU A 1289 35.59 -35.65 26.02
CA LEU A 1289 34.76 -35.56 24.81
C LEU A 1289 34.07 -36.89 24.51
N ALA A 1290 34.74 -38.01 24.76
CA ALA A 1290 34.10 -39.31 24.54
C ALA A 1290 32.89 -39.48 25.45
N LEU A 1291 33.03 -39.09 26.73
CA LEU A 1291 31.89 -39.12 27.64
C LEU A 1291 30.82 -38.13 27.21
N TRP A 1292 31.24 -36.98 26.68
CA TRP A 1292 30.30 -35.95 26.25
C TRP A 1292 29.43 -36.44 25.10
N ARG A 1293 30.02 -37.12 24.13
CA ARG A 1293 29.32 -37.51 22.92
C ARG A 1293 28.44 -38.74 23.10
N GLU A 1294 28.42 -39.33 24.30
CA GLU A 1294 27.72 -40.58 24.53
C GLU A 1294 26.53 -40.47 25.45
N ASN A 1295 26.43 -39.43 26.27
CA ASN A 1295 25.37 -39.28 27.27
C ASN A 1295 24.71 -37.92 27.13
N PRO A 1296 23.79 -37.77 26.17
CA PRO A 1296 23.11 -36.47 26.01
C PRO A 1296 22.38 -36.00 27.26
N GLU A 1297 21.74 -36.93 27.98
CA GLU A 1297 21.08 -36.56 29.22
C GLU A 1297 22.07 -36.05 30.25
N PHE A 1298 23.31 -36.52 30.18
CA PHE A 1298 24.39 -35.99 30.99
C PHE A 1298 25.09 -34.81 30.31
N ALA A 1299 25.16 -34.82 28.98
CA ALA A 1299 25.80 -33.72 28.26
C ALA A 1299 25.03 -32.42 28.39
N LYS A 1300 23.76 -32.48 28.76
CA LYS A 1300 22.95 -31.27 28.90
C LYS A 1300 23.08 -30.62 30.28
N ILE A 1301 23.90 -31.17 31.17
CA ILE A 1301 24.10 -30.59 32.50
C ILE A 1301 25.53 -30.21 32.77
N ILE A 1302 26.43 -30.33 31.80
CA ILE A 1302 27.82 -29.94 32.02
C ILE A 1302 27.94 -28.42 31.94
N GLY A 1303 28.54 -27.83 32.96
CA GLY A 1303 28.61 -26.39 33.07
C GLY A 1303 30.02 -25.84 33.02
N PRO A 1304 30.14 -24.55 32.69
CA PRO A 1304 31.48 -23.94 32.61
C PRO A 1304 32.25 -24.00 33.91
N HIS A 1305 31.57 -23.85 35.05
CA HIS A 1305 32.25 -23.95 36.33
C HIS A 1305 32.83 -25.35 36.52
N ASN A 1306 32.09 -26.37 36.10
CA ASN A 1306 32.62 -27.73 36.12
C ASN A 1306 33.79 -27.90 35.17
N LEU A 1307 33.85 -27.11 34.09
CA LEU A 1307 34.98 -27.20 33.19
C LEU A 1307 36.24 -26.60 33.81
N ARG A 1308 36.12 -25.43 34.46
CA ARG A 1308 37.26 -24.98 35.25
C ARG A 1308 37.52 -25.83 36.48
N ASP A 1309 36.58 -26.68 36.88
CA ASP A 1309 36.87 -27.65 37.94
C ASP A 1309 38.01 -28.58 37.53
N LEU A 1310 38.10 -28.89 36.24
CA LEU A 1310 39.24 -29.66 35.74
C LEU A 1310 40.53 -28.92 36.00
N ALA A 1311 41.50 -29.62 36.57
CA ALA A 1311 42.81 -29.06 36.89
C ALA A 1311 43.85 -29.84 36.10
N LEU A 1312 44.29 -29.29 34.98
CA LEU A 1312 45.24 -29.95 34.09
C LEU A 1312 46.61 -29.35 34.28
N GLY A 1313 47.60 -30.21 34.58
CA GLY A 1313 48.97 -29.79 34.63
C GLY A 1313 49.58 -29.75 33.24
N ASP A 1314 50.84 -29.29 33.19
CA ASP A 1314 51.54 -29.23 31.91
C ASP A 1314 51.71 -30.63 31.31
N GLU A 1315 51.96 -31.63 32.15
CA GLU A 1315 52.10 -33.00 31.67
C GLU A 1315 50.82 -33.47 30.99
N GLU A 1316 49.68 -33.34 31.67
CA GLU A 1316 48.41 -33.75 31.09
C GLU A 1316 48.08 -32.94 29.84
N SER A 1317 48.32 -31.62 29.89
CA SER A 1317 47.94 -30.75 28.79
C SER A 1317 48.86 -30.88 27.59
N LEU A 1318 50.03 -31.50 27.75
CA LEU A 1318 51.02 -31.56 26.67
C LEU A 1318 51.27 -32.98 26.18
N VAL A 1319 51.65 -33.91 27.06
CA VAL A 1319 52.13 -35.21 26.62
C VAL A 1319 51.00 -36.24 26.60
N LYS A 1320 50.41 -36.49 27.78
CA LYS A 1320 49.41 -37.56 27.87
C LYS A 1320 48.18 -37.25 27.02
N GLY A 1321 47.72 -36.01 27.06
CA GLY A 1321 46.53 -35.65 26.31
C GLY A 1321 45.24 -35.87 27.10
N ASN A 1322 44.93 -37.13 27.39
CA ASN A 1322 43.74 -37.44 28.15
C ASN A 1322 43.90 -37.01 29.60
N CYS A 1323 42.77 -36.65 30.22
CA CYS A 1323 42.79 -36.22 31.61
C CYS A 1323 43.07 -37.40 32.54
N SER A 1324 43.62 -37.08 33.71
CA SER A 1324 43.94 -38.11 34.68
C SER A 1324 42.68 -38.69 35.30
N ASP A 1325 42.80 -39.94 35.78
CA ASP A 1325 41.64 -40.61 36.36
C ASP A 1325 41.11 -39.89 37.58
N ILE A 1326 42.00 -39.38 38.42
CA ILE A 1326 41.56 -38.66 39.62
C ILE A 1326 40.79 -37.41 39.24
N ASN A 1327 41.32 -36.64 38.29
CA ASN A 1327 40.62 -35.44 37.84
C ASN A 1327 39.35 -35.77 37.09
N TYR A 1328 39.37 -36.86 36.31
CA TYR A 1328 38.16 -37.30 35.60
C TYR A 1328 37.05 -37.62 36.60
N ASN A 1329 37.38 -38.35 37.66
CA ASN A 1329 36.43 -38.58 38.73
C ASN A 1329 35.95 -37.26 39.31
N ARG A 1330 36.86 -36.49 39.91
CA ARG A 1330 36.53 -35.22 40.55
C ARG A 1330 35.56 -34.42 39.68
N PHE A 1331 35.80 -34.39 38.37
CA PHE A 1331 34.91 -33.68 37.46
C PHE A 1331 33.54 -34.35 37.37
N VAL A 1332 33.51 -35.67 37.23
CA VAL A 1332 32.22 -36.32 36.98
C VAL A 1332 31.33 -36.25 38.21
N GLU A 1333 31.90 -36.33 39.41
CA GLU A 1333 31.06 -36.16 40.59
C GLU A 1333 30.89 -34.70 41.02
N GLY A 1334 31.72 -33.78 40.52
CA GLY A 1334 31.47 -32.38 40.80
C GLY A 1334 30.36 -31.80 39.94
N CYS A 1335 30.29 -32.22 38.69
CA CYS A 1335 29.28 -31.67 37.78
C CYS A 1335 27.87 -32.10 38.18
N ARG A 1336 27.72 -33.33 38.69
CA ARG A 1336 26.40 -33.82 39.07
C ARG A 1336 25.82 -33.04 40.25
N ALA A 1337 26.64 -32.27 40.97
CA ALA A 1337 26.14 -31.47 42.07
C ALA A 1337 25.31 -30.28 41.61
N ASN A 1338 25.30 -29.99 40.30
CA ASN A 1338 24.50 -28.86 39.81
C ASN A 1338 23.02 -29.08 40.07
N GLY A 1339 22.54 -30.31 39.95
CA GLY A 1339 21.15 -30.60 40.26
C GLY A 1339 20.81 -30.29 41.70
N GLN A 1340 21.76 -30.52 42.61
CA GLN A 1340 21.59 -30.22 44.02
C GLN A 1340 22.00 -28.80 44.36
N SER A 1341 22.07 -27.90 43.37
CA SER A 1341 22.47 -26.52 43.58
C SER A 1341 21.57 -25.61 42.76
N PHE A 1342 21.75 -24.30 42.96
CA PHE A 1342 20.94 -23.32 42.24
C PHE A 1342 21.24 -23.30 40.74
N TYR A 1343 22.31 -23.95 40.31
CA TYR A 1343 22.66 -24.00 38.90
C TYR A 1343 21.77 -24.96 38.10
N ALA A 1344 20.94 -25.75 38.78
CA ALA A 1344 20.11 -26.73 38.09
C ALA A 1344 19.15 -26.06 37.12
N GLY A 1345 18.94 -26.69 35.97
CA GLY A 1345 18.00 -26.19 34.99
C GLY A 1345 18.44 -24.96 34.24
N ALA A 1346 19.74 -24.70 34.15
CA ALA A 1346 20.24 -23.52 33.48
C ALA A 1346 20.52 -23.82 32.00
N ASP A 1347 20.92 -22.79 31.26
CA ASP A 1347 21.20 -22.90 29.83
C ASP A 1347 22.71 -23.04 29.60
N PHE A 1348 23.23 -24.21 29.95
CA PHE A 1348 24.66 -24.45 29.80
C PHE A 1348 25.09 -24.49 28.34
N SER A 1349 24.20 -24.90 27.44
CA SER A 1349 24.59 -25.07 26.04
C SER A 1349 25.09 -23.77 25.44
N SER A 1350 24.40 -22.66 25.71
CA SER A 1350 24.76 -21.38 25.11
C SER A 1350 26.15 -20.90 25.53
N GLU A 1351 26.73 -21.48 26.58
CA GLU A 1351 28.05 -21.07 27.04
C GLU A 1351 29.14 -22.08 26.75
N VAL A 1352 28.80 -23.30 26.34
CA VAL A 1352 29.80 -24.35 26.18
C VAL A 1352 29.63 -25.02 24.82
N ASN A 1353 28.82 -24.43 23.94
CA ASN A 1353 28.62 -25.01 22.63
C ASN A 1353 29.91 -25.01 21.81
N PHE A 1354 30.72 -23.96 21.95
CA PHE A 1354 31.94 -23.86 21.15
C PHE A 1354 32.90 -24.99 21.46
N CYS A 1355 32.85 -25.53 22.68
CA CYS A 1355 33.72 -26.64 23.05
C CYS A 1355 33.36 -27.94 22.33
N VAL A 1356 32.15 -28.06 21.83
CA VAL A 1356 31.65 -29.30 21.24
C VAL A 1356 31.71 -29.26 19.72
N GLY A 1357 31.31 -28.12 19.14
CA GLY A 1357 31.21 -28.02 17.70
C GLY A 1357 29.77 -27.79 17.26
N LEU A 1358 28.97 -27.24 18.17
CA LEU A 1358 27.58 -26.94 17.90
C LEU A 1358 27.36 -25.43 17.87
N VAL A 1359 26.25 -25.03 17.28
CA VAL A 1359 25.90 -23.61 17.20
C VAL A 1359 24.39 -23.51 17.03
N THR A 1360 23.80 -22.48 17.61
CA THR A 1360 22.37 -22.21 17.51
C THR A 1360 22.17 -21.08 16.52
N ILE A 1361 21.42 -21.35 15.46
CA ILE A 1361 21.18 -20.40 14.38
C ILE A 1361 19.67 -20.16 14.29
N PRO A 1362 19.21 -18.91 14.32
CA PRO A 1362 17.78 -18.65 14.17
C PRO A 1362 17.28 -19.06 12.80
N ASN A 1363 15.99 -19.40 12.73
CA ASN A 1363 15.39 -19.92 11.51
C ASN A 1363 15.43 -18.93 10.36
N LYS A 1364 15.49 -17.62 10.65
CA LYS A 1364 15.50 -16.63 9.59
C LYS A 1364 16.79 -16.66 8.79
N VAL A 1365 17.91 -16.95 9.46
CA VAL A 1365 19.22 -16.88 8.81
C VAL A 1365 19.37 -17.95 7.74
N ILE A 1366 18.81 -19.15 7.94
CA ILE A 1366 18.94 -20.21 6.95
C ILE A 1366 18.23 -19.82 5.65
N ALA A 1367 17.00 -19.33 5.77
CA ALA A 1367 16.28 -18.86 4.60
C ALA A 1367 17.01 -17.71 3.93
N ASP A 1368 17.56 -16.79 4.74
CA ASP A 1368 18.35 -15.71 4.18
C ASP A 1368 19.56 -16.24 3.42
N THR A 1369 20.17 -17.32 3.92
CA THR A 1369 21.32 -17.91 3.23
C THR A 1369 20.94 -18.47 1.88
N LEU A 1370 19.83 -19.20 1.82
CA LEU A 1370 19.38 -19.72 0.53
C LEU A 1370 19.08 -18.58 -0.43
N GLU A 1371 18.41 -17.53 0.05
CA GLU A 1371 18.10 -16.39 -0.80
C GLU A 1371 19.37 -15.70 -1.29
N ALA A 1372 20.37 -15.54 -0.41
CA ALA A 1372 21.60 -14.87 -0.79
C ALA A 1372 22.35 -15.66 -1.85
N LEU A 1373 22.40 -16.99 -1.71
CA LEU A 1373 23.03 -17.80 -2.74
C LEU A 1373 22.30 -17.67 -4.07
N LEU A 1374 20.97 -17.72 -4.04
CA LEU A 1374 20.20 -17.49 -5.26
C LEU A 1374 20.55 -16.15 -5.89
N GLY A 1375 20.63 -15.10 -5.06
CA GLY A 1375 20.87 -13.77 -5.58
C GLY A 1375 22.25 -13.62 -6.19
N VAL A 1376 23.27 -14.22 -5.57
CA VAL A 1376 24.61 -14.09 -6.11
C VAL A 1376 24.72 -14.84 -7.43
N ILE A 1377 24.08 -16.01 -7.53
CA ILE A 1377 24.11 -16.72 -8.81
C ILE A 1377 23.38 -15.93 -9.89
N VAL A 1378 22.24 -15.32 -9.53
CA VAL A 1378 21.52 -14.49 -10.50
C VAL A 1378 22.39 -13.34 -10.97
N LYS A 1379 23.05 -12.67 -10.03
CA LYS A 1379 23.88 -11.52 -10.38
C LYS A 1379 25.03 -11.93 -11.29
N ASN A 1380 25.65 -13.09 -11.04
CA ASN A 1380 26.84 -13.44 -11.80
C ASN A 1380 26.50 -14.04 -13.15
N TYR A 1381 25.59 -15.02 -13.21
CA TYR A 1381 25.34 -15.77 -14.42
C TYR A 1381 24.02 -15.43 -15.09
N GLY A 1382 23.20 -14.58 -14.50
CA GLY A 1382 21.95 -14.18 -15.09
C GLY A 1382 20.82 -15.18 -14.87
N LEU A 1383 19.61 -14.77 -15.25
CA LEU A 1383 18.43 -15.60 -15.04
C LEU A 1383 18.51 -16.89 -15.83
N GLN A 1384 19.00 -16.82 -17.06
CA GLN A 1384 19.00 -17.96 -17.95
C GLN A 1384 19.75 -19.15 -17.35
N HIS A 1385 20.74 -18.90 -16.49
CA HIS A 1385 21.46 -19.97 -15.82
C HIS A 1385 20.95 -20.22 -14.41
N ALA A 1386 20.44 -19.19 -13.73
CA ALA A 1386 20.00 -19.32 -12.35
C ALA A 1386 18.63 -19.96 -12.22
N PHE A 1387 17.85 -20.05 -13.30
CA PHE A 1387 16.56 -20.72 -13.21
C PHE A 1387 16.71 -22.18 -12.84
N LYS A 1388 17.66 -22.88 -13.45
CA LYS A 1388 17.80 -24.31 -13.25
C LYS A 1388 18.49 -24.68 -11.96
N MET A 1389 19.01 -23.70 -11.21
CA MET A 1389 19.64 -24.04 -9.93
C MET A 1389 18.60 -24.28 -8.84
N LEU A 1390 17.37 -23.77 -9.03
CA LEU A 1390 16.31 -24.13 -8.10
C LEU A 1390 16.03 -25.62 -8.11
N GLU A 1391 16.33 -26.28 -9.22
CA GLU A 1391 16.27 -27.74 -9.25
C GLU A 1391 17.26 -28.34 -8.28
N TYR A 1392 18.43 -27.70 -8.12
CA TYR A 1392 19.41 -28.18 -7.16
C TYR A 1392 18.88 -28.08 -5.74
N PHE A 1393 18.22 -26.98 -5.41
CA PHE A 1393 17.58 -26.83 -4.10
C PHE A 1393 16.22 -27.51 -4.05
N LYS A 1394 15.83 -28.23 -5.10
CA LYS A 1394 14.57 -28.94 -5.24
C LYS A 1394 13.38 -28.11 -4.77
N ILE A 1395 13.46 -26.79 -4.95
CA ILE A 1395 12.31 -25.94 -4.70
C ILE A 1395 11.23 -26.17 -5.74
N CYS A 1396 11.63 -26.24 -7.01
CA CYS A 1396 10.72 -26.48 -8.12
C CYS A 1396 10.97 -27.88 -8.66
N ARG A 1397 9.91 -28.69 -8.72
CA ARG A 1397 10.05 -30.06 -9.19
C ARG A 1397 10.48 -30.10 -10.64
N ALA A 1398 11.46 -30.93 -10.94
CA ALA A 1398 11.90 -31.12 -12.32
C ALA A 1398 10.90 -31.99 -13.08
N ASP A 1399 10.49 -31.51 -14.25
CA ASP A 1399 9.54 -32.25 -15.09
C ASP A 1399 10.35 -33.26 -15.91
N ILE A 1400 10.10 -34.55 -15.67
CA ILE A 1400 10.83 -35.59 -16.40
C ILE A 1400 10.48 -35.57 -17.88
N ASP A 1401 9.23 -35.25 -18.23
CA ASP A 1401 8.83 -35.27 -19.63
C ASP A 1401 9.58 -34.24 -20.46
N LYS A 1402 9.86 -33.08 -19.88
CA LYS A 1402 10.52 -32.02 -20.62
C LYS A 1402 11.43 -31.20 -19.71
N PRO A 1403 12.65 -30.89 -20.15
CA PRO A 1403 13.52 -30.02 -19.35
C PRO A 1403 13.03 -28.58 -19.39
N LEU A 1404 11.83 -28.35 -18.88
CA LEU A 1404 11.16 -27.07 -19.02
C LEU A 1404 11.57 -26.07 -17.96
N THR A 1405 12.29 -26.51 -16.91
CA THR A 1405 12.70 -25.60 -15.85
C THR A 1405 13.71 -24.57 -16.35
N GLN A 1406 14.29 -24.78 -17.53
CA GLN A 1406 15.14 -23.79 -18.18
C GLN A 1406 14.35 -22.87 -19.10
N LEU A 1407 13.41 -23.42 -19.86
CA LEU A 1407 12.61 -22.64 -20.79
C LEU A 1407 11.39 -22.00 -20.15
N LEU A 1408 11.25 -22.07 -18.83
CA LEU A 1408 10.08 -21.48 -18.19
C LEU A 1408 10.01 -19.97 -18.36
N ASN A 1409 11.10 -19.33 -18.77
CA ASN A 1409 11.10 -17.88 -18.94
C ASN A 1409 10.23 -17.43 -20.10
N LEU A 1410 9.81 -18.35 -20.98
CA LEU A 1410 9.06 -17.99 -22.18
C LEU A 1410 7.70 -18.67 -22.25
N GLU A 1411 7.12 -19.06 -21.12
CA GLU A 1411 5.85 -19.79 -21.14
C GLU A 1411 4.69 -18.85 -21.40
N LEU A 1412 3.62 -19.42 -21.96
CA LEU A 1412 2.44 -18.65 -22.33
C LEU A 1412 1.59 -18.37 -21.10
N GLY A 1413 0.46 -17.69 -21.32
CA GLY A 1413 -0.42 -17.26 -20.24
C GLY A 1413 -1.61 -18.13 -19.98
N GLY A 1414 -1.76 -19.26 -20.68
CA GLY A 1414 -2.87 -20.15 -20.44
C GLY A 1414 -3.52 -20.68 -21.69
N LYS A 1415 -4.83 -20.48 -21.83
CA LYS A 1415 -5.59 -20.93 -22.99
C LYS A 1415 -5.55 -19.84 -24.04
N LYS A 1416 -4.88 -20.12 -25.16
CA LYS A 1416 -4.72 -19.15 -26.23
C LYS A 1416 -5.18 -19.66 -27.59
N MET A 1417 -5.08 -20.96 -27.85
CA MET A 1417 -5.48 -21.48 -29.15
C MET A 1417 -6.99 -21.40 -29.36
N ARG A 1418 -7.77 -21.42 -28.29
CA ARG A 1418 -9.22 -21.36 -28.40
C ARG A 1418 -9.75 -19.93 -28.53
N ALA A 1419 -8.88 -18.92 -28.47
CA ALA A 1419 -9.30 -17.53 -28.58
C ALA A 1419 -8.88 -16.91 -29.90
N ASN A 1420 -8.58 -17.72 -30.92
CA ASN A 1420 -8.20 -17.19 -32.23
C ASN A 1420 -9.45 -16.84 -33.03
N VAL A 1421 -10.35 -16.06 -32.42
CA VAL A 1421 -11.55 -15.57 -33.08
C VAL A 1421 -11.21 -14.27 -33.78
N ASN A 1422 -12.09 -13.78 -34.66
CA ASN A 1422 -11.83 -12.57 -35.42
C ASN A 1422 -11.51 -11.41 -34.47
N THR A 1423 -10.56 -10.57 -34.89
CA THR A 1423 -10.10 -9.47 -34.07
C THR A 1423 -11.00 -8.24 -34.15
N THR A 1424 -12.02 -8.25 -35.02
CA THR A 1424 -12.87 -7.06 -35.14
C THR A 1424 -13.65 -6.81 -33.86
N GLU A 1425 -14.19 -7.86 -33.23
CA GLU A 1425 -14.90 -7.65 -31.97
C GLU A 1425 -13.94 -7.32 -30.83
N ILE A 1426 -12.73 -7.87 -30.87
CA ILE A 1426 -11.72 -7.49 -29.88
C ILE A 1426 -11.45 -6.00 -29.97
N ASP A 1427 -11.32 -5.48 -31.19
CA ASP A 1427 -11.19 -4.04 -31.37
C ASP A 1427 -12.45 -3.31 -30.93
N GLY A 1428 -13.62 -3.93 -31.12
CA GLY A 1428 -14.86 -3.31 -30.67
C GLY A 1428 -14.89 -3.09 -29.17
N PHE A 1429 -14.43 -4.08 -28.40
CA PHE A 1429 -14.30 -3.87 -26.96
C PHE A 1429 -13.25 -2.82 -26.65
N LEU A 1430 -12.16 -2.80 -27.40
CA LEU A 1430 -11.03 -1.93 -27.12
C LEU A 1430 -11.16 -0.62 -27.91
N ILE A 1431 -12.15 0.17 -27.50
CA ILE A 1431 -12.36 1.48 -28.13
C ILE A 1431 -11.22 2.41 -27.75
N ASN A 1432 -10.66 3.08 -28.75
CA ASN A 1432 -9.56 4.03 -28.54
C ASN A 1432 -8.37 3.37 -27.87
N HIS A 1433 -8.06 2.14 -28.27
CA HIS A 1433 -6.88 1.47 -27.73
C HIS A 1433 -5.59 2.12 -28.19
N TYR A 1434 -5.63 2.90 -29.27
CA TYR A 1434 -4.44 3.60 -29.73
C TYR A 1434 -3.90 4.54 -28.66
N TYR A 1435 -4.77 5.33 -28.04
CA TYR A 1435 -4.34 6.25 -26.99
C TYR A 1435 -3.84 5.51 -25.77
N LEU A 1436 -4.49 4.40 -25.41
CA LEU A 1436 -4.03 3.58 -24.29
C LEU A 1436 -2.62 3.08 -24.55
N GLU A 1437 -2.36 2.55 -25.74
CA GLU A 1437 -1.03 2.05 -26.06
C GLU A 1437 -0.01 3.17 -26.11
N LYS A 1438 -0.42 4.35 -26.58
CA LYS A 1438 0.50 5.49 -26.64
C LYS A 1438 0.90 5.93 -25.24
N ASN A 1439 -0.08 6.07 -24.34
CA ASN A 1439 0.24 6.44 -22.96
C ASN A 1439 1.07 5.37 -22.28
N LEU A 1440 0.73 4.10 -22.50
CA LEU A 1440 1.51 2.99 -21.95
C LEU A 1440 2.86 2.86 -22.65
N GLY A 1441 3.02 3.47 -23.82
CA GLY A 1441 4.28 3.39 -24.54
C GLY A 1441 4.62 2.04 -25.10
N TYR A 1442 3.64 1.32 -25.64
CA TYR A 1442 3.89 0.03 -26.26
C TYR A 1442 2.70 -0.34 -27.13
N THR A 1443 2.95 -0.63 -28.40
CA THR A 1443 1.90 -1.04 -29.33
C THR A 1443 1.83 -2.55 -29.37
N PHE A 1444 0.64 -3.09 -29.14
CA PHE A 1444 0.47 -4.53 -29.00
C PHE A 1444 0.37 -5.20 -30.36
N LYS A 1445 1.21 -6.20 -30.59
CA LYS A 1445 1.05 -7.03 -31.78
C LYS A 1445 -0.27 -7.78 -31.74
N ASP A 1446 -0.60 -8.34 -30.58
CA ASP A 1446 -1.87 -9.02 -30.34
C ASP A 1446 -2.67 -8.23 -29.32
N ARG A 1447 -3.87 -7.82 -29.68
CA ARG A 1447 -4.70 -7.03 -28.79
C ARG A 1447 -5.45 -7.89 -27.77
N ARG A 1448 -5.38 -9.21 -27.89
CA ARG A 1448 -6.09 -10.09 -26.97
C ARG A 1448 -5.59 -9.91 -25.53
N TYR A 1449 -4.27 -9.81 -25.36
CA TYR A 1449 -3.71 -9.67 -24.02
C TYR A 1449 -4.17 -8.37 -23.37
N LEU A 1450 -4.26 -7.30 -24.15
CA LEU A 1450 -4.76 -6.03 -23.61
C LEU A 1450 -6.19 -6.16 -23.12
N LEU A 1451 -7.04 -6.82 -23.90
CA LEU A 1451 -8.43 -7.02 -23.50
C LEU A 1451 -8.52 -7.86 -22.23
N GLN A 1452 -7.70 -8.91 -22.14
CA GLN A 1452 -7.71 -9.72 -20.92
C GLN A 1452 -7.23 -8.91 -19.72
N ALA A 1453 -6.24 -8.04 -19.92
CA ALA A 1453 -5.73 -7.24 -18.81
C ALA A 1453 -6.70 -6.16 -18.39
N LEU A 1454 -7.62 -5.77 -19.27
CA LEU A 1454 -8.59 -4.73 -18.93
C LEU A 1454 -9.93 -5.28 -18.46
N THR A 1455 -10.06 -6.60 -18.31
CA THR A 1455 -11.35 -7.22 -18.00
C THR A 1455 -11.49 -7.38 -16.50
N HIS A 1456 -12.36 -6.57 -15.90
CA HIS A 1456 -12.74 -6.77 -14.51
C HIS A 1456 -13.72 -7.93 -14.41
N PRO A 1457 -13.66 -8.73 -13.34
CA PRO A 1457 -14.56 -9.90 -13.25
C PRO A 1457 -16.04 -9.56 -13.27
N SER A 1458 -16.41 -8.34 -12.91
CA SER A 1458 -17.81 -7.91 -12.96
C SER A 1458 -18.16 -7.33 -14.33
N TYR A 1459 -17.93 -8.13 -15.38
CA TYR A 1459 -18.21 -7.70 -16.75
C TYR A 1459 -18.73 -8.88 -17.56
N PRO A 1460 -20.00 -8.88 -17.94
CA PRO A 1460 -20.59 -10.06 -18.57
C PRO A 1460 -20.38 -10.15 -20.08
N THR A 1461 -20.25 -9.01 -20.75
CA THR A 1461 -20.25 -9.02 -22.22
C THR A 1461 -19.04 -9.76 -22.77
N ASN A 1462 -17.86 -9.56 -22.17
CA ASN A 1462 -16.67 -10.27 -22.61
C ASN A 1462 -16.84 -11.77 -22.42
N ARG A 1463 -16.48 -12.53 -23.45
CA ARG A 1463 -16.63 -13.98 -23.40
C ARG A 1463 -15.44 -14.74 -23.97
N ILE A 1464 -14.41 -14.05 -24.46
CA ILE A 1464 -13.30 -14.71 -25.13
C ILE A 1464 -12.04 -14.78 -24.27
N THR A 1465 -11.88 -13.89 -23.29
CA THR A 1465 -10.69 -13.86 -22.45
C THR A 1465 -11.09 -13.97 -20.99
N GLY A 1466 -10.12 -14.35 -20.17
CA GLY A 1466 -10.32 -14.44 -18.74
C GLY A 1466 -10.26 -13.08 -18.07
N SER A 1467 -10.30 -13.11 -16.74
CA SER A 1467 -10.24 -11.89 -15.96
C SER A 1467 -8.81 -11.36 -15.93
N TYR A 1468 -8.63 -10.21 -15.29
CA TYR A 1468 -7.32 -9.58 -15.20
C TYR A 1468 -6.48 -10.13 -14.05
N GLN A 1469 -7.07 -10.92 -13.15
CA GLN A 1469 -6.31 -11.43 -12.01
C GLN A 1469 -5.23 -12.41 -12.44
N GLU A 1470 -5.53 -13.24 -13.44
CA GLU A 1470 -4.55 -14.21 -13.92
C GLU A 1470 -3.29 -13.52 -14.42
N LEU A 1471 -3.45 -12.42 -15.16
CA LEU A 1471 -2.29 -11.70 -15.66
C LEU A 1471 -1.63 -10.89 -14.54
N GLU A 1472 -2.44 -10.33 -13.63
CA GLU A 1472 -1.87 -9.57 -12.52
C GLU A 1472 -0.97 -10.44 -11.65
N PHE A 1473 -1.30 -11.73 -11.53
CA PHE A 1473 -0.47 -12.64 -10.75
C PHE A 1473 0.96 -12.68 -11.28
N ILE A 1474 1.11 -12.81 -12.60
CA ILE A 1474 2.43 -12.83 -13.20
C ILE A 1474 3.07 -11.44 -13.16
N GLY A 1475 2.27 -10.40 -13.42
CA GLY A 1475 2.80 -9.05 -13.45
C GLY A 1475 3.38 -8.61 -12.12
N ASN A 1476 2.81 -9.10 -11.01
CA ASN A 1476 3.36 -8.80 -9.70
C ASN A 1476 4.82 -9.21 -9.62
N ALA A 1477 5.10 -10.48 -9.93
CA ALA A 1477 6.47 -10.97 -9.86
C ALA A 1477 7.37 -10.27 -10.87
N ILE A 1478 6.85 -10.05 -12.09
CA ILE A 1478 7.66 -9.40 -13.12
C ILE A 1478 8.11 -8.03 -12.65
N LEU A 1479 7.17 -7.22 -12.18
CA LEU A 1479 7.51 -5.88 -11.70
C LEU A 1479 8.41 -5.93 -10.48
N ASP A 1480 8.14 -6.84 -9.55
CA ASP A 1480 8.94 -6.92 -8.34
C ASP A 1480 10.39 -7.20 -8.67
N PHE A 1481 10.65 -8.19 -9.53
CA PHE A 1481 12.03 -8.52 -9.85
C PHE A 1481 12.67 -7.42 -10.69
N LEU A 1482 11.94 -6.87 -11.67
CA LEU A 1482 12.54 -5.84 -12.50
C LEU A 1482 12.84 -4.56 -11.75
N ILE A 1483 12.18 -4.32 -10.62
CA ILE A 1483 12.52 -3.16 -9.81
C ILE A 1483 13.61 -3.51 -8.79
N SER A 1484 13.57 -4.72 -8.25
CA SER A 1484 14.56 -5.12 -7.24
C SER A 1484 15.95 -5.24 -7.86
N ALA A 1485 16.05 -5.88 -9.02
CA ALA A 1485 17.33 -5.99 -9.70
C ALA A 1485 17.88 -4.61 -10.04
N TYR A 1486 17.01 -3.71 -10.50
CA TYR A 1486 17.44 -2.37 -10.85
C TYR A 1486 18.01 -1.64 -9.63
N ILE A 1487 17.28 -1.67 -8.51
CA ILE A 1487 17.76 -0.94 -7.35
C ILE A 1487 19.01 -1.59 -6.76
N PHE A 1488 19.08 -2.92 -6.79
CA PHE A 1488 20.26 -3.60 -6.26
C PHE A 1488 21.50 -3.30 -7.09
N GLU A 1489 21.38 -3.33 -8.42
CA GLU A 1489 22.54 -3.12 -9.27
C GLU A 1489 22.92 -1.65 -9.35
N ASN A 1490 21.93 -0.76 -9.28
CA ASN A 1490 22.19 0.66 -9.55
C ASN A 1490 22.50 1.44 -8.28
N ASN A 1491 21.91 1.06 -7.15
CA ASN A 1491 22.11 1.77 -5.88
C ASN A 1491 23.03 0.94 -4.99
N THR A 1492 24.17 1.52 -4.62
CA THR A 1492 25.11 0.90 -3.71
C THR A 1492 25.36 1.69 -2.45
N LYS A 1493 25.28 3.03 -2.51
CA LYS A 1493 25.47 3.85 -1.32
C LYS A 1493 24.33 3.66 -0.33
N MET A 1494 23.19 3.17 -0.80
CA MET A 1494 22.04 2.96 0.08
C MET A 1494 22.31 1.84 1.07
N ASN A 1495 21.88 2.04 2.31
CA ASN A 1495 22.10 1.06 3.36
C ASN A 1495 21.32 -0.21 3.05
N PRO A 1496 21.97 -1.38 3.06
CA PRO A 1496 21.20 -2.64 3.01
C PRO A 1496 20.22 -2.70 4.17
N GLY A 1497 19.01 -3.14 3.86
CA GLY A 1497 17.92 -3.05 4.81
C GLY A 1497 16.99 -1.90 4.48
N ALA A 1498 17.57 -0.76 4.09
CA ALA A 1498 16.77 0.32 3.53
C ALA A 1498 16.35 0.04 2.10
N LEU A 1499 17.13 -0.79 1.38
CA LEU A 1499 16.70 -1.22 0.06
C LEU A 1499 15.40 -2.00 0.14
N THR A 1500 15.22 -2.80 1.20
CA THR A 1500 13.97 -3.52 1.35
C THR A 1500 12.79 -2.57 1.51
N ASP A 1501 12.97 -1.51 2.31
CA ASP A 1501 11.92 -0.51 2.45
C ASP A 1501 11.65 0.21 1.14
N LEU A 1502 12.71 0.52 0.39
CA LEU A 1502 12.53 1.13 -0.92
C LEU A 1502 11.74 0.23 -1.86
N ARG A 1503 12.08 -1.06 -1.88
CA ARG A 1503 11.37 -2.00 -2.73
C ARG A 1503 9.91 -2.12 -2.32
N SER A 1504 9.65 -2.15 -1.02
CA SER A 1504 8.26 -2.19 -0.54
C SER A 1504 7.51 -0.94 -0.97
N ALA A 1505 8.16 0.23 -0.90
CA ALA A 1505 7.50 1.46 -1.32
C ALA A 1505 7.19 1.46 -2.80
N LEU A 1506 8.11 0.97 -3.63
CA LEU A 1506 7.87 0.94 -5.07
C LEU A 1506 6.74 -0.02 -5.43
N VAL A 1507 6.68 -1.19 -4.78
CA VAL A 1507 5.70 -2.21 -5.12
C VAL A 1507 4.37 -1.99 -4.41
N ASN A 1508 4.27 -0.94 -3.59
CA ASN A 1508 3.06 -0.68 -2.82
C ASN A 1508 1.86 -0.50 -3.74
N ASN A 1509 0.73 -1.07 -3.33
CA ASN A 1509 -0.47 -1.04 -4.17
C ASN A 1509 -0.98 0.38 -4.35
N THR A 1510 -0.85 1.21 -3.32
CA THR A 1510 -1.23 2.62 -3.45
C THR A 1510 -0.38 3.31 -4.50
N THR A 1511 0.91 3.01 -4.54
CA THR A 1511 1.78 3.57 -5.58
C THR A 1511 1.36 3.09 -6.96
N LEU A 1512 0.98 1.81 -7.08
CA LEU A 1512 0.52 1.30 -8.36
C LEU A 1512 -0.75 2.01 -8.81
N ALA A 1513 -1.69 2.24 -7.89
CA ALA A 1513 -2.90 2.98 -8.22
C ALA A 1513 -2.57 4.41 -8.63
N CYS A 1514 -1.62 5.03 -7.93
CA CYS A 1514 -1.21 6.39 -8.28
C CYS A 1514 -0.65 6.44 -9.70
N ILE A 1515 0.20 5.47 -10.05
CA ILE A 1515 0.77 5.42 -11.38
C ILE A 1515 -0.32 5.21 -12.43
N CYS A 1516 -1.24 4.28 -12.16
CA CYS A 1516 -2.29 3.98 -13.12
C CYS A 1516 -3.18 5.19 -13.36
N VAL A 1517 -3.58 5.89 -12.29
CA VAL A 1517 -4.43 7.06 -12.45
C VAL A 1517 -3.66 8.20 -13.12
N ARG A 1518 -2.39 8.35 -12.78
CA ARG A 1518 -1.61 9.46 -13.34
C ARG A 1518 -1.55 9.38 -14.86
N HIS A 1519 -1.31 8.19 -15.38
CA HIS A 1519 -1.27 8.00 -16.83
C HIS A 1519 -2.67 7.85 -17.43
N ARG A 1520 -3.70 7.86 -16.59
CA ARG A 1520 -5.10 7.80 -17.03
C ARG A 1520 -5.36 6.55 -17.86
N LEU A 1521 -4.94 5.42 -17.32
CA LEU A 1521 -5.21 4.11 -17.89
C LEU A 1521 -6.47 3.48 -17.31
N HIS A 1522 -7.12 4.16 -16.37
CA HIS A 1522 -8.30 3.63 -15.71
C HIS A 1522 -9.57 3.76 -16.52
N PHE A 1523 -9.60 4.64 -17.52
CA PHE A 1523 -10.79 4.80 -18.34
C PHE A 1523 -11.12 3.54 -19.14
N PHE A 1524 -10.14 2.66 -19.32
CA PHE A 1524 -10.30 1.50 -20.19
C PHE A 1524 -10.64 0.23 -19.43
N ILE A 1525 -10.90 0.31 -18.13
CA ILE A 1525 -11.27 -0.87 -17.36
C ILE A 1525 -12.74 -1.19 -17.62
N LEU A 1526 -13.02 -2.44 -17.98
CA LEU A 1526 -14.38 -2.88 -18.29
C LEU A 1526 -14.98 -3.51 -17.04
N ALA A 1527 -15.83 -2.76 -16.34
CA ALA A 1527 -16.45 -3.24 -15.12
C ALA A 1527 -17.90 -2.76 -15.06
N GLU A 1528 -18.73 -3.52 -14.34
CA GLU A 1528 -20.12 -3.16 -14.05
C GLU A 1528 -20.32 -3.37 -12.56
N ASN A 1529 -20.06 -2.33 -11.78
CA ASN A 1529 -20.24 -2.37 -10.33
C ASN A 1529 -20.32 -0.95 -9.83
N ALA A 1530 -21.46 -0.58 -9.25
CA ALA A 1530 -21.69 0.82 -8.88
C ALA A 1530 -20.72 1.27 -7.81
N LYS A 1531 -20.73 0.60 -6.65
CA LYS A 1531 -19.94 1.05 -5.50
C LYS A 1531 -18.47 1.17 -5.87
N LEU A 1532 -17.96 0.22 -6.65
CA LEU A 1532 -16.62 0.35 -7.21
C LEU A 1532 -16.51 1.59 -8.09
N SER A 1533 -17.58 1.91 -8.82
CA SER A 1533 -17.51 3.07 -9.72
C SER A 1533 -17.33 4.36 -8.95
N GLU A 1534 -18.15 4.60 -7.91
CA GLU A 1534 -17.96 5.88 -7.22
C GLU A 1534 -16.69 5.88 -6.39
N ILE A 1535 -16.28 4.72 -5.86
CA ILE A 1535 -15.01 4.70 -5.13
C ILE A 1535 -13.85 5.05 -6.07
N ILE A 1536 -13.84 4.46 -7.27
CA ILE A 1536 -12.78 4.77 -8.22
C ILE A 1536 -12.83 6.23 -8.62
N SER A 1537 -14.03 6.76 -8.85
CA SER A 1537 -14.16 8.16 -9.24
C SER A 1537 -13.67 9.09 -8.14
N LYS A 1538 -14.02 8.78 -6.88
CA LYS A 1538 -13.57 9.60 -5.76
C LYS A 1538 -12.05 9.55 -5.61
N PHE A 1539 -11.47 8.36 -5.77
CA PHE A 1539 -10.02 8.25 -5.69
C PHE A 1539 -9.34 9.02 -6.82
N VAL A 1540 -9.93 8.99 -8.02
CA VAL A 1540 -9.38 9.75 -9.14
C VAL A 1540 -9.43 11.24 -8.86
N ASN A 1541 -10.56 11.72 -8.32
CA ASN A 1541 -10.68 13.12 -7.98
C ASN A 1541 -9.65 13.52 -6.92
N PHE A 1542 -9.49 12.68 -5.89
CA PHE A 1542 -8.50 12.95 -4.85
C PHE A 1542 -7.10 13.00 -5.43
N GLN A 1543 -6.79 12.08 -6.33
CA GLN A 1543 -5.45 12.04 -6.95
C GLN A 1543 -5.20 13.29 -7.79
N GLU A 1544 -6.18 13.65 -8.63
CA GLU A 1544 -6.01 14.80 -9.51
C GLU A 1544 -5.99 16.11 -8.75
N SER A 1545 -6.60 16.16 -7.56
CA SER A 1545 -6.56 17.38 -6.76
C SER A 1545 -5.13 17.74 -6.38
N GLN A 1546 -4.27 16.75 -6.23
CA GLN A 1546 -2.87 16.96 -5.87
C GLN A 1546 -1.95 17.04 -7.08
N GLY A 1547 -2.49 16.98 -8.29
CA GLY A 1547 -1.65 16.90 -9.47
C GLY A 1547 -0.86 15.62 -9.56
N HIS A 1548 -1.39 14.52 -9.04
CA HIS A 1548 -0.75 13.20 -9.05
C HIS A 1548 0.58 13.20 -8.30
N ARG A 1549 0.75 14.13 -7.38
CA ARG A 1549 1.95 14.17 -6.56
C ARG A 1549 2.05 12.90 -5.71
N VAL A 1550 3.26 12.42 -5.49
CA VAL A 1550 3.46 11.23 -4.67
C VAL A 1550 4.32 11.65 -3.49
N THR A 1551 4.15 12.91 -3.05
CA THR A 1551 4.93 13.45 -1.94
C THR A 1551 4.16 13.26 -0.62
N ASN A 1552 4.24 12.03 -0.10
CA ASN A 1552 3.75 11.67 1.23
C ASN A 1552 2.30 12.03 1.46
N TYR A 1553 2.05 12.98 2.37
CA TYR A 1553 0.73 13.56 2.64
C TYR A 1553 -0.23 12.50 3.19
N VAL A 1554 -1.40 12.33 2.58
CA VAL A 1554 -2.52 11.68 3.28
C VAL A 1554 -2.75 10.24 2.80
N ARG A 1555 -2.78 9.99 1.50
CA ARG A 1555 -3.08 8.63 1.00
C ARG A 1555 -2.11 7.57 1.50
N ILE A 1556 -0.87 7.94 1.86
CA ILE A 1556 -0.02 6.94 2.50
C ILE A 1556 -0.57 6.58 3.88
N LEU A 1557 -1.25 7.52 4.54
CA LEU A 1557 -1.96 7.17 5.77
C LEU A 1557 -3.25 6.41 5.48
N LEU A 1558 -3.91 6.72 4.35
CA LEU A 1558 -5.08 5.99 3.91
C LEU A 1558 -4.75 4.59 3.42
N GLU A 1559 -3.46 4.27 3.28
CA GLU A 1559 -3.04 2.90 2.99
C GLU A 1559 -3.76 1.87 3.86
N GLU A 1560 -4.12 2.26 5.09
CA GLU A 1560 -4.94 1.39 5.93
C GLU A 1560 -6.27 1.08 5.27
N ALA A 1561 -6.84 2.05 4.58
CA ALA A 1561 -8.17 1.92 3.97
C ALA A 1561 -8.17 1.09 2.69
N ASP A 1562 -7.12 0.35 2.41
CA ASP A 1562 -7.13 -0.59 1.29
C ASP A 1562 -7.89 -1.85 1.67
N VAL A 1563 -8.01 -2.76 0.72
CA VAL A 1563 -8.70 -4.02 0.96
C VAL A 1563 -7.87 -4.90 1.89
N THR A 1604 -14.63 3.71 9.24
CA THR A 1604 -13.85 4.18 8.09
C THR A 1604 -13.91 3.19 6.94
N ASN A 1605 -14.56 3.60 5.85
CA ASN A 1605 -14.68 2.74 4.68
C ASN A 1605 -13.44 2.83 3.81
N VAL A 1606 -13.38 1.95 2.81
CA VAL A 1606 -12.24 1.92 1.91
C VAL A 1606 -12.19 3.19 1.07
N ASP A 1607 -10.98 3.59 0.70
CA ASP A 1607 -10.78 4.76 -0.13
C ASP A 1607 -9.79 4.53 -1.28
N VAL A 1608 -9.28 3.31 -1.44
CA VAL A 1608 -8.44 2.98 -2.59
C VAL A 1608 -8.74 1.54 -3.00
N PRO A 1609 -9.12 1.29 -4.25
CA PRO A 1609 -9.47 -0.06 -4.67
C PRO A 1609 -8.27 -0.86 -5.17
N LYS A 1610 -8.35 -2.17 -4.94
CA LYS A 1610 -7.25 -3.05 -5.36
C LYS A 1610 -7.26 -3.27 -6.86
N ALA A 1611 -8.43 -3.25 -7.50
CA ALA A 1611 -8.49 -3.47 -8.94
C ALA A 1611 -7.76 -2.38 -9.70
N LEU A 1612 -7.87 -1.14 -9.24
CA LEU A 1612 -7.22 -0.02 -9.92
C LEU A 1612 -5.71 -0.18 -9.91
N GLY A 1613 -5.14 -0.60 -8.78
CA GLY A 1613 -3.72 -0.88 -8.73
C GLY A 1613 -3.33 -2.12 -9.54
N ASP A 1614 -4.16 -3.16 -9.49
CA ASP A 1614 -3.82 -4.44 -10.09
C ASP A 1614 -3.93 -4.43 -11.61
N VAL A 1615 -4.72 -3.52 -12.18
CA VAL A 1615 -4.81 -3.47 -13.64
C VAL A 1615 -3.47 -3.07 -14.23
N LEU A 1616 -2.68 -2.28 -13.50
CA LEU A 1616 -1.35 -1.93 -13.99
C LEU A 1616 -0.44 -3.17 -14.06
N GLU A 1617 -0.50 -4.01 -13.04
CA GLU A 1617 0.27 -5.26 -13.07
C GLU A 1617 -0.19 -6.16 -14.21
N ALA A 1618 -1.51 -6.23 -14.43
CA ALA A 1618 -2.01 -7.00 -15.55
C ALA A 1618 -1.50 -6.46 -16.87
N LEU A 1619 -1.47 -5.14 -17.01
CA LEU A 1619 -0.95 -4.53 -18.24
C LEU A 1619 0.53 -4.83 -18.42
N ILE A 1620 1.31 -4.80 -17.33
CA ILE A 1620 2.73 -5.13 -17.42
C ILE A 1620 2.92 -6.56 -17.89
N ALA A 1621 2.15 -7.49 -17.32
CA ALA A 1621 2.24 -8.88 -17.75
C ALA A 1621 1.83 -9.04 -19.22
N ALA A 1622 0.82 -8.28 -19.64
CA ALA A 1622 0.42 -8.31 -21.05
C ALA A 1622 1.55 -7.81 -21.95
N VAL A 1623 2.22 -6.73 -21.53
CA VAL A 1623 3.33 -6.21 -22.32
C VAL A 1623 4.43 -7.24 -22.45
N TYR A 1624 4.77 -7.91 -21.33
CA TYR A 1624 5.82 -8.93 -21.40
C TYR A 1624 5.40 -10.09 -22.28
N LEU A 1625 4.15 -10.56 -22.14
CA LEU A 1625 3.72 -11.75 -22.85
C LEU A 1625 3.64 -11.52 -24.36
N ASP A 1626 3.24 -10.31 -24.77
CA ASP A 1626 3.08 -10.04 -26.19
C ASP A 1626 4.41 -10.12 -26.93
N CYS A 1627 5.48 -9.57 -26.33
CA CYS A 1627 6.75 -9.47 -27.02
C CYS A 1627 7.78 -10.51 -26.59
N ARG A 1628 7.63 -11.09 -25.40
CA ARG A 1628 8.59 -12.05 -24.83
C ARG A 1628 9.98 -11.44 -24.69
N ASP A 1629 10.07 -10.11 -24.65
CA ASP A 1629 11.35 -9.41 -24.52
C ASP A 1629 11.39 -8.79 -23.13
N LEU A 1630 12.27 -9.32 -22.28
CA LEU A 1630 12.43 -8.76 -20.94
C LEU A 1630 12.98 -7.34 -21.00
N GLN A 1631 13.85 -7.07 -21.97
CA GLN A 1631 14.44 -5.74 -22.07
C GLN A 1631 13.41 -4.69 -22.46
N ARG A 1632 12.55 -5.00 -23.43
CA ARG A 1632 11.49 -4.06 -23.81
C ARG A 1632 10.50 -3.87 -22.67
N THR A 1633 10.18 -4.94 -21.95
CA THR A 1633 9.32 -4.82 -20.78
C THR A 1633 9.95 -3.90 -19.75
N TRP A 1634 11.27 -4.02 -19.55
CA TRP A 1634 11.95 -3.10 -18.65
C TRP A 1634 11.90 -1.67 -19.17
N GLU A 1635 12.01 -1.50 -20.49
CA GLU A 1635 11.88 -0.16 -21.05
C GLU A 1635 10.54 0.45 -20.68
N VAL A 1636 9.47 -0.31 -20.85
CA VAL A 1636 8.13 0.19 -20.53
C VAL A 1636 8.02 0.50 -19.03
N ILE A 1637 8.50 -0.43 -18.20
CA ILE A 1637 8.36 -0.27 -16.75
C ILE A 1637 9.16 0.94 -16.27
N PHE A 1638 10.38 1.10 -16.78
CA PHE A 1638 11.19 2.26 -16.39
C PHE A 1638 10.57 3.56 -16.87
N ASN A 1639 10.04 3.59 -18.09
CA ASN A 1639 9.37 4.80 -18.54
C ASN A 1639 8.15 5.11 -17.68
N LEU A 1640 7.53 4.08 -17.11
CA LEU A 1640 6.42 4.31 -16.20
C LEU A 1640 6.89 4.84 -14.85
N PHE A 1641 7.97 4.26 -14.31
CA PHE A 1641 8.36 4.47 -12.92
C PHE A 1641 9.48 5.49 -12.74
N GLU A 1642 9.96 6.13 -13.80
CA GLU A 1642 11.08 7.06 -13.69
C GLU A 1642 10.90 8.14 -12.64
N PRO A 1643 9.78 8.89 -12.58
CA PRO A 1643 9.70 9.95 -11.58
C PRO A 1643 9.73 9.44 -10.16
N GLU A 1644 9.01 8.37 -9.86
CA GLU A 1644 9.02 7.84 -8.50
C GLU A 1644 10.33 7.13 -8.18
N LEU A 1645 11.01 6.58 -9.19
CA LEU A 1645 12.34 6.02 -8.95
C LEU A 1645 13.33 7.13 -8.61
N GLN A 1646 13.19 8.30 -9.24
CA GLN A 1646 14.01 9.44 -8.86
C GLN A 1646 13.68 9.90 -7.44
N GLU A 1647 12.38 10.09 -7.15
CA GLU A 1647 11.99 10.69 -5.88
C GLU A 1647 12.29 9.78 -4.69
N PHE A 1648 11.88 8.51 -4.79
CA PHE A 1648 11.99 7.62 -3.63
C PHE A 1648 13.44 7.38 -3.26
N THR A 1649 14.33 7.20 -4.25
CA THR A 1649 15.74 7.03 -3.94
C THR A 1649 16.31 8.27 -3.25
N ARG A 1650 15.81 9.46 -3.59
CA ARG A 1650 16.26 10.67 -2.94
C ARG A 1650 15.91 10.68 -1.46
N LYS A 1651 14.69 10.26 -1.12
CA LYS A 1651 14.27 10.16 0.29
C LYS A 1651 13.16 9.13 0.36
N VAL A 1652 13.50 7.93 0.82
CA VAL A 1652 12.56 6.81 0.79
C VAL A 1652 11.55 6.91 1.93
N PRO A 1653 10.26 6.91 1.63
CA PRO A 1653 9.26 6.80 2.70
C PRO A 1653 9.34 5.46 3.39
N ILE A 1654 9.12 5.47 4.70
CA ILE A 1654 9.16 4.27 5.53
C ILE A 1654 7.89 4.24 6.37
N ASN A 1655 7.63 3.09 6.98
CA ASN A 1655 6.38 2.85 7.70
C ASN A 1655 6.60 2.68 9.20
N HIS A 1656 7.43 1.71 9.60
CA HIS A 1656 7.51 1.33 11.01
C HIS A 1656 8.19 2.42 11.84
N ILE A 1657 9.46 2.71 11.54
CA ILE A 1657 10.14 3.77 12.25
C ILE A 1657 9.50 5.12 11.98
N ARG A 1658 8.83 5.28 10.83
CA ARG A 1658 8.10 6.52 10.57
C ARG A 1658 7.00 6.73 11.60
N GLN A 1659 6.15 5.72 11.80
CA GLN A 1659 5.09 5.87 12.79
C GLN A 1659 5.65 5.88 14.20
N LEU A 1660 6.86 5.34 14.39
CA LEU A 1660 7.47 5.37 15.71
C LEU A 1660 7.99 6.76 16.07
N VAL A 1661 8.55 7.48 15.10
CA VAL A 1661 9.25 8.74 15.40
C VAL A 1661 8.44 9.98 15.02
N GLU A 1662 7.44 9.88 14.15
CA GLU A 1662 6.68 11.06 13.78
C GLU A 1662 5.68 11.47 14.87
N HIS A 1663 5.22 10.50 15.66
CA HIS A 1663 4.24 10.81 16.70
C HIS A 1663 4.89 11.47 17.91
N LYS A 1664 6.15 11.15 18.19
CA LYS A 1664 6.79 11.58 19.43
C LYS A 1664 7.05 13.07 19.49
N HIS A 1665 6.68 13.85 18.47
CA HIS A 1665 6.80 15.30 18.57
C HIS A 1665 5.93 15.83 19.70
N ALA A 1666 4.71 15.32 19.82
CA ALA A 1666 3.85 15.63 20.96
C ALA A 1666 3.12 14.41 21.50
N LYS A 1667 3.29 13.23 20.89
CA LYS A 1667 2.64 12.00 21.34
C LYS A 1667 3.70 10.91 21.38
N PRO A 1668 4.50 10.85 22.45
CA PRO A 1668 5.49 9.79 22.59
C PRO A 1668 4.95 8.50 23.19
N VAL A 1669 3.64 8.39 23.39
CA VAL A 1669 3.04 7.24 24.06
C VAL A 1669 2.86 6.11 23.05
N PHE A 1670 3.35 4.92 23.40
CA PHE A 1670 3.21 3.75 22.53
C PHE A 1670 2.83 2.52 23.35
N SER A 1671 2.85 1.35 22.72
CA SER A 1671 2.54 0.11 23.41
C SER A 1671 3.25 -1.04 22.71
N SER A 1672 3.41 -2.14 23.45
CA SER A 1672 4.02 -3.33 22.90
C SER A 1672 3.07 -4.03 21.93
N PRO A 1673 3.60 -4.79 20.98
CA PRO A 1673 2.75 -5.57 20.07
C PRO A 1673 2.24 -6.84 20.75
N ILE A 1674 0.92 -6.95 20.84
CA ILE A 1674 0.30 -8.11 21.48
C ILE A 1674 0.05 -9.18 20.41
N VAL A 1675 0.78 -10.28 20.50
CA VAL A 1675 0.65 -11.36 19.53
C VAL A 1675 -0.56 -12.21 19.91
N GLU A 1676 -1.48 -12.40 18.96
CA GLU A 1676 -2.71 -13.14 19.23
C GLU A 1676 -2.71 -14.55 18.68
N GLY A 1677 -2.08 -14.80 17.54
CA GLY A 1677 -2.09 -16.13 16.94
C GLY A 1677 -3.44 -16.60 16.49
N GLU A 1678 -4.19 -15.74 15.80
CA GLU A 1678 -5.55 -16.03 15.36
C GLU A 1678 -5.73 -15.40 13.98
N THR A 1679 -6.98 -15.13 13.61
CA THR A 1679 -7.22 -14.37 12.38
C THR A 1679 -6.53 -13.01 12.43
N VAL A 1680 -6.63 -12.34 13.57
CA VAL A 1680 -5.89 -11.11 13.83
C VAL A 1680 -4.60 -11.46 14.55
N MET A 1681 -3.47 -10.94 14.06
CA MET A 1681 -2.18 -11.26 14.65
C MET A 1681 -1.78 -10.35 15.79
N VAL A 1682 -1.90 -9.03 15.63
CA VAL A 1682 -1.29 -8.10 16.56
C VAL A 1682 -2.30 -7.04 16.99
N SER A 1683 -2.06 -6.46 18.16
CA SER A 1683 -2.83 -5.35 18.67
C SER A 1683 -1.88 -4.32 19.26
N CYS A 1684 -2.28 -3.05 19.21
CA CYS A 1684 -1.45 -1.97 19.73
C CYS A 1684 -2.32 -0.95 20.46
N GLN A 1685 -1.71 -0.27 21.42
CA GLN A 1685 -2.37 0.79 22.17
C GLN A 1685 -1.64 2.10 21.96
N PHE A 1686 -2.39 3.19 21.98
CA PHE A 1686 -1.86 4.52 21.74
C PHE A 1686 -2.83 5.53 22.35
N THR A 1687 -2.55 6.82 22.17
CA THR A 1687 -3.40 7.87 22.71
C THR A 1687 -3.78 8.86 21.62
N CYS A 1688 -5.00 9.38 21.71
CA CYS A 1688 -5.51 10.41 20.82
C CYS A 1688 -5.63 11.73 21.58
N MET A 1689 -5.99 12.77 20.85
CA MET A 1689 -6.03 14.13 21.37
C MET A 1689 -4.71 14.45 22.08
N GLU A 1690 -3.62 14.26 21.33
CA GLU A 1690 -2.26 14.42 21.81
C GLU A 1690 -1.93 13.39 22.88
N LYS A 1691 -2.45 13.58 24.10
CA LYS A 1691 -2.14 12.67 25.20
C LYS A 1691 -3.34 12.28 26.07
N THR A 1692 -4.40 13.07 26.11
CA THR A 1692 -5.44 12.90 27.13
C THR A 1692 -6.50 11.86 26.77
N ILE A 1693 -6.55 11.40 25.52
CA ILE A 1693 -7.55 10.43 25.10
C ILE A 1693 -6.83 9.17 24.65
N LYS A 1694 -7.22 8.04 25.21
CA LYS A 1694 -6.59 6.75 24.89
C LYS A 1694 -7.44 6.00 23.89
N VAL A 1695 -6.85 5.70 22.73
CA VAL A 1695 -7.51 4.96 21.66
C VAL A 1695 -6.58 3.86 21.20
N TYR A 1696 -7.12 2.65 21.05
CA TYR A 1696 -6.33 1.48 20.70
C TYR A 1696 -6.90 0.83 19.45
N GLY A 1697 -6.02 0.15 18.69
CA GLY A 1697 -6.40 -0.51 17.47
C GLY A 1697 -5.91 -1.95 17.43
N PHE A 1698 -6.31 -2.65 16.37
CA PHE A 1698 -5.96 -4.04 16.17
C PHE A 1698 -5.41 -4.22 14.76
N GLY A 1699 -4.82 -5.38 14.50
CA GLY A 1699 -4.24 -5.62 13.20
C GLY A 1699 -4.13 -7.08 12.79
N SER A 1700 -4.66 -7.40 11.61
CA SER A 1700 -4.54 -8.75 11.08
C SER A 1700 -3.15 -9.04 10.53
N ASN A 1701 -2.31 -8.02 10.40
CA ASN A 1701 -0.91 -8.17 10.04
C ASN A 1701 -0.09 -7.20 10.87
N LYS A 1702 1.24 -7.29 10.70
CA LYS A 1702 2.14 -6.48 11.52
C LYS A 1702 1.90 -4.99 11.34
N ASP A 1703 1.82 -4.53 10.09
CA ASP A 1703 1.69 -3.11 9.82
C ASP A 1703 0.25 -2.62 9.84
N GLN A 1704 -0.73 -3.52 9.91
CA GLN A 1704 -2.13 -3.11 9.88
C GLN A 1704 -2.48 -2.25 11.08
N ALA A 1705 -1.99 -2.64 12.26
CA ALA A 1705 -2.25 -1.85 13.47
C ALA A 1705 -1.58 -0.48 13.38
N LYS A 1706 -0.36 -0.43 12.85
CA LYS A 1706 0.31 0.86 12.70
C LYS A 1706 -0.45 1.76 11.73
N LEU A 1707 -0.98 1.20 10.65
CA LEU A 1707 -1.76 2.00 9.71
C LEU A 1707 -3.08 2.46 10.32
N SER A 1708 -3.69 1.61 11.17
CA SER A 1708 -4.89 2.05 11.88
C SER A 1708 -4.57 3.22 12.82
N ALA A 1709 -3.46 3.12 13.55
CA ALA A 1709 -3.04 4.23 14.40
C ALA A 1709 -2.77 5.48 13.56
N ALA A 1710 -2.20 5.29 12.37
CA ALA A 1710 -1.96 6.41 11.48
C ALA A 1710 -3.25 7.08 11.06
N LYS A 1711 -4.29 6.29 10.74
CA LYS A 1711 -5.54 6.92 10.33
C LYS A 1711 -6.25 7.58 11.50
N HIS A 1712 -6.13 7.03 12.71
CA HIS A 1712 -6.66 7.73 13.87
C HIS A 1712 -5.93 9.04 14.11
N ALA A 1713 -4.61 9.06 13.94
CA ALA A 1713 -3.87 10.31 14.06
C ALA A 1713 -4.29 11.30 12.98
N LEU A 1714 -4.54 10.81 11.77
CA LEU A 1714 -5.03 11.68 10.70
C LEU A 1714 -6.39 12.27 11.05
N GLN A 1715 -7.28 11.46 11.61
CA GLN A 1715 -8.59 11.97 12.03
C GLN A 1715 -8.45 13.02 13.12
N GLN A 1716 -7.52 12.78 14.06
CA GLN A 1716 -7.25 13.78 15.09
C GLN A 1716 -6.74 15.07 14.48
N LEU A 1717 -5.87 14.97 13.47
CA LEU A 1717 -5.40 16.17 12.77
C LEU A 1717 -6.56 16.87 12.06
N SER A 1718 -7.50 16.10 11.52
CA SER A 1718 -8.69 16.69 10.91
C SER A 1718 -9.51 17.45 11.95
N LYS A 1719 -9.62 16.90 13.16
CA LYS A 1719 -10.24 17.65 14.25
C LYS A 1719 -9.45 18.91 14.55
N CYS A 1720 -8.12 18.82 14.56
CA CYS A 1720 -7.29 20.01 14.70
C CYS A 1720 -7.47 20.94 13.51
N ASP A 1721 -7.58 20.39 12.31
CA ASP A 1721 -7.84 21.20 11.13
C ASP A 1721 -9.21 21.87 11.20
N ALA A 1722 -10.21 21.14 11.68
CA ALA A 1722 -11.55 21.69 11.80
C ALA A 1722 -11.66 22.64 12.98
N ILE B 344 -48.65 45.51 11.24
CA ILE B 344 -48.71 46.02 12.60
C ILE B 344 -47.77 45.25 13.51
N ASP B 345 -47.23 44.15 12.98
CA ASP B 345 -46.33 43.23 13.68
C ASP B 345 -46.99 42.59 14.90
N ARG B 346 -48.29 42.79 15.10
CA ARG B 346 -49.03 42.14 16.17
C ARG B 346 -49.93 41.03 15.68
N TYR B 347 -50.42 41.12 14.44
CA TYR B 347 -51.21 40.07 13.78
C TYR B 347 -52.44 39.80 14.64
N GLU B 348 -52.86 38.54 14.78
CA GLU B 348 -53.98 38.17 15.64
C GLU B 348 -53.50 37.13 16.64
N GLN B 349 -53.82 37.35 17.91
CA GLN B 349 -53.44 36.43 18.98
C GLN B 349 -54.42 35.26 19.03
N VAL B 350 -53.88 34.04 19.06
CA VAL B 350 -54.68 32.83 19.16
C VAL B 350 -54.11 32.00 20.31
N SER B 351 -54.96 31.15 20.87
CA SER B 351 -54.63 30.42 22.09
C SER B 351 -55.00 28.95 21.87
N LYS B 352 -55.03 28.18 22.97
CA LYS B 352 -55.25 26.75 22.92
C LYS B 352 -56.56 26.36 22.25
N ASP B 353 -57.45 27.32 22.02
CA ASP B 353 -58.71 27.04 21.32
C ASP B 353 -58.47 26.94 19.81
N PHE B 354 -57.68 25.93 19.43
CA PHE B 354 -57.31 25.71 18.04
C PHE B 354 -57.75 24.32 17.61
N GLU B 355 -57.91 24.15 16.29
CA GLU B 355 -58.37 22.90 15.71
C GLU B 355 -57.47 22.52 14.54
N PHE B 356 -57.15 21.23 14.45
CA PHE B 356 -56.48 20.65 13.29
C PHE B 356 -57.55 19.86 12.54
N ILE B 357 -58.29 20.56 11.68
CA ILE B 357 -59.47 19.98 11.05
C ILE B 357 -59.06 19.11 9.86
N LYS B 358 -59.85 18.06 9.63
CA LYS B 358 -59.57 17.11 8.57
C LYS B 358 -59.79 17.75 7.20
N ILE B 359 -58.95 17.38 6.25
CA ILE B 359 -59.08 17.84 4.87
C ILE B 359 -60.40 17.36 4.29
#